data_2OFH
# 
_entry.id   2OFH 
# 
_audit_conform.dict_name       mmcif_pdbx.dic 
_audit_conform.dict_version    5.383 
_audit_conform.dict_location   http://mmcif.pdb.org/dictionaries/ascii/mmcif_pdbx.dic 
# 
loop_
_database_2.database_id 
_database_2.database_code 
_database_2.pdbx_database_accession 
_database_2.pdbx_DOI 
PDB   2OFH         pdb_00002ofh 10.2210/pdb2ofh/pdb 
RCSB  RCSB041069   ?            ?                   
WWPDB D_1000041069 ?            ?                   
# 
loop_
_pdbx_audit_revision_history.ordinal 
_pdbx_audit_revision_history.data_content_type 
_pdbx_audit_revision_history.major_revision 
_pdbx_audit_revision_history.minor_revision 
_pdbx_audit_revision_history.revision_date 
1 'Structure model' 1 0 2007-12-18 
2 'Structure model' 1 1 2011-07-13 
3 'Structure model' 1 2 2023-12-27 
# 
_pdbx_audit_revision_details.ordinal             1 
_pdbx_audit_revision_details.revision_ordinal    1 
_pdbx_audit_revision_details.data_content_type   'Structure model' 
_pdbx_audit_revision_details.provider            repository 
_pdbx_audit_revision_details.type                'Initial release' 
_pdbx_audit_revision_details.description         ? 
_pdbx_audit_revision_details.details             ? 
# 
loop_
_pdbx_audit_revision_group.ordinal 
_pdbx_audit_revision_group.revision_ordinal 
_pdbx_audit_revision_group.data_content_type 
_pdbx_audit_revision_group.group 
1 2 'Structure model' 'Source and taxonomy'       
2 2 'Structure model' 'Version format compliance' 
3 3 'Structure model' 'Data collection'           
4 3 'Structure model' 'Database references'       
# 
loop_
_pdbx_audit_revision_category.ordinal 
_pdbx_audit_revision_category.revision_ordinal 
_pdbx_audit_revision_category.data_content_type 
_pdbx_audit_revision_category.category 
1 3 'Structure model' chem_comp_atom        
2 3 'Structure model' chem_comp_bond        
3 3 'Structure model' database_2            
4 3 'Structure model' pdbx_nmr_software     
5 3 'Structure model' pdbx_nmr_spectrometer 
# 
loop_
_pdbx_audit_revision_item.ordinal 
_pdbx_audit_revision_item.revision_ordinal 
_pdbx_audit_revision_item.data_content_type 
_pdbx_audit_revision_item.item 
1 3 'Structure model' '_database_2.pdbx_DOI'                
2 3 'Structure model' '_database_2.pdbx_database_accession' 
3 3 'Structure model' '_pdbx_nmr_software.name'             
4 3 'Structure model' '_pdbx_nmr_spectrometer.model'        
# 
_pdbx_database_status.entry_id                        2OFH 
_pdbx_database_status.status_code                     REL 
_pdbx_database_status.status_code_mr                  ? 
_pdbx_database_status.recvd_initial_deposition_date   2007-01-03 
_pdbx_database_status.deposit_site                    RCSB 
_pdbx_database_status.process_site                    RCSB 
_pdbx_database_status.SG_entry                        N 
_pdbx_database_status.status_code_sf                  ? 
_pdbx_database_status.pdb_format_compatible           Y 
_pdbx_database_status.status_code_cs                  ? 
_pdbx_database_status.status_code_nmr_data            ? 
_pdbx_database_status.methods_development_category    ? 
# 
_pdbx_database_related.db_name        PDB 
_pdbx_database_related.db_id          2OFG 
_pdbx_database_related.details        . 
_pdbx_database_related.content_type   unspecified 
# 
loop_
_audit_author.name 
_audit_author.pdbx_ordinal 
'Banci, L.'         1 
'Bertini, I.'       2 
'Ciofi-Baffoni, S.' 3 
'Poggi, L.'         4 
'Robinson, N.J.'    5 
'Vanarotti, M.'     6 
# 
_citation.id                        primary 
_citation.title                     
;NMR structural analysis of the soluble domain of ZiaA-ATPase and the basis of selective interactions with copper metallochaperone Atx1.
;
_citation.journal_abbrev            J.Biol.Inorg.Chem. 
_citation.journal_volume            15 
_citation.page_first                87 
_citation.page_last                 98 
_citation.year                      2010 
_citation.journal_id_ASTM           JJBCFA 
_citation.country                   GW 
_citation.journal_id_ISSN           0949-8257 
_citation.journal_id_CSD            2154 
_citation.book_publisher            ? 
_citation.pdbx_database_id_PubMed   19609573 
_citation.pdbx_database_id_DOI      10.1007/s00775-009-0568-7 
# 
loop_
_citation_author.citation_id 
_citation_author.name 
_citation_author.ordinal 
_citation_author.identifier_ORCID 
primary 'Banci, L.'         1 ? 
primary 'Bertini, I.'       2 ? 
primary 'Ciofi-Baffoni, S.' 3 ? 
primary 'Poggi, L.'         4 ? 
primary 'Vanarotti, M.'     5 ? 
primary 'Tottey, S.'        6 ? 
primary 'Waldron, K.J.'     7 ? 
primary 'Robinson, N.J.'    8 ? 
# 
_entity.id                         1 
_entity.type                       polymer 
_entity.src_method                 man 
_entity.pdbx_description           'Zinc-transporting ATPase' 
_entity.formula_weight             12070.612 
_entity.pdbx_number_of_molecules   1 
_entity.pdbx_ec                    3.6.3.5 
_entity.pdbx_mutation              ? 
_entity.pdbx_fragment              'RESIDUES 1-76' 
_entity.details                    ? 
# 
_entity_name_com.entity_id   1 
_entity_name_com.name        'Zn(2+)-translocating P-type ATPase' 
# 
_entity_name_sys.entity_id   1 
_entity_name_sys.name        E.C.3.6.3.5 
# 
_entity_poly.entity_id                      1 
_entity_poly.type                           'polypeptide(L)' 
_entity_poly.nstd_linkage                   no 
_entity_poly.nstd_monomer                   no 
_entity_poly.pdbx_seq_one_letter_code       
;MTQSSPLKTQQMQVGGMDCTSCKLKIEGSLERLKGVAEASVTVATGRLTVTYDPKQVSEITIQERIAALGYTLAEPKSSV
TLNGHKHPHSHREEGHSHSHGAGEFNLKQEL
;
_entity_poly.pdbx_seq_one_letter_code_can   
;MTQSSPLKTQQMQVGGMDCTSCKLKIEGSLERLKGVAEASVTVATGRLTVTYDPKQVSEITIQERIAALGYTLAEPKSSV
TLNGHKHPHSHREEGHSHSHGAGEFNLKQEL
;
_entity_poly.pdbx_strand_id                 X 
_entity_poly.pdbx_target_identifier         ? 
# 
loop_
_entity_poly_seq.entity_id 
_entity_poly_seq.num 
_entity_poly_seq.mon_id 
_entity_poly_seq.hetero 
1 1   MET n 
1 2   THR n 
1 3   GLN n 
1 4   SER n 
1 5   SER n 
1 6   PRO n 
1 7   LEU n 
1 8   LYS n 
1 9   THR n 
1 10  GLN n 
1 11  GLN n 
1 12  MET n 
1 13  GLN n 
1 14  VAL n 
1 15  GLY n 
1 16  GLY n 
1 17  MET n 
1 18  ASP n 
1 19  CYS n 
1 20  THR n 
1 21  SER n 
1 22  CYS n 
1 23  LYS n 
1 24  LEU n 
1 25  LYS n 
1 26  ILE n 
1 27  GLU n 
1 28  GLY n 
1 29  SER n 
1 30  LEU n 
1 31  GLU n 
1 32  ARG n 
1 33  LEU n 
1 34  LYS n 
1 35  GLY n 
1 36  VAL n 
1 37  ALA n 
1 38  GLU n 
1 39  ALA n 
1 40  SER n 
1 41  VAL n 
1 42  THR n 
1 43  VAL n 
1 44  ALA n 
1 45  THR n 
1 46  GLY n 
1 47  ARG n 
1 48  LEU n 
1 49  THR n 
1 50  VAL n 
1 51  THR n 
1 52  TYR n 
1 53  ASP n 
1 54  PRO n 
1 55  LYS n 
1 56  GLN n 
1 57  VAL n 
1 58  SER n 
1 59  GLU n 
1 60  ILE n 
1 61  THR n 
1 62  ILE n 
1 63  GLN n 
1 64  GLU n 
1 65  ARG n 
1 66  ILE n 
1 67  ALA n 
1 68  ALA n 
1 69  LEU n 
1 70  GLY n 
1 71  TYR n 
1 72  THR n 
1 73  LEU n 
1 74  ALA n 
1 75  GLU n 
1 76  PRO n 
1 77  LYS n 
1 78  SER n 
1 79  SER n 
1 80  VAL n 
1 81  THR n 
1 82  LEU n 
1 83  ASN n 
1 84  GLY n 
1 85  HIS n 
1 86  LYS n 
1 87  HIS n 
1 88  PRO n 
1 89  HIS n 
1 90  SER n 
1 91  HIS n 
1 92  ARG n 
1 93  GLU n 
1 94  GLU n 
1 95  GLY n 
1 96  HIS n 
1 97  SER n 
1 98  HIS n 
1 99  SER n 
1 100 HIS n 
1 101 GLY n 
1 102 ALA n 
1 103 GLY n 
1 104 GLU n 
1 105 PHE n 
1 106 ASN n 
1 107 LEU n 
1 108 LYS n 
1 109 GLN n 
1 110 GLU n 
1 111 LEU n 
# 
_entity_src_gen.entity_id                          1 
_entity_src_gen.pdbx_src_id                        1 
_entity_src_gen.pdbx_alt_source_flag               sample 
_entity_src_gen.pdbx_seq_type                      ? 
_entity_src_gen.pdbx_beg_seq_num                   ? 
_entity_src_gen.pdbx_end_seq_num                   ? 
_entity_src_gen.gene_src_common_name               ? 
_entity_src_gen.gene_src_genus                     Synechocystis 
_entity_src_gen.pdbx_gene_src_gene                 ZIAA 
_entity_src_gen.gene_src_species                   ? 
_entity_src_gen.gene_src_strain                    'PCC 6803' 
_entity_src_gen.gene_src_tissue                    ? 
_entity_src_gen.gene_src_tissue_fraction           ? 
_entity_src_gen.gene_src_details                   ? 
_entity_src_gen.pdbx_gene_src_fragment             ? 
_entity_src_gen.pdbx_gene_src_scientific_name      'Synechocystis sp.' 
_entity_src_gen.pdbx_gene_src_ncbi_taxonomy_id     1148 
_entity_src_gen.pdbx_gene_src_variant              ? 
_entity_src_gen.pdbx_gene_src_cell_line            ? 
_entity_src_gen.pdbx_gene_src_atcc                 ? 
_entity_src_gen.pdbx_gene_src_organ                ? 
_entity_src_gen.pdbx_gene_src_organelle            ? 
_entity_src_gen.pdbx_gene_src_cell                 ? 
_entity_src_gen.pdbx_gene_src_cellular_location    ? 
_entity_src_gen.host_org_common_name               ? 
_entity_src_gen.pdbx_host_org_scientific_name      'Escherichia coli BL21' 
_entity_src_gen.pdbx_host_org_ncbi_taxonomy_id     511693 
_entity_src_gen.host_org_genus                     Escherichia 
_entity_src_gen.pdbx_host_org_gene                 ? 
_entity_src_gen.pdbx_host_org_organ                ? 
_entity_src_gen.host_org_species                   'Escherichia coli' 
_entity_src_gen.pdbx_host_org_tissue               ? 
_entity_src_gen.pdbx_host_org_tissue_fraction      ? 
_entity_src_gen.pdbx_host_org_strain               BL21 
_entity_src_gen.pdbx_host_org_variant              ? 
_entity_src_gen.pdbx_host_org_cell_line            ? 
_entity_src_gen.pdbx_host_org_atcc                 ? 
_entity_src_gen.pdbx_host_org_culture_collection   ? 
_entity_src_gen.pdbx_host_org_cell                 ? 
_entity_src_gen.pdbx_host_org_organelle            ? 
_entity_src_gen.pdbx_host_org_cellular_location    ? 
_entity_src_gen.pdbx_host_org_vector_type          PLASMID 
_entity_src_gen.pdbx_host_org_vector               ? 
_entity_src_gen.host_org_details                   ? 
_entity_src_gen.expression_system_id               ? 
_entity_src_gen.plasmid_name                       pET29a 
_entity_src_gen.plasmid_details                    ? 
_entity_src_gen.pdbx_description                   ? 
# 
loop_
_chem_comp.id 
_chem_comp.type 
_chem_comp.mon_nstd_flag 
_chem_comp.name 
_chem_comp.pdbx_synonyms 
_chem_comp.formula 
_chem_comp.formula_weight 
ALA 'L-peptide linking' y ALANINE         ? 'C3 H7 N O2'     89.093  
ARG 'L-peptide linking' y ARGININE        ? 'C6 H15 N4 O2 1' 175.209 
ASN 'L-peptide linking' y ASPARAGINE      ? 'C4 H8 N2 O3'    132.118 
ASP 'L-peptide linking' y 'ASPARTIC ACID' ? 'C4 H7 N O4'     133.103 
CYS 'L-peptide linking' y CYSTEINE        ? 'C3 H7 N O2 S'   121.158 
GLN 'L-peptide linking' y GLUTAMINE       ? 'C5 H10 N2 O3'   146.144 
GLU 'L-peptide linking' y 'GLUTAMIC ACID' ? 'C5 H9 N O4'     147.129 
GLY 'peptide linking'   y GLYCINE         ? 'C2 H5 N O2'     75.067  
HIS 'L-peptide linking' y HISTIDINE       ? 'C6 H10 N3 O2 1' 156.162 
ILE 'L-peptide linking' y ISOLEUCINE      ? 'C6 H13 N O2'    131.173 
LEU 'L-peptide linking' y LEUCINE         ? 'C6 H13 N O2'    131.173 
LYS 'L-peptide linking' y LYSINE          ? 'C6 H15 N2 O2 1' 147.195 
MET 'L-peptide linking' y METHIONINE      ? 'C5 H11 N O2 S'  149.211 
PHE 'L-peptide linking' y PHENYLALANINE   ? 'C9 H11 N O2'    165.189 
PRO 'L-peptide linking' y PROLINE         ? 'C5 H9 N O2'     115.130 
SER 'L-peptide linking' y SERINE          ? 'C3 H7 N O3'     105.093 
THR 'L-peptide linking' y THREONINE       ? 'C4 H9 N O3'     119.119 
TYR 'L-peptide linking' y TYROSINE        ? 'C9 H11 N O3'    181.189 
VAL 'L-peptide linking' y VALINE          ? 'C5 H11 N O2'    117.146 
# 
loop_
_pdbx_poly_seq_scheme.asym_id 
_pdbx_poly_seq_scheme.entity_id 
_pdbx_poly_seq_scheme.seq_id 
_pdbx_poly_seq_scheme.mon_id 
_pdbx_poly_seq_scheme.ndb_seq_num 
_pdbx_poly_seq_scheme.pdb_seq_num 
_pdbx_poly_seq_scheme.auth_seq_num 
_pdbx_poly_seq_scheme.pdb_mon_id 
_pdbx_poly_seq_scheme.auth_mon_id 
_pdbx_poly_seq_scheme.pdb_strand_id 
_pdbx_poly_seq_scheme.pdb_ins_code 
_pdbx_poly_seq_scheme.hetero 
A 1 1   MET 1   1   ?  ?   ?   X . n 
A 1 2   THR 2   2   ?  ?   ?   X . n 
A 1 3   GLN 3   3   ?  ?   ?   X . n 
A 1 4   SER 4   4   ?  ?   ?   X . n 
A 1 5   SER 5   5   ?  ?   ?   X . n 
A 1 6   PRO 6   6   6  PRO PRO X . n 
A 1 7   LEU 7   7   7  LEU LEU X . n 
A 1 8   LYS 8   8   8  LYS LYS X . n 
A 1 9   THR 9   9   9  THR THR X . n 
A 1 10  GLN 10  10  10 GLN GLN X . n 
A 1 11  GLN 11  11  11 GLN GLN X . n 
A 1 12  MET 12  12  12 MET MET X . n 
A 1 13  GLN 13  13  13 GLN GLN X . n 
A 1 14  VAL 14  14  14 VAL VAL X . n 
A 1 15  GLY 15  15  15 GLY GLY X . n 
A 1 16  GLY 16  16  16 GLY GLY X . n 
A 1 17  MET 17  17  17 MET MET X . n 
A 1 18  ASP 18  18  18 ASP ASP X . n 
A 1 19  CYS 19  19  19 CYS CYS X . n 
A 1 20  THR 20  20  20 THR THR X . n 
A 1 21  SER 21  21  21 SER SER X . n 
A 1 22  CYS 22  22  22 CYS CYS X . n 
A 1 23  LYS 23  23  23 LYS LYS X . n 
A 1 24  LEU 24  24  24 LEU LEU X . n 
A 1 25  LYS 25  25  25 LYS LYS X . n 
A 1 26  ILE 26  26  26 ILE ILE X . n 
A 1 27  GLU 27  27  27 GLU GLU X . n 
A 1 28  GLY 28  28  28 GLY GLY X . n 
A 1 29  SER 29  29  29 SER SER X . n 
A 1 30  LEU 30  30  30 LEU LEU X . n 
A 1 31  GLU 31  31  31 GLU GLU X . n 
A 1 32  ARG 32  32  32 ARG ARG X . n 
A 1 33  LEU 33  33  33 LEU LEU X . n 
A 1 34  LYS 34  34  34 LYS LYS X . n 
A 1 35  GLY 35  35  35 GLY GLY X . n 
A 1 36  VAL 36  36  36 VAL VAL X . n 
A 1 37  ALA 37  37  37 ALA ALA X . n 
A 1 38  GLU 38  38  38 GLU GLU X . n 
A 1 39  ALA 39  39  39 ALA ALA X . n 
A 1 40  SER 40  40  40 SER SER X . n 
A 1 41  VAL 41  41  41 VAL VAL X . n 
A 1 42  THR 42  42  42 THR THR X . n 
A 1 43  VAL 43  43  43 VAL VAL X . n 
A 1 44  ALA 44  44  44 ALA ALA X . n 
A 1 45  THR 45  45  45 THR THR X . n 
A 1 46  GLY 46  46  46 GLY GLY X . n 
A 1 47  ARG 47  47  47 ARG ARG X . n 
A 1 48  LEU 48  48  48 LEU LEU X . n 
A 1 49  THR 49  49  49 THR THR X . n 
A 1 50  VAL 50  50  50 VAL VAL X . n 
A 1 51  THR 51  51  51 THR THR X . n 
A 1 52  TYR 52  52  52 TYR TYR X . n 
A 1 53  ASP 53  53  53 ASP ASP X . n 
A 1 54  PRO 54  54  54 PRO PRO X . n 
A 1 55  LYS 55  55  55 LYS LYS X . n 
A 1 56  GLN 56  56  56 GLN GLN X . n 
A 1 57  VAL 57  57  57 VAL VAL X . n 
A 1 58  SER 58  58  58 SER SER X . n 
A 1 59  GLU 59  59  59 GLU GLU X . n 
A 1 60  ILE 60  60  60 ILE ILE X . n 
A 1 61  THR 61  61  61 THR THR X . n 
A 1 62  ILE 62  62  62 ILE ILE X . n 
A 1 63  GLN 63  63  63 GLN GLN X . n 
A 1 64  GLU 64  64  64 GLU GLU X . n 
A 1 65  ARG 65  65  65 ARG ARG X . n 
A 1 66  ILE 66  66  66 ILE ILE X . n 
A 1 67  ALA 67  67  67 ALA ALA X . n 
A 1 68  ALA 68  68  68 ALA ALA X . n 
A 1 69  LEU 69  69  69 LEU LEU X . n 
A 1 70  GLY 70  70  70 GLY GLY X . n 
A 1 71  TYR 71  71  71 TYR TYR X . n 
A 1 72  THR 72  72  72 THR THR X . n 
A 1 73  LEU 73  73  73 LEU LEU X . n 
A 1 74  ALA 74  74  74 ALA ALA X . n 
A 1 75  GLU 75  75  75 GLU GLU X . n 
A 1 76  PRO 76  76  76 PRO PRO X . n 
A 1 77  LYS 77  77  ?  ?   ?   X . n 
A 1 78  SER 78  78  ?  ?   ?   X . n 
A 1 79  SER 79  79  ?  ?   ?   X . n 
A 1 80  VAL 80  80  ?  ?   ?   X . n 
A 1 81  THR 81  81  ?  ?   ?   X . n 
A 1 82  LEU 82  82  ?  ?   ?   X . n 
A 1 83  ASN 83  83  ?  ?   ?   X . n 
A 1 84  GLY 84  84  ?  ?   ?   X . n 
A 1 85  HIS 85  85  ?  ?   ?   X . n 
A 1 86  LYS 86  86  ?  ?   ?   X . n 
A 1 87  HIS 87  87  ?  ?   ?   X . n 
A 1 88  PRO 88  88  ?  ?   ?   X . n 
A 1 89  HIS 89  89  ?  ?   ?   X . n 
A 1 90  SER 90  90  ?  ?   ?   X . n 
A 1 91  HIS 91  91  ?  ?   ?   X . n 
A 1 92  ARG 92  92  ?  ?   ?   X . n 
A 1 93  GLU 93  93  ?  ?   ?   X . n 
A 1 94  GLU 94  94  ?  ?   ?   X . n 
A 1 95  GLY 95  95  ?  ?   ?   X . n 
A 1 96  HIS 96  96  ?  ?   ?   X . n 
A 1 97  SER 97  97  ?  ?   ?   X . n 
A 1 98  HIS 98  98  ?  ?   ?   X . n 
A 1 99  SER 99  99  ?  ?   ?   X . n 
A 1 100 HIS 100 100 ?  ?   ?   X . n 
A 1 101 GLY 101 101 ?  ?   ?   X . n 
A 1 102 ALA 102 102 ?  ?   ?   X . n 
A 1 103 GLY 103 103 ?  ?   ?   X . n 
A 1 104 GLU 104 104 ?  ?   ?   X . n 
A 1 105 PHE 105 105 ?  ?   ?   X . n 
A 1 106 ASN 106 106 ?  ?   ?   X . n 
A 1 107 LEU 107 107 ?  ?   ?   X . n 
A 1 108 LYS 108 108 ?  ?   ?   X . n 
A 1 109 GLN 109 109 ?  ?   ?   X . n 
A 1 110 GLU 110 110 ?  ?   ?   X . n 
A 1 111 LEU 111 111 ?  ?   ?   X . n 
# 
_exptl.entry_id          2OFH 
_exptl.method            'SOLUTION NMR' 
_exptl.crystals_number   ? 
# 
_struct.entry_id                  2OFH 
_struct.title                     'Solution structure of the n-terminal domain of the zinc(II) ATPase ziaa in its apo form' 
_struct.pdbx_model_details        ? 
_struct.pdbx_CASP_flag            N 
_struct.pdbx_model_type_details   'minimized average' 
# 
_struct_keywords.entry_id        2OFH 
_struct_keywords.pdbx_keywords   'HYDROLASE, MEMBRANE PROTEIN' 
_struct_keywords.text            
'FERREDOXIN-LIKE FOLD; BETA-ALPHA-BETA-BETA-ALPHA-BETA; STRUCTURAL GENOMICS; SPINE, HYDROLASE, MEMBRANE PROTEIN' 
# 
_struct_asym.id                            A 
_struct_asym.pdbx_blank_PDB_chainid_flag   N 
_struct_asym.pdbx_modified                 N 
_struct_asym.entity_id                     1 
_struct_asym.details                       ? 
# 
_struct_ref.id                         1 
_struct_ref.entity_id                  1 
_struct_ref.db_name                    UNP 
_struct_ref.db_code                    ATZN_SYNY3 
_struct_ref.pdbx_db_accession          Q59998 
_struct_ref.pdbx_align_begin           1 
_struct_ref.pdbx_seq_one_letter_code   
;MTQSSPLKTQQMQVGGMDCTSCKLKIEGSLERLKGVAEASVTVATGRLTVTYDPKQVSEITIQERIAALGYTLAEPKSSV
TLNGHKHPHSHREEGHSHSHGAGEFNLKQEL
;
_struct_ref.pdbx_db_isoform            ? 
# 
_struct_ref_seq.align_id                      1 
_struct_ref_seq.ref_id                        1 
_struct_ref_seq.pdbx_PDB_id_code              2OFH 
_struct_ref_seq.pdbx_strand_id                X 
_struct_ref_seq.seq_align_beg                 1 
_struct_ref_seq.pdbx_seq_align_beg_ins_code   ? 
_struct_ref_seq.seq_align_end                 111 
_struct_ref_seq.pdbx_seq_align_end_ins_code   ? 
_struct_ref_seq.pdbx_db_accession             Q59998 
_struct_ref_seq.db_align_beg                  1 
_struct_ref_seq.pdbx_db_align_beg_ins_code    ? 
_struct_ref_seq.db_align_end                  111 
_struct_ref_seq.pdbx_db_align_end_ins_code    ? 
_struct_ref_seq.pdbx_auth_seq_align_beg       1 
_struct_ref_seq.pdbx_auth_seq_align_end       111 
# 
_pdbx_struct_assembly.id                   1 
_pdbx_struct_assembly.details              author_defined_assembly 
_pdbx_struct_assembly.method_details       ? 
_pdbx_struct_assembly.oligomeric_details   monomeric 
_pdbx_struct_assembly.oligomeric_count     1 
# 
_pdbx_struct_assembly_gen.assembly_id       1 
_pdbx_struct_assembly_gen.oper_expression   1 
_pdbx_struct_assembly_gen.asym_id_list      A 
# 
_pdbx_struct_oper_list.id                   1 
_pdbx_struct_oper_list.type                 'identity operation' 
_pdbx_struct_oper_list.name                 1_555 
_pdbx_struct_oper_list.symmetry_operation   x,y,z 
_pdbx_struct_oper_list.matrix[1][1]         1.0000000000 
_pdbx_struct_oper_list.matrix[1][2]         0.0000000000 
_pdbx_struct_oper_list.matrix[1][3]         0.0000000000 
_pdbx_struct_oper_list.vector[1]            0.0000000000 
_pdbx_struct_oper_list.matrix[2][1]         0.0000000000 
_pdbx_struct_oper_list.matrix[2][2]         1.0000000000 
_pdbx_struct_oper_list.matrix[2][3]         0.0000000000 
_pdbx_struct_oper_list.vector[2]            0.0000000000 
_pdbx_struct_oper_list.matrix[3][1]         0.0000000000 
_pdbx_struct_oper_list.matrix[3][2]         0.0000000000 
_pdbx_struct_oper_list.matrix[3][3]         1.0000000000 
_pdbx_struct_oper_list.vector[3]            0.0000000000 
# 
_struct_biol.id        1 
_struct_biol.details   ? 
# 
loop_
_struct_conf.conf_type_id 
_struct_conf.id 
_struct_conf.pdbx_PDB_helix_id 
_struct_conf.beg_label_comp_id 
_struct_conf.beg_label_asym_id 
_struct_conf.beg_label_seq_id 
_struct_conf.pdbx_beg_PDB_ins_code 
_struct_conf.end_label_comp_id 
_struct_conf.end_label_asym_id 
_struct_conf.end_label_seq_id 
_struct_conf.pdbx_end_PDB_ins_code 
_struct_conf.beg_auth_comp_id 
_struct_conf.beg_auth_asym_id 
_struct_conf.beg_auth_seq_id 
_struct_conf.end_auth_comp_id 
_struct_conf.end_auth_asym_id 
_struct_conf.end_auth_seq_id 
_struct_conf.pdbx_PDB_helix_class 
_struct_conf.details 
_struct_conf.pdbx_PDB_helix_length 
HELX_P HELX_P1 1 CYS A 22 ? GLU A 31 ? CYS X 22 GLU X 31 1 ? 10 
HELX_P HELX_P2 2 VAL A 43 ? THR A 45 ? VAL X 43 THR X 45 5 ? 3  
HELX_P HELX_P3 3 SER A 58 ? ALA A 68 ? SER X 58 ALA X 68 1 ? 11 
# 
_struct_conf_type.id          HELX_P 
_struct_conf_type.criteria    ? 
_struct_conf_type.reference   ? 
# 
_struct_sheet.id               A 
_struct_sheet.type             ? 
_struct_sheet.number_strands   4 
_struct_sheet.details          ? 
# 
loop_
_struct_sheet_order.sheet_id 
_struct_sheet_order.range_id_1 
_struct_sheet_order.range_id_2 
_struct_sheet_order.offset 
_struct_sheet_order.sense 
A 1 2 ? anti-parallel 
A 2 3 ? anti-parallel 
A 3 4 ? anti-parallel 
# 
loop_
_struct_sheet_range.sheet_id 
_struct_sheet_range.id 
_struct_sheet_range.beg_label_comp_id 
_struct_sheet_range.beg_label_asym_id 
_struct_sheet_range.beg_label_seq_id 
_struct_sheet_range.pdbx_beg_PDB_ins_code 
_struct_sheet_range.end_label_comp_id 
_struct_sheet_range.end_label_asym_id 
_struct_sheet_range.end_label_seq_id 
_struct_sheet_range.pdbx_end_PDB_ins_code 
_struct_sheet_range.beg_auth_comp_id 
_struct_sheet_range.beg_auth_asym_id 
_struct_sheet_range.beg_auth_seq_id 
_struct_sheet_range.end_auth_comp_id 
_struct_sheet_range.end_auth_asym_id 
_struct_sheet_range.end_auth_seq_id 
A 1 VAL A 36 ? THR A 42 ? VAL X 36 THR X 42 
A 2 ARG A 47 ? TYR A 52 ? ARG X 47 TYR X 52 
A 3 LYS A 8  ? VAL A 14 ? LYS X 8  VAL X 14 
A 4 LEU A 73 ? ALA A 74 ? LEU X 73 ALA X 74 
# 
loop_
_pdbx_struct_sheet_hbond.sheet_id 
_pdbx_struct_sheet_hbond.range_id_1 
_pdbx_struct_sheet_hbond.range_id_2 
_pdbx_struct_sheet_hbond.range_1_label_atom_id 
_pdbx_struct_sheet_hbond.range_1_label_comp_id 
_pdbx_struct_sheet_hbond.range_1_label_asym_id 
_pdbx_struct_sheet_hbond.range_1_label_seq_id 
_pdbx_struct_sheet_hbond.range_1_PDB_ins_code 
_pdbx_struct_sheet_hbond.range_1_auth_atom_id 
_pdbx_struct_sheet_hbond.range_1_auth_comp_id 
_pdbx_struct_sheet_hbond.range_1_auth_asym_id 
_pdbx_struct_sheet_hbond.range_1_auth_seq_id 
_pdbx_struct_sheet_hbond.range_2_label_atom_id 
_pdbx_struct_sheet_hbond.range_2_label_comp_id 
_pdbx_struct_sheet_hbond.range_2_label_asym_id 
_pdbx_struct_sheet_hbond.range_2_label_seq_id 
_pdbx_struct_sheet_hbond.range_2_PDB_ins_code 
_pdbx_struct_sheet_hbond.range_2_auth_atom_id 
_pdbx_struct_sheet_hbond.range_2_auth_comp_id 
_pdbx_struct_sheet_hbond.range_2_auth_asym_id 
_pdbx_struct_sheet_hbond.range_2_auth_seq_id 
A 1 2 N THR A 42 ? N THR X 42 O ARG A 47 ? O ARG X 47 
A 2 3 O VAL A 50 ? O VAL X 50 N GLN A 10 ? N GLN X 10 
A 3 4 N GLN A 13 ? N GLN X 13 O ALA A 74 ? O ALA X 74 
# 
loop_
_pdbx_validate_close_contact.id 
_pdbx_validate_close_contact.PDB_model_num 
_pdbx_validate_close_contact.auth_atom_id_1 
_pdbx_validate_close_contact.auth_asym_id_1 
_pdbx_validate_close_contact.auth_comp_id_1 
_pdbx_validate_close_contact.auth_seq_id_1 
_pdbx_validate_close_contact.PDB_ins_code_1 
_pdbx_validate_close_contact.label_alt_id_1 
_pdbx_validate_close_contact.auth_atom_id_2 
_pdbx_validate_close_contact.auth_asym_id_2 
_pdbx_validate_close_contact.auth_comp_id_2 
_pdbx_validate_close_contact.auth_seq_id_2 
_pdbx_validate_close_contact.PDB_ins_code_2 
_pdbx_validate_close_contact.label_alt_id_2 
_pdbx_validate_close_contact.dist 
1 1 HG  X SER 58 ? ? OE2 X GLU 59 ? ? 1.58 
2 1 OE1 X GLU 38 ? ? HG1 X THR 51 ? ? 1.60 
# 
loop_
_pdbx_validate_torsion.id 
_pdbx_validate_torsion.PDB_model_num 
_pdbx_validate_torsion.auth_comp_id 
_pdbx_validate_torsion.auth_asym_id 
_pdbx_validate_torsion.auth_seq_id 
_pdbx_validate_torsion.PDB_ins_code 
_pdbx_validate_torsion.label_alt_id 
_pdbx_validate_torsion.phi 
_pdbx_validate_torsion.psi 
1  1 MET X 17 ? ? -66.26  95.48   
2  1 ASP X 18 ? ? -57.52  174.61  
3  1 CYS X 19 ? ? -97.43  -62.60  
4  1 SER X 21 ? ? -156.30 65.02   
5  1 CYS X 22 ? ? -165.29 -44.81  
6  1 ILE X 26 ? ? -76.39  -71.76  
7  1 SER X 40 ? ? -175.15 142.95  
8  1 ALA X 44 ? ? -64.60  7.24    
9  1 PRO X 54 ? ? -79.07  33.65   
10 1 GLN X 56 ? ? -149.94 -79.53  
11 1 SER X 58 ? ? -143.04 -108.19 
12 1 ALA X 68 ? ? -66.45  0.24    
# 
_pdbx_validate_peptide_omega.id               1 
_pdbx_validate_peptide_omega.PDB_model_num    1 
_pdbx_validate_peptide_omega.auth_comp_id_1   MET 
_pdbx_validate_peptide_omega.auth_asym_id_1   X 
_pdbx_validate_peptide_omega.auth_seq_id_1    17 
_pdbx_validate_peptide_omega.PDB_ins_code_1   ? 
_pdbx_validate_peptide_omega.label_alt_id_1   ? 
_pdbx_validate_peptide_omega.auth_comp_id_2   ASP 
_pdbx_validate_peptide_omega.auth_asym_id_2   X 
_pdbx_validate_peptide_omega.auth_seq_id_2    18 
_pdbx_validate_peptide_omega.PDB_ins_code_2   ? 
_pdbx_validate_peptide_omega.label_alt_id_2   ? 
_pdbx_validate_peptide_omega.omega            149.49 
# 
_pdbx_nmr_ensemble.entry_id                                      2OFH 
_pdbx_nmr_ensemble.conformers_calculated_total_number            ? 
_pdbx_nmr_ensemble.conformers_submitted_total_number             1 
_pdbx_nmr_ensemble.conformer_selection_criteria                  ? 
_pdbx_nmr_ensemble.average_constraints_per_residue               ? 
_pdbx_nmr_ensemble.average_constraint_violations_per_residue     ? 
_pdbx_nmr_ensemble.maximum_distance_constraint_violation         ? 
_pdbx_nmr_ensemble.average_distance_constraint_violation         ? 
_pdbx_nmr_ensemble.maximum_upper_distance_constraint_violation   ? 
_pdbx_nmr_ensemble.maximum_lower_distance_constraint_violation   ? 
_pdbx_nmr_ensemble.distance_constraint_violation_method          ? 
_pdbx_nmr_ensemble.maximum_torsion_angle_constraint_violation    ? 
_pdbx_nmr_ensemble.average_torsion_angle_constraint_violation    ? 
_pdbx_nmr_ensemble.torsion_angle_constraint_violation_method     ? 
# 
_pdbx_nmr_representative.entry_id             2OFH 
_pdbx_nmr_representative.conformer_id         1 
_pdbx_nmr_representative.selection_criteria   'minimized average structure' 
# 
loop_
_pdbx_nmr_sample_details.solution_id 
_pdbx_nmr_sample_details.contents 
_pdbx_nmr_sample_details.solvent_system 
1 '1.0 mM unlabeled'      'H2O/D2O 90:10' 
2 '1.0 mM 15N-labeled'    'H2O/D2O 90:10' 
3 '1.0mM 15N,13C labeled' 'H2O/D2O 90:10' 
# 
_pdbx_nmr_exptl_sample_conditions.conditions_id       1 
_pdbx_nmr_exptl_sample_conditions.temperature         298 
_pdbx_nmr_exptl_sample_conditions.pressure            ambient 
_pdbx_nmr_exptl_sample_conditions.pH                  7.0 
_pdbx_nmr_exptl_sample_conditions.ionic_strength      '50mM Phosphate Buffer' 
_pdbx_nmr_exptl_sample_conditions.pressure_units      . 
_pdbx_nmr_exptl_sample_conditions.temperature_units   K 
# 
loop_
_pdbx_nmr_exptl.experiment_id 
_pdbx_nmr_exptl.conditions_id 
_pdbx_nmr_exptl.type 
_pdbx_nmr_exptl.solution_id 
1 1 '2D NOESY'             1 
2 1 '2D TOCSY'             1 
3 1 3D_15N-separated_NOESY 2 
4 1 3D_13C-separated_NOESY 3 
5 1 HNHA                   2 
6 1 HNCA-J                 3 
# 
_pdbx_nmr_refine.entry_id           2OFH 
_pdbx_nmr_refine.method             'Simulated Annealing in TAD followed by Restrained Energy Minimization' 
_pdbx_nmr_refine.details            ? 
_pdbx_nmr_refine.software_ordinal   1 
# 
loop_
_pdbx_nmr_software.classification 
_pdbx_nmr_software.name 
_pdbx_nmr_software.version 
_pdbx_nmr_software.authors 
_pdbx_nmr_software.ordinal 
'structure solution' CYANA 2.1 'Guentert, P., Mumenthaler, C. Wuethrich, K'  1 
refinement           Amber 8   PEARLMAN,CASE,CALDWELL,ROSS,CHEATHAM,FERGUSON 2 
# 
loop_
_pdbx_unobs_or_zero_occ_residues.id 
_pdbx_unobs_or_zero_occ_residues.PDB_model_num 
_pdbx_unobs_or_zero_occ_residues.polymer_flag 
_pdbx_unobs_or_zero_occ_residues.occupancy_flag 
_pdbx_unobs_or_zero_occ_residues.auth_asym_id 
_pdbx_unobs_or_zero_occ_residues.auth_comp_id 
_pdbx_unobs_or_zero_occ_residues.auth_seq_id 
_pdbx_unobs_or_zero_occ_residues.PDB_ins_code 
_pdbx_unobs_or_zero_occ_residues.label_asym_id 
_pdbx_unobs_or_zero_occ_residues.label_comp_id 
_pdbx_unobs_or_zero_occ_residues.label_seq_id 
1  1 Y 1 X MET 1   ? A MET 1   
2  1 Y 1 X THR 2   ? A THR 2   
3  1 Y 1 X GLN 3   ? A GLN 3   
4  1 Y 1 X SER 4   ? A SER 4   
5  1 Y 1 X SER 5   ? A SER 5   
6  1 Y 1 X LYS 77  ? A LYS 77  
7  1 Y 1 X SER 78  ? A SER 78  
8  1 Y 1 X SER 79  ? A SER 79  
9  1 Y 1 X VAL 80  ? A VAL 80  
10 1 Y 1 X THR 81  ? A THR 81  
11 1 Y 1 X LEU 82  ? A LEU 82  
12 1 Y 1 X ASN 83  ? A ASN 83  
13 1 Y 1 X GLY 84  ? A GLY 84  
14 1 Y 1 X HIS 85  ? A HIS 85  
15 1 Y 1 X LYS 86  ? A LYS 86  
16 1 Y 1 X HIS 87  ? A HIS 87  
17 1 Y 1 X PRO 88  ? A PRO 88  
18 1 Y 1 X HIS 89  ? A HIS 89  
19 1 Y 1 X SER 90  ? A SER 90  
20 1 Y 1 X HIS 91  ? A HIS 91  
21 1 Y 1 X ARG 92  ? A ARG 92  
22 1 Y 1 X GLU 93  ? A GLU 93  
23 1 Y 1 X GLU 94  ? A GLU 94  
24 1 Y 1 X GLY 95  ? A GLY 95  
25 1 Y 1 X HIS 96  ? A HIS 96  
26 1 Y 1 X SER 97  ? A SER 97  
27 1 Y 1 X HIS 98  ? A HIS 98  
28 1 Y 1 X SER 99  ? A SER 99  
29 1 Y 1 X HIS 100 ? A HIS 100 
30 1 Y 1 X GLY 101 ? A GLY 101 
31 1 Y 1 X ALA 102 ? A ALA 102 
32 1 Y 1 X GLY 103 ? A GLY 103 
33 1 Y 1 X GLU 104 ? A GLU 104 
34 1 Y 1 X PHE 105 ? A PHE 105 
35 1 Y 1 X ASN 106 ? A ASN 106 
36 1 Y 1 X LEU 107 ? A LEU 107 
37 1 Y 1 X LYS 108 ? A LYS 108 
38 1 Y 1 X GLN 109 ? A GLN 109 
39 1 Y 1 X GLU 110 ? A GLU 110 
40 1 Y 1 X LEU 111 ? A LEU 111 
# 
loop_
_chem_comp_atom.comp_id 
_chem_comp_atom.atom_id 
_chem_comp_atom.type_symbol 
_chem_comp_atom.pdbx_aromatic_flag 
_chem_comp_atom.pdbx_stereo_config 
_chem_comp_atom.pdbx_ordinal 
ALA N    N N N 1   
ALA CA   C N S 2   
ALA C    C N N 3   
ALA O    O N N 4   
ALA CB   C N N 5   
ALA OXT  O N N 6   
ALA H    H N N 7   
ALA H2   H N N 8   
ALA HA   H N N 9   
ALA HB1  H N N 10  
ALA HB2  H N N 11  
ALA HB3  H N N 12  
ALA HXT  H N N 13  
ARG N    N N N 14  
ARG CA   C N S 15  
ARG C    C N N 16  
ARG O    O N N 17  
ARG CB   C N N 18  
ARG CG   C N N 19  
ARG CD   C N N 20  
ARG NE   N N N 21  
ARG CZ   C N N 22  
ARG NH1  N N N 23  
ARG NH2  N N N 24  
ARG OXT  O N N 25  
ARG H    H N N 26  
ARG H2   H N N 27  
ARG HA   H N N 28  
ARG HB2  H N N 29  
ARG HB3  H N N 30  
ARG HG2  H N N 31  
ARG HG3  H N N 32  
ARG HD2  H N N 33  
ARG HD3  H N N 34  
ARG HE   H N N 35  
ARG HH11 H N N 36  
ARG HH12 H N N 37  
ARG HH21 H N N 38  
ARG HH22 H N N 39  
ARG HXT  H N N 40  
ASN N    N N N 41  
ASN CA   C N S 42  
ASN C    C N N 43  
ASN O    O N N 44  
ASN CB   C N N 45  
ASN CG   C N N 46  
ASN OD1  O N N 47  
ASN ND2  N N N 48  
ASN OXT  O N N 49  
ASN H    H N N 50  
ASN H2   H N N 51  
ASN HA   H N N 52  
ASN HB2  H N N 53  
ASN HB3  H N N 54  
ASN HD21 H N N 55  
ASN HD22 H N N 56  
ASN HXT  H N N 57  
ASP N    N N N 58  
ASP CA   C N S 59  
ASP C    C N N 60  
ASP O    O N N 61  
ASP CB   C N N 62  
ASP CG   C N N 63  
ASP OD1  O N N 64  
ASP OD2  O N N 65  
ASP OXT  O N N 66  
ASP H    H N N 67  
ASP H2   H N N 68  
ASP HA   H N N 69  
ASP HB2  H N N 70  
ASP HB3  H N N 71  
ASP HD2  H N N 72  
ASP HXT  H N N 73  
CYS N    N N N 74  
CYS CA   C N R 75  
CYS C    C N N 76  
CYS O    O N N 77  
CYS CB   C N N 78  
CYS SG   S N N 79  
CYS OXT  O N N 80  
CYS H    H N N 81  
CYS H2   H N N 82  
CYS HA   H N N 83  
CYS HB2  H N N 84  
CYS HB3  H N N 85  
CYS HG   H N N 86  
CYS HXT  H N N 87  
GLN N    N N N 88  
GLN CA   C N S 89  
GLN C    C N N 90  
GLN O    O N N 91  
GLN CB   C N N 92  
GLN CG   C N N 93  
GLN CD   C N N 94  
GLN OE1  O N N 95  
GLN NE2  N N N 96  
GLN OXT  O N N 97  
GLN H    H N N 98  
GLN H2   H N N 99  
GLN HA   H N N 100 
GLN HB2  H N N 101 
GLN HB3  H N N 102 
GLN HG2  H N N 103 
GLN HG3  H N N 104 
GLN HE21 H N N 105 
GLN HE22 H N N 106 
GLN HXT  H N N 107 
GLU N    N N N 108 
GLU CA   C N S 109 
GLU C    C N N 110 
GLU O    O N N 111 
GLU CB   C N N 112 
GLU CG   C N N 113 
GLU CD   C N N 114 
GLU OE1  O N N 115 
GLU OE2  O N N 116 
GLU OXT  O N N 117 
GLU H    H N N 118 
GLU H2   H N N 119 
GLU HA   H N N 120 
GLU HB2  H N N 121 
GLU HB3  H N N 122 
GLU HG2  H N N 123 
GLU HG3  H N N 124 
GLU HE2  H N N 125 
GLU HXT  H N N 126 
GLY N    N N N 127 
GLY CA   C N N 128 
GLY C    C N N 129 
GLY O    O N N 130 
GLY OXT  O N N 131 
GLY H    H N N 132 
GLY H2   H N N 133 
GLY HA2  H N N 134 
GLY HA3  H N N 135 
GLY HXT  H N N 136 
HIS N    N N N 137 
HIS CA   C N S 138 
HIS C    C N N 139 
HIS O    O N N 140 
HIS CB   C N N 141 
HIS CG   C Y N 142 
HIS ND1  N Y N 143 
HIS CD2  C Y N 144 
HIS CE1  C Y N 145 
HIS NE2  N Y N 146 
HIS OXT  O N N 147 
HIS H    H N N 148 
HIS H2   H N N 149 
HIS HA   H N N 150 
HIS HB2  H N N 151 
HIS HB3  H N N 152 
HIS HD1  H N N 153 
HIS HD2  H N N 154 
HIS HE1  H N N 155 
HIS HE2  H N N 156 
HIS HXT  H N N 157 
ILE N    N N N 158 
ILE CA   C N S 159 
ILE C    C N N 160 
ILE O    O N N 161 
ILE CB   C N S 162 
ILE CG1  C N N 163 
ILE CG2  C N N 164 
ILE CD1  C N N 165 
ILE OXT  O N N 166 
ILE H    H N N 167 
ILE H2   H N N 168 
ILE HA   H N N 169 
ILE HB   H N N 170 
ILE HG12 H N N 171 
ILE HG13 H N N 172 
ILE HG21 H N N 173 
ILE HG22 H N N 174 
ILE HG23 H N N 175 
ILE HD11 H N N 176 
ILE HD12 H N N 177 
ILE HD13 H N N 178 
ILE HXT  H N N 179 
LEU N    N N N 180 
LEU CA   C N S 181 
LEU C    C N N 182 
LEU O    O N N 183 
LEU CB   C N N 184 
LEU CG   C N N 185 
LEU CD1  C N N 186 
LEU CD2  C N N 187 
LEU OXT  O N N 188 
LEU H    H N N 189 
LEU H2   H N N 190 
LEU HA   H N N 191 
LEU HB2  H N N 192 
LEU HB3  H N N 193 
LEU HG   H N N 194 
LEU HD11 H N N 195 
LEU HD12 H N N 196 
LEU HD13 H N N 197 
LEU HD21 H N N 198 
LEU HD22 H N N 199 
LEU HD23 H N N 200 
LEU HXT  H N N 201 
LYS N    N N N 202 
LYS CA   C N S 203 
LYS C    C N N 204 
LYS O    O N N 205 
LYS CB   C N N 206 
LYS CG   C N N 207 
LYS CD   C N N 208 
LYS CE   C N N 209 
LYS NZ   N N N 210 
LYS OXT  O N N 211 
LYS H    H N N 212 
LYS H2   H N N 213 
LYS HA   H N N 214 
LYS HB2  H N N 215 
LYS HB3  H N N 216 
LYS HG2  H N N 217 
LYS HG3  H N N 218 
LYS HD2  H N N 219 
LYS HD3  H N N 220 
LYS HE2  H N N 221 
LYS HE3  H N N 222 
LYS HZ1  H N N 223 
LYS HZ2  H N N 224 
LYS HZ3  H N N 225 
LYS HXT  H N N 226 
MET N    N N N 227 
MET CA   C N S 228 
MET C    C N N 229 
MET O    O N N 230 
MET CB   C N N 231 
MET CG   C N N 232 
MET SD   S N N 233 
MET CE   C N N 234 
MET OXT  O N N 235 
MET H    H N N 236 
MET H2   H N N 237 
MET HA   H N N 238 
MET HB2  H N N 239 
MET HB3  H N N 240 
MET HG2  H N N 241 
MET HG3  H N N 242 
MET HE1  H N N 243 
MET HE2  H N N 244 
MET HE3  H N N 245 
MET HXT  H N N 246 
PHE N    N N N 247 
PHE CA   C N S 248 
PHE C    C N N 249 
PHE O    O N N 250 
PHE CB   C N N 251 
PHE CG   C Y N 252 
PHE CD1  C Y N 253 
PHE CD2  C Y N 254 
PHE CE1  C Y N 255 
PHE CE2  C Y N 256 
PHE CZ   C Y N 257 
PHE OXT  O N N 258 
PHE H    H N N 259 
PHE H2   H N N 260 
PHE HA   H N N 261 
PHE HB2  H N N 262 
PHE HB3  H N N 263 
PHE HD1  H N N 264 
PHE HD2  H N N 265 
PHE HE1  H N N 266 
PHE HE2  H N N 267 
PHE HZ   H N N 268 
PHE HXT  H N N 269 
PRO N    N N N 270 
PRO CA   C N S 271 
PRO C    C N N 272 
PRO O    O N N 273 
PRO CB   C N N 274 
PRO CG   C N N 275 
PRO CD   C N N 276 
PRO OXT  O N N 277 
PRO H    H N N 278 
PRO HA   H N N 279 
PRO HB2  H N N 280 
PRO HB3  H N N 281 
PRO HG2  H N N 282 
PRO HG3  H N N 283 
PRO HD2  H N N 284 
PRO HD3  H N N 285 
PRO HXT  H N N 286 
SER N    N N N 287 
SER CA   C N S 288 
SER C    C N N 289 
SER O    O N N 290 
SER CB   C N N 291 
SER OG   O N N 292 
SER OXT  O N N 293 
SER H    H N N 294 
SER H2   H N N 295 
SER HA   H N N 296 
SER HB2  H N N 297 
SER HB3  H N N 298 
SER HG   H N N 299 
SER HXT  H N N 300 
THR N    N N N 301 
THR CA   C N S 302 
THR C    C N N 303 
THR O    O N N 304 
THR CB   C N R 305 
THR OG1  O N N 306 
THR CG2  C N N 307 
THR OXT  O N N 308 
THR H    H N N 309 
THR H2   H N N 310 
THR HA   H N N 311 
THR HB   H N N 312 
THR HG1  H N N 313 
THR HG21 H N N 314 
THR HG22 H N N 315 
THR HG23 H N N 316 
THR HXT  H N N 317 
TYR N    N N N 318 
TYR CA   C N S 319 
TYR C    C N N 320 
TYR O    O N N 321 
TYR CB   C N N 322 
TYR CG   C Y N 323 
TYR CD1  C Y N 324 
TYR CD2  C Y N 325 
TYR CE1  C Y N 326 
TYR CE2  C Y N 327 
TYR CZ   C Y N 328 
TYR OH   O N N 329 
TYR OXT  O N N 330 
TYR H    H N N 331 
TYR H2   H N N 332 
TYR HA   H N N 333 
TYR HB2  H N N 334 
TYR HB3  H N N 335 
TYR HD1  H N N 336 
TYR HD2  H N N 337 
TYR HE1  H N N 338 
TYR HE2  H N N 339 
TYR HH   H N N 340 
TYR HXT  H N N 341 
VAL N    N N N 342 
VAL CA   C N S 343 
VAL C    C N N 344 
VAL O    O N N 345 
VAL CB   C N N 346 
VAL CG1  C N N 347 
VAL CG2  C N N 348 
VAL OXT  O N N 349 
VAL H    H N N 350 
VAL H2   H N N 351 
VAL HA   H N N 352 
VAL HB   H N N 353 
VAL HG11 H N N 354 
VAL HG12 H N N 355 
VAL HG13 H N N 356 
VAL HG21 H N N 357 
VAL HG22 H N N 358 
VAL HG23 H N N 359 
VAL HXT  H N N 360 
# 
loop_
_chem_comp_bond.comp_id 
_chem_comp_bond.atom_id_1 
_chem_comp_bond.atom_id_2 
_chem_comp_bond.value_order 
_chem_comp_bond.pdbx_aromatic_flag 
_chem_comp_bond.pdbx_stereo_config 
_chem_comp_bond.pdbx_ordinal 
ALA N   CA   sing N N 1   
ALA N   H    sing N N 2   
ALA N   H2   sing N N 3   
ALA CA  C    sing N N 4   
ALA CA  CB   sing N N 5   
ALA CA  HA   sing N N 6   
ALA C   O    doub N N 7   
ALA C   OXT  sing N N 8   
ALA CB  HB1  sing N N 9   
ALA CB  HB2  sing N N 10  
ALA CB  HB3  sing N N 11  
ALA OXT HXT  sing N N 12  
ARG N   CA   sing N N 13  
ARG N   H    sing N N 14  
ARG N   H2   sing N N 15  
ARG CA  C    sing N N 16  
ARG CA  CB   sing N N 17  
ARG CA  HA   sing N N 18  
ARG C   O    doub N N 19  
ARG C   OXT  sing N N 20  
ARG CB  CG   sing N N 21  
ARG CB  HB2  sing N N 22  
ARG CB  HB3  sing N N 23  
ARG CG  CD   sing N N 24  
ARG CG  HG2  sing N N 25  
ARG CG  HG3  sing N N 26  
ARG CD  NE   sing N N 27  
ARG CD  HD2  sing N N 28  
ARG CD  HD3  sing N N 29  
ARG NE  CZ   sing N N 30  
ARG NE  HE   sing N N 31  
ARG CZ  NH1  sing N N 32  
ARG CZ  NH2  doub N N 33  
ARG NH1 HH11 sing N N 34  
ARG NH1 HH12 sing N N 35  
ARG NH2 HH21 sing N N 36  
ARG NH2 HH22 sing N N 37  
ARG OXT HXT  sing N N 38  
ASN N   CA   sing N N 39  
ASN N   H    sing N N 40  
ASN N   H2   sing N N 41  
ASN CA  C    sing N N 42  
ASN CA  CB   sing N N 43  
ASN CA  HA   sing N N 44  
ASN C   O    doub N N 45  
ASN C   OXT  sing N N 46  
ASN CB  CG   sing N N 47  
ASN CB  HB2  sing N N 48  
ASN CB  HB3  sing N N 49  
ASN CG  OD1  doub N N 50  
ASN CG  ND2  sing N N 51  
ASN ND2 HD21 sing N N 52  
ASN ND2 HD22 sing N N 53  
ASN OXT HXT  sing N N 54  
ASP N   CA   sing N N 55  
ASP N   H    sing N N 56  
ASP N   H2   sing N N 57  
ASP CA  C    sing N N 58  
ASP CA  CB   sing N N 59  
ASP CA  HA   sing N N 60  
ASP C   O    doub N N 61  
ASP C   OXT  sing N N 62  
ASP CB  CG   sing N N 63  
ASP CB  HB2  sing N N 64  
ASP CB  HB3  sing N N 65  
ASP CG  OD1  doub N N 66  
ASP CG  OD2  sing N N 67  
ASP OD2 HD2  sing N N 68  
ASP OXT HXT  sing N N 69  
CYS N   CA   sing N N 70  
CYS N   H    sing N N 71  
CYS N   H2   sing N N 72  
CYS CA  C    sing N N 73  
CYS CA  CB   sing N N 74  
CYS CA  HA   sing N N 75  
CYS C   O    doub N N 76  
CYS C   OXT  sing N N 77  
CYS CB  SG   sing N N 78  
CYS CB  HB2  sing N N 79  
CYS CB  HB3  sing N N 80  
CYS SG  HG   sing N N 81  
CYS OXT HXT  sing N N 82  
GLN N   CA   sing N N 83  
GLN N   H    sing N N 84  
GLN N   H2   sing N N 85  
GLN CA  C    sing N N 86  
GLN CA  CB   sing N N 87  
GLN CA  HA   sing N N 88  
GLN C   O    doub N N 89  
GLN C   OXT  sing N N 90  
GLN CB  CG   sing N N 91  
GLN CB  HB2  sing N N 92  
GLN CB  HB3  sing N N 93  
GLN CG  CD   sing N N 94  
GLN CG  HG2  sing N N 95  
GLN CG  HG3  sing N N 96  
GLN CD  OE1  doub N N 97  
GLN CD  NE2  sing N N 98  
GLN NE2 HE21 sing N N 99  
GLN NE2 HE22 sing N N 100 
GLN OXT HXT  sing N N 101 
GLU N   CA   sing N N 102 
GLU N   H    sing N N 103 
GLU N   H2   sing N N 104 
GLU CA  C    sing N N 105 
GLU CA  CB   sing N N 106 
GLU CA  HA   sing N N 107 
GLU C   O    doub N N 108 
GLU C   OXT  sing N N 109 
GLU CB  CG   sing N N 110 
GLU CB  HB2  sing N N 111 
GLU CB  HB3  sing N N 112 
GLU CG  CD   sing N N 113 
GLU CG  HG2  sing N N 114 
GLU CG  HG3  sing N N 115 
GLU CD  OE1  doub N N 116 
GLU CD  OE2  sing N N 117 
GLU OE2 HE2  sing N N 118 
GLU OXT HXT  sing N N 119 
GLY N   CA   sing N N 120 
GLY N   H    sing N N 121 
GLY N   H2   sing N N 122 
GLY CA  C    sing N N 123 
GLY CA  HA2  sing N N 124 
GLY CA  HA3  sing N N 125 
GLY C   O    doub N N 126 
GLY C   OXT  sing N N 127 
GLY OXT HXT  sing N N 128 
HIS N   CA   sing N N 129 
HIS N   H    sing N N 130 
HIS N   H2   sing N N 131 
HIS CA  C    sing N N 132 
HIS CA  CB   sing N N 133 
HIS CA  HA   sing N N 134 
HIS C   O    doub N N 135 
HIS C   OXT  sing N N 136 
HIS CB  CG   sing N N 137 
HIS CB  HB2  sing N N 138 
HIS CB  HB3  sing N N 139 
HIS CG  ND1  sing Y N 140 
HIS CG  CD2  doub Y N 141 
HIS ND1 CE1  doub Y N 142 
HIS ND1 HD1  sing N N 143 
HIS CD2 NE2  sing Y N 144 
HIS CD2 HD2  sing N N 145 
HIS CE1 NE2  sing Y N 146 
HIS CE1 HE1  sing N N 147 
HIS NE2 HE2  sing N N 148 
HIS OXT HXT  sing N N 149 
ILE N   CA   sing N N 150 
ILE N   H    sing N N 151 
ILE N   H2   sing N N 152 
ILE CA  C    sing N N 153 
ILE CA  CB   sing N N 154 
ILE CA  HA   sing N N 155 
ILE C   O    doub N N 156 
ILE C   OXT  sing N N 157 
ILE CB  CG1  sing N N 158 
ILE CB  CG2  sing N N 159 
ILE CB  HB   sing N N 160 
ILE CG1 CD1  sing N N 161 
ILE CG1 HG12 sing N N 162 
ILE CG1 HG13 sing N N 163 
ILE CG2 HG21 sing N N 164 
ILE CG2 HG22 sing N N 165 
ILE CG2 HG23 sing N N 166 
ILE CD1 HD11 sing N N 167 
ILE CD1 HD12 sing N N 168 
ILE CD1 HD13 sing N N 169 
ILE OXT HXT  sing N N 170 
LEU N   CA   sing N N 171 
LEU N   H    sing N N 172 
LEU N   H2   sing N N 173 
LEU CA  C    sing N N 174 
LEU CA  CB   sing N N 175 
LEU CA  HA   sing N N 176 
LEU C   O    doub N N 177 
LEU C   OXT  sing N N 178 
LEU CB  CG   sing N N 179 
LEU CB  HB2  sing N N 180 
LEU CB  HB3  sing N N 181 
LEU CG  CD1  sing N N 182 
LEU CG  CD2  sing N N 183 
LEU CG  HG   sing N N 184 
LEU CD1 HD11 sing N N 185 
LEU CD1 HD12 sing N N 186 
LEU CD1 HD13 sing N N 187 
LEU CD2 HD21 sing N N 188 
LEU CD2 HD22 sing N N 189 
LEU CD2 HD23 sing N N 190 
LEU OXT HXT  sing N N 191 
LYS N   CA   sing N N 192 
LYS N   H    sing N N 193 
LYS N   H2   sing N N 194 
LYS CA  C    sing N N 195 
LYS CA  CB   sing N N 196 
LYS CA  HA   sing N N 197 
LYS C   O    doub N N 198 
LYS C   OXT  sing N N 199 
LYS CB  CG   sing N N 200 
LYS CB  HB2  sing N N 201 
LYS CB  HB3  sing N N 202 
LYS CG  CD   sing N N 203 
LYS CG  HG2  sing N N 204 
LYS CG  HG3  sing N N 205 
LYS CD  CE   sing N N 206 
LYS CD  HD2  sing N N 207 
LYS CD  HD3  sing N N 208 
LYS CE  NZ   sing N N 209 
LYS CE  HE2  sing N N 210 
LYS CE  HE3  sing N N 211 
LYS NZ  HZ1  sing N N 212 
LYS NZ  HZ2  sing N N 213 
LYS NZ  HZ3  sing N N 214 
LYS OXT HXT  sing N N 215 
MET N   CA   sing N N 216 
MET N   H    sing N N 217 
MET N   H2   sing N N 218 
MET CA  C    sing N N 219 
MET CA  CB   sing N N 220 
MET CA  HA   sing N N 221 
MET C   O    doub N N 222 
MET C   OXT  sing N N 223 
MET CB  CG   sing N N 224 
MET CB  HB2  sing N N 225 
MET CB  HB3  sing N N 226 
MET CG  SD   sing N N 227 
MET CG  HG2  sing N N 228 
MET CG  HG3  sing N N 229 
MET SD  CE   sing N N 230 
MET CE  HE1  sing N N 231 
MET CE  HE2  sing N N 232 
MET CE  HE3  sing N N 233 
MET OXT HXT  sing N N 234 
PHE N   CA   sing N N 235 
PHE N   H    sing N N 236 
PHE N   H2   sing N N 237 
PHE CA  C    sing N N 238 
PHE CA  CB   sing N N 239 
PHE CA  HA   sing N N 240 
PHE C   O    doub N N 241 
PHE C   OXT  sing N N 242 
PHE CB  CG   sing N N 243 
PHE CB  HB2  sing N N 244 
PHE CB  HB3  sing N N 245 
PHE CG  CD1  doub Y N 246 
PHE CG  CD2  sing Y N 247 
PHE CD1 CE1  sing Y N 248 
PHE CD1 HD1  sing N N 249 
PHE CD2 CE2  doub Y N 250 
PHE CD2 HD2  sing N N 251 
PHE CE1 CZ   doub Y N 252 
PHE CE1 HE1  sing N N 253 
PHE CE2 CZ   sing Y N 254 
PHE CE2 HE2  sing N N 255 
PHE CZ  HZ   sing N N 256 
PHE OXT HXT  sing N N 257 
PRO N   CA   sing N N 258 
PRO N   CD   sing N N 259 
PRO N   H    sing N N 260 
PRO CA  C    sing N N 261 
PRO CA  CB   sing N N 262 
PRO CA  HA   sing N N 263 
PRO C   O    doub N N 264 
PRO C   OXT  sing N N 265 
PRO CB  CG   sing N N 266 
PRO CB  HB2  sing N N 267 
PRO CB  HB3  sing N N 268 
PRO CG  CD   sing N N 269 
PRO CG  HG2  sing N N 270 
PRO CG  HG3  sing N N 271 
PRO CD  HD2  sing N N 272 
PRO CD  HD3  sing N N 273 
PRO OXT HXT  sing N N 274 
SER N   CA   sing N N 275 
SER N   H    sing N N 276 
SER N   H2   sing N N 277 
SER CA  C    sing N N 278 
SER CA  CB   sing N N 279 
SER CA  HA   sing N N 280 
SER C   O    doub N N 281 
SER C   OXT  sing N N 282 
SER CB  OG   sing N N 283 
SER CB  HB2  sing N N 284 
SER CB  HB3  sing N N 285 
SER OG  HG   sing N N 286 
SER OXT HXT  sing N N 287 
THR N   CA   sing N N 288 
THR N   H    sing N N 289 
THR N   H2   sing N N 290 
THR CA  C    sing N N 291 
THR CA  CB   sing N N 292 
THR CA  HA   sing N N 293 
THR C   O    doub N N 294 
THR C   OXT  sing N N 295 
THR CB  OG1  sing N N 296 
THR CB  CG2  sing N N 297 
THR CB  HB   sing N N 298 
THR OG1 HG1  sing N N 299 
THR CG2 HG21 sing N N 300 
THR CG2 HG22 sing N N 301 
THR CG2 HG23 sing N N 302 
THR OXT HXT  sing N N 303 
TYR N   CA   sing N N 304 
TYR N   H    sing N N 305 
TYR N   H2   sing N N 306 
TYR CA  C    sing N N 307 
TYR CA  CB   sing N N 308 
TYR CA  HA   sing N N 309 
TYR C   O    doub N N 310 
TYR C   OXT  sing N N 311 
TYR CB  CG   sing N N 312 
TYR CB  HB2  sing N N 313 
TYR CB  HB3  sing N N 314 
TYR CG  CD1  doub Y N 315 
TYR CG  CD2  sing Y N 316 
TYR CD1 CE1  sing Y N 317 
TYR CD1 HD1  sing N N 318 
TYR CD2 CE2  doub Y N 319 
TYR CD2 HD2  sing N N 320 
TYR CE1 CZ   doub Y N 321 
TYR CE1 HE1  sing N N 322 
TYR CE2 CZ   sing Y N 323 
TYR CE2 HE2  sing N N 324 
TYR CZ  OH   sing N N 325 
TYR OH  HH   sing N N 326 
TYR OXT HXT  sing N N 327 
VAL N   CA   sing N N 328 
VAL N   H    sing N N 329 
VAL N   H2   sing N N 330 
VAL CA  C    sing N N 331 
VAL CA  CB   sing N N 332 
VAL CA  HA   sing N N 333 
VAL C   O    doub N N 334 
VAL C   OXT  sing N N 335 
VAL CB  CG1  sing N N 336 
VAL CB  CG2  sing N N 337 
VAL CB  HB   sing N N 338 
VAL CG1 HG11 sing N N 339 
VAL CG1 HG12 sing N N 340 
VAL CG1 HG13 sing N N 341 
VAL CG2 HG21 sing N N 342 
VAL CG2 HG22 sing N N 343 
VAL CG2 HG23 sing N N 344 
VAL OXT HXT  sing N N 345 
# 
loop_
_pdbx_nmr_spectrometer.spectrometer_id 
_pdbx_nmr_spectrometer.model 
_pdbx_nmr_spectrometer.manufacturer 
_pdbx_nmr_spectrometer.field_strength 
_pdbx_nmr_spectrometer.type 
1 DMX    Bruker 500 ? 
2 AVANCE Bruker 600 ? 
3 AVANCE Bruker 700 ? 
4 AVANCE Bruker 800 ? 
5 AVANCE Bruker 900 ? 
# 
_atom_sites.entry_id                    2OFH 
_atom_sites.fract_transf_matrix[1][1]   1.000000 
_atom_sites.fract_transf_matrix[1][2]   0.000000 
_atom_sites.fract_transf_matrix[1][3]   0.000000 
_atom_sites.fract_transf_matrix[2][1]   0.000000 
_atom_sites.fract_transf_matrix[2][2]   1.000000 
_atom_sites.fract_transf_matrix[2][3]   0.000000 
_atom_sites.fract_transf_matrix[3][1]   0.000000 
_atom_sites.fract_transf_matrix[3][2]   0.000000 
_atom_sites.fract_transf_matrix[3][3]   1.000000 
_atom_sites.fract_transf_vector[1]      0.00000 
_atom_sites.fract_transf_vector[2]      0.00000 
_atom_sites.fract_transf_vector[3]      0.00000 
# 
loop_
_atom_type.symbol 
C 
H 
N 
O 
S 
# 
loop_
_atom_site.group_PDB 
_atom_site.id 
_atom_site.type_symbol 
_atom_site.label_atom_id 
_atom_site.label_alt_id 
_atom_site.label_comp_id 
_atom_site.label_asym_id 
_atom_site.label_entity_id 
_atom_site.label_seq_id 
_atom_site.pdbx_PDB_ins_code 
_atom_site.Cartn_x 
_atom_site.Cartn_y 
_atom_site.Cartn_z 
_atom_site.occupancy 
_atom_site.B_iso_or_equiv 
_atom_site.pdbx_formal_charge 
_atom_site.auth_seq_id 
_atom_site.auth_comp_id 
_atom_site.auth_asym_id 
_atom_site.auth_atom_id 
_atom_site.pdbx_PDB_model_num 
ATOM 1    N N    . PRO A 1 6  ? 12.148  12.194  -6.301  1.00 0.00 ? 6  PRO X N    1 
ATOM 2    C CA   . PRO A 1 6  ? 11.118  13.200  -6.051  1.00 0.00 ? 6  PRO X CA   1 
ATOM 3    C C    . PRO A 1 6  ? 9.929   12.625  -5.276  1.00 0.00 ? 6  PRO X C    1 
ATOM 4    O O    . PRO A 1 6  ? 9.361   13.325  -4.439  1.00 0.00 ? 6  PRO X O    1 
ATOM 5    C CB   . PRO A 1 6  ? 10.711  13.730  -7.430  1.00 0.00 ? 6  PRO X CB   1 
ATOM 6    C CG   . PRO A 1 6  ? 11.047  12.584  -8.383  1.00 0.00 ? 6  PRO X CG   1 
ATOM 7    C CD   . PRO A 1 6  ? 12.259  11.924  -7.729  1.00 0.00 ? 6  PRO X CD   1 
ATOM 8    H HA   . PRO A 1 6  ? 11.542  14.018  -5.467  1.00 0.00 ? 6  PRO X HA   1 
ATOM 9    H HB2  . PRO A 1 6  ? 9.655   13.995  -7.475  1.00 0.00 ? 6  PRO X HB2  1 
ATOM 10   H HB3  . PRO A 1 6  ? 11.328  14.595  -7.678  1.00 0.00 ? 6  PRO X HB3  1 
ATOM 11   H HG2  . PRO A 1 6  ? 10.222  11.875  -8.417  1.00 0.00 ? 6  PRO X HG2  1 
ATOM 12   H HG3  . PRO A 1 6  ? 11.279  12.946  -9.385  1.00 0.00 ? 6  PRO X HG3  1 
ATOM 13   H HD2  . PRO A 1 6  ? 12.257  10.853  -7.937  1.00 0.00 ? 6  PRO X HD2  1 
ATOM 14   H HD3  . PRO A 1 6  ? 13.173  12.382  -8.110  1.00 0.00 ? 6  PRO X HD3  1 
ATOM 15   N N    . LEU A 1 7  ? 9.593   11.347  -5.504  1.00 0.00 ? 7  LEU X N    1 
ATOM 16   C CA   . LEU A 1 7  ? 8.727   10.551  -4.645  1.00 0.00 ? 7  LEU X CA   1 
ATOM 17   C C    . LEU A 1 7  ? 9.573   9.715   -3.674  1.00 0.00 ? 7  LEU X C    1 
ATOM 18   O O    . LEU A 1 7  ? 10.619  9.175   -4.031  1.00 0.00 ? 7  LEU X O    1 
ATOM 19   C CB   . LEU A 1 7  ? 7.696   9.722   -5.440  1.00 0.00 ? 7  LEU X CB   1 
ATOM 20   C CG   . LEU A 1 7  ? 8.162   9.173   -6.793  1.00 0.00 ? 7  LEU X CG   1 
ATOM 21   C CD1  . LEU A 1 7  ? 7.484   7.834   -7.105  1.00 0.00 ? 7  LEU X CD1  1 
ATOM 22   C CD2  . LEU A 1 7  ? 7.828   10.152  -7.936  1.00 0.00 ? 7  LEU X CD2  1 
ATOM 23   H H    . LEU A 1 7  ? 10.064  10.831  -6.229  1.00 0.00 ? 7  LEU X H    1 
ATOM 24   H HA   . LEU A 1 7  ? 8.143   11.223  -4.046  1.00 0.00 ? 7  LEU X HA   1 
ATOM 25   H HB2  . LEU A 1 7  ? 7.370   8.898   -4.806  1.00 0.00 ? 7  LEU X HB2  1 
ATOM 26   H HB3  . LEU A 1 7  ? 6.821   10.341  -5.614  1.00 0.00 ? 7  LEU X HB3  1 
ATOM 27   H HG   . LEU A 1 7  ? 9.237   9.044   -6.715  1.00 0.00 ? 7  LEU X HG   1 
ATOM 28   H HD11 . LEU A 1 7  ? 6.418   7.904   -6.902  1.00 0.00 ? 7  LEU X HD11 1 
ATOM 29   H HD12 . LEU A 1 7  ? 7.900   7.053   -6.480  1.00 0.00 ? 7  LEU X HD12 1 
ATOM 30   H HD13 . LEU A 1 7  ? 7.649   7.552   -8.145  1.00 0.00 ? 7  LEU X HD13 1 
ATOM 31   H HD21 . LEU A 1 7  ? 6.749   10.188  -8.091  1.00 0.00 ? 7  LEU X HD21 1 
ATOM 32   H HD22 . LEU A 1 7  ? 8.307   9.818   -8.856  1.00 0.00 ? 7  LEU X HD22 1 
ATOM 33   H HD23 . LEU A 1 7  ? 8.172   11.156  -7.701  1.00 0.00 ? 7  LEU X HD23 1 
ATOM 34   N N    . LYS A 1 8  ? 9.136   9.633   -2.417  1.00 0.00 ? 8  LYS X N    1 
ATOM 35   C CA   . LYS A 1 8  ? 9.814   8.925   -1.333  1.00 0.00 ? 8  LYS X CA   1 
ATOM 36   C C    . LYS A 1 8  ? 9.325   7.493   -1.156  1.00 0.00 ? 8  LYS X C    1 
ATOM 37   O O    . LYS A 1 8  ? 8.125   7.236   -1.190  1.00 0.00 ? 8  LYS X O    1 
ATOM 38   C CB   . LYS A 1 8  ? 9.609   9.697   -0.025  1.00 0.00 ? 8  LYS X CB   1 
ATOM 39   C CG   . LYS A 1 8  ? 10.438  10.971  -0.090  1.00 0.00 ? 8  LYS X CG   1 
ATOM 40   C CD   . LYS A 1 8  ? 10.461  11.694  1.265   1.00 0.00 ? 8  LYS X CD   1 
ATOM 41   C CE   . LYS A 1 8  ? 11.366  12.931  1.199   1.00 0.00 ? 8  LYS X CE   1 
ATOM 42   N NZ   . LYS A 1 8  ? 11.342  13.703  2.470   1.00 0.00 ? 8  LYS X NZ   1 
ATOM 43   H H    . LYS A 1 8  ? 8.266   10.091  -2.186  1.00 0.00 ? 8  LYS X H    1 
ATOM 44   H HA   . LYS A 1 8  ? 10.878  8.872   -1.568  1.00 0.00 ? 8  LYS X HA   1 
ATOM 45   H HB2  . LYS A 1 8  ? 8.551   9.929   0.119   1.00 0.00 ? 8  LYS X HB2  1 
ATOM 46   H HB3  . LYS A 1 8  ? 9.955   9.084   0.809   1.00 0.00 ? 8  LYS X HB3  1 
ATOM 47   H HG2  . LYS A 1 8  ? 11.433  10.653  -0.391  1.00 0.00 ? 8  LYS X HG2  1 
ATOM 48   H HG3  . LYS A 1 8  ? 10.038  11.637  -0.855  1.00 0.00 ? 8  LYS X HG3  1 
ATOM 49   H HD2  . LYS A 1 8  ? 9.440   11.991  1.514   1.00 0.00 ? 8  LYS X HD2  1 
ATOM 50   H HD3  . LYS A 1 8  ? 10.828  11.009  2.033   1.00 0.00 ? 8  LYS X HD3  1 
ATOM 51   H HE2  . LYS A 1 8  ? 12.387  12.606  0.976   1.00 0.00 ? 8  LYS X HE2  1 
ATOM 52   H HE3  . LYS A 1 8  ? 11.037  13.567  0.371   1.00 0.00 ? 8  LYS X HE3  1 
ATOM 53   H HZ1  . LYS A 1 8  ? 10.414  14.073  2.638   1.00 0.00 ? 8  LYS X HZ1  1 
ATOM 54   H HZ2  . LYS A 1 8  ? 11.995  14.476  2.427   1.00 0.00 ? 8  LYS X HZ2  1 
ATOM 55   H HZ3  . LYS A 1 8  ? 11.602  13.119  3.255   1.00 0.00 ? 8  LYS X HZ3  1 
ATOM 56   N N    . THR A 1 9  ? 10.271  6.585   -0.909  1.00 0.00 ? 9  THR X N    1 
ATOM 57   C CA   . THR A 1 9  ? 9.982   5.150   -0.736  1.00 0.00 ? 9  THR X CA   1 
ATOM 58   C C    . THR A 1 9  ? 9.882   4.800   0.740   1.00 0.00 ? 9  THR X C    1 
ATOM 59   O O    . THR A 1 9  ? 10.539  5.414   1.577   1.00 0.00 ? 9  THR X O    1 
ATOM 60   C CB   . THR A 1 9  ? 10.949  4.263   -1.523  1.00 0.00 ? 9  THR X CB   1 
ATOM 61   O OG1  . THR A 1 9  ? 10.334  3.022   -1.760  1.00 0.00 ? 9  THR X OG1  1 
ATOM 62   C CG2  . THR A 1 9  ? 12.307  4.053   -0.853  1.00 0.00 ? 9  THR X CG2  1 
ATOM 63   H H    . THR A 1 9  ? 11.210  6.935   -0.774  1.00 0.00 ? 9  THR X H    1 
ATOM 64   H HA   . THR A 1 9  ? 8.999   4.958   -1.165  1.00 0.00 ? 9  THR X HA   1 
ATOM 65   H HB   . THR A 1 9  ? 11.112  4.717   -2.493  1.00 0.00 ? 9  THR X HB   1 
ATOM 66   H HG1  . THR A 1 9  ? 9.771   3.124   -2.547  1.00 0.00 ? 9  THR X HG1  1 
ATOM 67   H HG21 . THR A 1 9  ? 12.770  5.018   -0.648  1.00 0.00 ? 9  THR X HG21 1 
ATOM 68   H HG22 . THR A 1 9  ? 12.954  3.484   -1.520  1.00 0.00 ? 9  THR X HG22 1 
ATOM 69   H HG23 . THR A 1 9  ? 12.188  3.504   0.080   1.00 0.00 ? 9  THR X HG23 1 
ATOM 70   N N    . GLN A 1 10 ? 9.016   3.840   1.028   1.00 0.00 ? 10 GLN X N    1 
ATOM 71   C CA   . GLN A 1 10 ? 8.449   3.557   2.342   1.00 0.00 ? 10 GLN X CA   1 
ATOM 72   C C    . GLN A 1 10 ? 7.925   2.114   2.358   1.00 0.00 ? 10 GLN X C    1 
ATOM 73   O O    . GLN A 1 10 ? 7.348   1.659   1.369   1.00 0.00 ? 10 GLN X O    1 
ATOM 74   C CB   . GLN A 1 10 ? 7.312   4.572   2.590   1.00 0.00 ? 10 GLN X CB   1 
ATOM 75   C CG   . GLN A 1 10 ? 6.460   4.325   3.844   1.00 0.00 ? 10 GLN X CG   1 
ATOM 76   C CD   . GLN A 1 10 ? 7.233   4.514   5.147   1.00 0.00 ? 10 GLN X CD   1 
ATOM 77   O OE1  . GLN A 1 10 ? 8.230   3.845   5.392   1.00 0.00 ? 10 GLN X OE1  1 
ATOM 78   N NE2  . GLN A 1 10 ? 6.821   5.427   6.005   1.00 0.00 ? 10 GLN X NE2  1 
ATOM 79   H H    . GLN A 1 10 ? 8.559   3.403   0.236   1.00 0.00 ? 10 GLN X H    1 
ATOM 80   H HA   . GLN A 1 10 ? 9.216   3.672   3.108   1.00 0.00 ? 10 GLN X HA   1 
ATOM 81   H HB2  . GLN A 1 10 ? 7.743   5.572   2.656   1.00 0.00 ? 10 GLN X HB2  1 
ATOM 82   H HB3  . GLN A 1 10 ? 6.641   4.558   1.731   1.00 0.00 ? 10 GLN X HB3  1 
ATOM 83   H HG2  . GLN A 1 10 ? 5.633   5.028   3.815   1.00 0.00 ? 10 GLN X HG2  1 
ATOM 84   H HG3  . GLN A 1 10 ? 6.025   3.327   3.825   1.00 0.00 ? 10 GLN X HG3  1 
ATOM 85   H HE21 . GLN A 1 10 ? 5.923   5.897   5.840   1.00 0.00 ? 10 GLN X HE21 1 
ATOM 86   H HE22 . GLN A 1 10 ? 7.320   5.508   6.881   1.00 0.00 ? 10 GLN X HE22 1 
ATOM 87   N N    . GLN A 1 11 ? 8.064   1.402   3.485   1.00 0.00 ? 11 GLN X N    1 
ATOM 88   C CA   . GLN A 1 11 ? 7.389   0.152   3.755   1.00 0.00 ? 11 GLN X CA   1 
ATOM 89   C C    . GLN A 1 11 ? 6.674   0.143   5.117   1.00 0.00 ? 11 GLN X C    1 
ATOM 90   O O    . GLN A 1 11 ? 7.229   0.552   6.135   1.00 0.00 ? 11 GLN X O    1 
ATOM 91   C CB   . GLN A 1 11 ? 8.374   -1.013  3.627   1.00 0.00 ? 11 GLN X CB   1 
ATOM 92   C CG   . GLN A 1 11 ? 9.447   -1.163  4.730   1.00 0.00 ? 11 GLN X CG   1 
ATOM 93   C CD   . GLN A 1 11 ? 10.343  -2.395  4.543   1.00 0.00 ? 11 GLN X CD   1 
ATOM 94   O OE1  . GLN A 1 11 ? 10.289  -3.377  5.280   1.00 0.00 ? 11 GLN X OE1  1 
ATOM 95   N NE2  . GLN A 1 11 ? 11.216  -2.394  3.556   1.00 0.00 ? 11 GLN X NE2  1 
ATOM 96   H H    . GLN A 1 11 ? 8.546   1.776   4.278   1.00 0.00 ? 11 GLN X H    1 
ATOM 97   H HA   . GLN A 1 11 ? 6.623   0.032   2.996   1.00 0.00 ? 11 GLN X HA   1 
ATOM 98   H HB2  . GLN A 1 11 ? 7.744   -1.874  3.669   1.00 0.00 ? 11 GLN X HB2  1 
ATOM 99   H HB3  . GLN A 1 11 ? 8.848   -0.979  2.645   1.00 0.00 ? 11 GLN X HB3  1 
ATOM 100  H HG2  . GLN A 1 11 ? 10.073  -0.271  4.741   1.00 0.00 ? 11 GLN X HG2  1 
ATOM 101  H HG3  . GLN A 1 11 ? 8.964   -1.254  5.701   1.00 0.00 ? 11 GLN X HG3  1 
ATOM 102  H HE21 . GLN A 1 11 ? 11.280  -1.609  2.931   1.00 0.00 ? 11 GLN X HE21 1 
ATOM 103  H HE22 . GLN A 1 11 ? 11.807  -3.199  3.463   1.00 0.00 ? 11 GLN X HE22 1 
ATOM 104  N N    . MET A 1 12 ? 5.451   -0.392  5.138   1.00 0.00 ? 12 MET X N    1 
ATOM 105  C CA   . MET A 1 12 ? 4.639   -0.610  6.341   1.00 0.00 ? 12 MET X CA   1 
ATOM 106  C C    . MET A 1 12 ? 4.597   -2.081  6.761   1.00 0.00 ? 12 MET X C    1 
ATOM 107  O O    . MET A 1 12 ? 4.954   -2.969  5.986   1.00 0.00 ? 12 MET X O    1 
ATOM 108  C CB   . MET A 1 12 ? 3.214   -0.094  6.090   1.00 0.00 ? 12 MET X CB   1 
ATOM 109  C CG   . MET A 1 12 ? 2.420   -0.953  5.109   1.00 0.00 ? 12 MET X CG   1 
ATOM 110  S SD   . MET A 1 12 ? 1.275   0.002   4.096   1.00 0.00 ? 12 MET X SD   1 
ATOM 111  C CE   . MET A 1 12 ? 2.507   0.847   3.065   1.00 0.00 ? 12 MET X CE   1 
ATOM 112  H H    . MET A 1 12 ? 5.067   -0.724  4.260   1.00 0.00 ? 12 MET X H    1 
ATOM 113  H HA   . MET A 1 12 ? 5.067   -0.045  7.167   1.00 0.00 ? 12 MET X HA   1 
ATOM 114  H HB2  . MET A 1 12 ? 2.657   -0.075  7.022   1.00 0.00 ? 12 MET X HB2  1 
ATOM 115  H HB3  . MET A 1 12 ? 3.279   0.926   5.715   1.00 0.00 ? 12 MET X HB3  1 
ATOM 116  H HG2  . MET A 1 12 ? 3.108   -1.471  4.446   1.00 0.00 ? 12 MET X HG2  1 
ATOM 117  H HG3  . MET A 1 12 ? 1.865   -1.707  5.667   1.00 0.00 ? 12 MET X HG3  1 
ATOM 118  H HE1  . MET A 1 12 ? 3.507   0.466   3.252   1.00 0.00 ? 12 MET X HE1  1 
ATOM 119  H HE2  . MET A 1 12 ? 2.275   0.708   2.010   1.00 0.00 ? 12 MET X HE2  1 
ATOM 120  H HE3  . MET A 1 12 ? 2.507   1.912   3.301   1.00 0.00 ? 12 MET X HE3  1 
ATOM 121  N N    . GLN A 1 13 ? 4.066   -2.338  7.956   1.00 0.00 ? 13 GLN X N    1 
ATOM 122  C CA   . GLN A 1 13 ? 3.642   -3.667  8.398   1.00 0.00 ? 13 GLN X CA   1 
ATOM 123  C C    . GLN A 1 13 ? 2.122   -3.821  8.224   1.00 0.00 ? 13 GLN X C    1 
ATOM 124  O O    . GLN A 1 13 ? 1.399   -2.829  8.153   1.00 0.00 ? 13 GLN X O    1 
ATOM 125  C CB   . GLN A 1 13 ? 4.124   -3.867  9.840   1.00 0.00 ? 13 GLN X CB   1 
ATOM 126  C CG   . GLN A 1 13 ? 4.041   -5.322  10.315  1.00 0.00 ? 13 GLN X CG   1 
ATOM 127  C CD   . GLN A 1 13 ? 4.877   -5.504  11.574  1.00 0.00 ? 13 GLN X CD   1 
ATOM 128  O OE1  . GLN A 1 13 ? 6.080   -5.710  11.510  1.00 0.00 ? 13 GLN X OE1  1 
ATOM 129  N NE2  . GLN A 1 13 ? 4.305   -5.381  12.756  1.00 0.00 ? 13 GLN X NE2  1 
ATOM 130  H H    . GLN A 1 13 ? 3.776   -1.547  8.525   1.00 0.00 ? 13 GLN X H    1 
ATOM 131  H HA   . GLN A 1 13 ? 4.114   -4.421  7.772   1.00 0.00 ? 13 GLN X HA   1 
ATOM 132  H HB2  . GLN A 1 13 ? 5.171   -3.559  9.890   1.00 0.00 ? 13 GLN X HB2  1 
ATOM 133  H HB3  . GLN A 1 13 ? 3.555   -3.230  10.515  1.00 0.00 ? 13 GLN X HB3  1 
ATOM 134  H HG2  . GLN A 1 13 ? 3.003   -5.590  10.514  1.00 0.00 ? 13 GLN X HG2  1 
ATOM 135  H HG3  . GLN A 1 13 ? 4.438   -5.985  9.545   1.00 0.00 ? 13 GLN X HG3  1 
ATOM 136  H HE21 . GLN A 1 13 ? 3.319   -5.209  12.850  1.00 0.00 ? 13 GLN X HE21 1 
ATOM 137  H HE22 . GLN A 1 13 ? 4.910   -5.477  13.554  1.00 0.00 ? 13 GLN X HE22 1 
ATOM 138  N N    . VAL A 1 14 ? 1.640   -5.057  8.072   1.00 0.00 ? 14 VAL X N    1 
ATOM 139  C CA   . VAL A 1 14 ? 0.327   -5.371  7.490   1.00 0.00 ? 14 VAL X CA   1 
ATOM 140  C C    . VAL A 1 14 ? -0.290  -6.569  8.211   1.00 0.00 ? 14 VAL X C    1 
ATOM 141  O O    . VAL A 1 14 ? 0.414   -7.519  8.550   1.00 0.00 ? 14 VAL X O    1 
ATOM 142  C CB   . VAL A 1 14 ? 0.471   -5.686  5.983   1.00 0.00 ? 14 VAL X CB   1 
ATOM 143  C CG1  . VAL A 1 14 ? -0.886  -5.954  5.323   1.00 0.00 ? 14 VAL X CG1  1 
ATOM 144  C CG2  . VAL A 1 14 ? 1.136   -4.525  5.225   1.00 0.00 ? 14 VAL X CG2  1 
ATOM 145  H H    . VAL A 1 14 ? 2.289   -5.845  8.115   1.00 0.00 ? 14 VAL X H    1 
ATOM 146  H HA   . VAL A 1 14 ? -0.336  -4.513  7.609   1.00 0.00 ? 14 VAL X HA   1 
ATOM 147  H HB   . VAL A 1 14 ? 1.096   -6.578  5.857   1.00 0.00 ? 14 VAL X HB   1 
ATOM 148  H HG11 . VAL A 1 14 ? -1.305  -6.894  5.681   1.00 0.00 ? 14 VAL X HG11 1 
ATOM 149  H HG12 . VAL A 1 14 ? -1.579  -5.139  5.535   1.00 0.00 ? 14 VAL X HG12 1 
ATOM 150  H HG13 . VAL A 1 14 ? -0.746  -6.027  4.247   1.00 0.00 ? 14 VAL X HG13 1 
ATOM 151  H HG21 . VAL A 1 14 ? 2.128   -4.312  5.610   1.00 0.00 ? 14 VAL X HG21 1 
ATOM 152  H HG22 . VAL A 1 14 ? 1.251   -4.808  4.186   1.00 0.00 ? 14 VAL X HG22 1 
ATOM 153  H HG23 . VAL A 1 14 ? 0.522   -3.627  5.297   1.00 0.00 ? 14 VAL X HG23 1 
ATOM 154  N N    . GLY A 1 15 ? -1.607  -6.519  8.439   1.00 0.00 ? 15 GLY X N    1 
ATOM 155  C CA   . GLY A 1 15 ? -2.318  -7.478  9.293   1.00 0.00 ? 15 GLY X CA   1 
ATOM 156  C C    . GLY A 1 15 ? -2.843  -8.744  8.612   1.00 0.00 ? 15 GLY X C    1 
ATOM 157  O O    . GLY A 1 15 ? -3.239  -9.661  9.326   1.00 0.00 ? 15 GLY X O    1 
ATOM 158  H H    . GLY A 1 15 ? -2.099  -5.685  8.128   1.00 0.00 ? 15 GLY X H    1 
ATOM 159  H HA2  . GLY A 1 15 ? -1.658  -7.802  10.099  1.00 0.00 ? 15 GLY X HA2  1 
ATOM 160  H HA3  . GLY A 1 15 ? -3.185  -6.981  9.721   1.00 0.00 ? 15 GLY X HA3  1 
ATOM 161  N N    . GLY A 1 16 ? -2.874  -8.820  7.271   1.00 0.00 ? 16 GLY X N    1 
ATOM 162  C CA   . GLY A 1 16 ? -3.498  -9.968  6.588   1.00 0.00 ? 16 GLY X CA   1 
ATOM 163  C C    . GLY A 1 16 ? -3.416  -10.071 5.058   1.00 0.00 ? 16 GLY X C    1 
ATOM 164  O O    . GLY A 1 16 ? -4.208  -10.801 4.459   1.00 0.00 ? 16 GLY X O    1 
ATOM 165  H H    . GLY A 1 16 ? -2.563  -8.021  6.742   1.00 0.00 ? 16 GLY X H    1 
ATOM 166  H HA2  . GLY A 1 16 ? -3.059  -10.881 6.990   1.00 0.00 ? 16 GLY X HA2  1 
ATOM 167  H HA3  . GLY A 1 16 ? -4.545  -9.984  6.885   1.00 0.00 ? 16 GLY X HA3  1 
ATOM 168  N N    . MET A 1 17 ? -2.475  -9.380  4.409   1.00 0.00 ? 17 MET X N    1 
ATOM 169  C CA   . MET A 1 17 ? -2.159  -9.582  2.983   1.00 0.00 ? 17 MET X CA   1 
ATOM 170  C C    . MET A 1 17 ? -1.556  -10.974 2.748   1.00 0.00 ? 17 MET X C    1 
ATOM 171  O O    . MET A 1 17 ? -0.350  -11.185 2.847   1.00 0.00 ? 17 MET X O    1 
ATOM 172  C CB   . MET A 1 17 ? -1.237  -8.470  2.462   1.00 0.00 ? 17 MET X CB   1 
ATOM 173  C CG   . MET A 1 17 ? -2.003  -7.293  1.841   1.00 0.00 ? 17 MET X CG   1 
ATOM 174  S SD   . MET A 1 17 ? -3.190  -6.424  2.904   1.00 0.00 ? 17 MET X SD   1 
ATOM 175  C CE   . MET A 1 17 ? -4.752  -7.108  2.306   1.00 0.00 ? 17 MET X CE   1 
ATOM 176  H H    . MET A 1 17 ? -1.854  -8.804  4.949   1.00 0.00 ? 17 MET X H    1 
ATOM 177  H HA   . MET A 1 17 ? -3.067  -9.538  2.376   1.00 0.00 ? 17 MET X HA   1 
ATOM 178  H HB2  . MET A 1 17 ? -0.594  -8.121  3.269   1.00 0.00 ? 17 MET X HB2  1 
ATOM 179  H HB3  . MET A 1 17 ? -0.599  -8.877  1.676   1.00 0.00 ? 17 MET X HB3  1 
ATOM 180  H HG2  . MET A 1 17 ? -1.264  -6.563  1.510   1.00 0.00 ? 17 MET X HG2  1 
ATOM 181  H HG3  . MET A 1 17 ? -2.520  -7.648  0.950   1.00 0.00 ? 17 MET X HG3  1 
ATOM 182  H HE1  . MET A 1 17 ? -5.001  -7.998  2.886   1.00 0.00 ? 17 MET X HE1  1 
ATOM 183  H HE2  . MET A 1 17 ? -5.540  -6.368  2.448   1.00 0.00 ? 17 MET X HE2  1 
ATOM 184  H HE3  . MET A 1 17 ? -4.686  -7.357  1.249   1.00 0.00 ? 17 MET X HE3  1 
ATOM 185  N N    . ASP A 1 18 ? -2.435  -11.897 2.369   1.00 0.00 ? 18 ASP X N    1 
ATOM 186  C CA   . ASP A 1 18 ? -2.160  -13.047 1.510   1.00 0.00 ? 18 ASP X CA   1 
ATOM 187  C C    . ASP A 1 18 ? -1.588  -12.609 0.132   1.00 0.00 ? 18 ASP X C    1 
ATOM 188  O O    . ASP A 1 18 ? -1.512  -11.429 -0.216  1.00 0.00 ? 18 ASP X O    1 
ATOM 189  C CB   . ASP A 1 18 ? -3.471  -13.880 1.449   1.00 0.00 ? 18 ASP X CB   1 
ATOM 190  C CG   . ASP A 1 18 ? -3.681  -14.682 0.162   1.00 0.00 ? 18 ASP X CG   1 
ATOM 191  O OD1  . ASP A 1 18 ? -2.974  -15.697 -0.040  1.00 0.00 ? 18 ASP X OD1  1 
ATOM 192  O OD2  . ASP A 1 18 ? -4.439  -14.192 -0.702  1.00 0.00 ? 18 ASP X OD2  1 
ATOM 193  H H    . ASP A 1 18 ? -3.403  -11.704 2.567   1.00 0.00 ? 18 ASP X H    1 
ATOM 194  H HA   . ASP A 1 18 ? -1.396  -13.665 1.987   1.00 0.00 ? 18 ASP X HA   1 
ATOM 195  H HB2  . ASP A 1 18 ? -3.488  -14.562 2.300   1.00 0.00 ? 18 ASP X HB2  1 
ATOM 196  H HB3  . ASP A 1 18 ? -4.328  -13.211 1.563   1.00 0.00 ? 18 ASP X HB3  1 
ATOM 197  N N    . CYS A 1 19 ? -1.201  -13.587 -0.680  1.00 0.00 ? 19 CYS X N    1 
ATOM 198  C CA   . CYS A 1 19 ? -0.781  -13.412 -2.065  1.00 0.00 ? 19 CYS X CA   1 
ATOM 199  C C    . CYS A 1 19 ? -1.963  -13.711 -3.003  1.00 0.00 ? 19 CYS X C    1 
ATOM 200  O O    . CYS A 1 19 ? -2.442  -12.796 -3.683  1.00 0.00 ? 19 CYS X O    1 
ATOM 201  C CB   . CYS A 1 19 ? 0.433   -14.326 -2.287  1.00 0.00 ? 19 CYS X CB   1 
ATOM 202  S SG   . CYS A 1 19 ? 1.071   -14.101 -3.969  1.00 0.00 ? 19 CYS X SG   1 
ATOM 203  H H    . CYS A 1 19 ? -1.517  -14.508 -0.394  1.00 0.00 ? 19 CYS X H    1 
ATOM 204  H HA   . CYS A 1 19 ? -0.477  -12.380 -2.236  1.00 0.00 ? 19 CYS X HA   1 
ATOM 205  H HB2  . CYS A 1 19 ? 1.210   -14.069 -1.563  1.00 0.00 ? 19 CYS X HB2  1 
ATOM 206  H HB3  . CYS A 1 19 ? 0.152   -15.372 -2.136  1.00 0.00 ? 19 CYS X HB3  1 
ATOM 207  H HG   . CYS A 1 19 ? 1.922   -15.136 -3.966  1.00 0.00 ? 19 CYS X HG   1 
ATOM 208  N N    . THR A 1 20 ? -2.429  -14.969 -2.951  1.00 0.00 ? 20 THR X N    1 
ATOM 209  C CA   . THR A 1 20 ? -3.431  -15.680 -3.766  1.00 0.00 ? 20 THR X CA   1 
ATOM 210  C C    . THR A 1 20 ? -4.586  -14.816 -4.239  1.00 0.00 ? 20 THR X C    1 
ATOM 211  O O    . THR A 1 20 ? -4.997  -14.894 -5.390  1.00 0.00 ? 20 THR X O    1 
ATOM 212  C CB   . THR A 1 20 ? -3.989  -16.863 -2.950  1.00 0.00 ? 20 THR X CB   1 
ATOM 213  O OG1  . THR A 1 20 ? -2.989  -17.415 -2.121  1.00 0.00 ? 20 THR X OG1  1 
ATOM 214  C CG2  . THR A 1 20 ? -4.509  -17.977 -3.857  1.00 0.00 ? 20 THR X CG2  1 
ATOM 215  H H    . THR A 1 20 ? -2.014  -15.549 -2.235  1.00 0.00 ? 20 THR X H    1 
ATOM 216  H HA   . THR A 1 20 ? -2.943  -16.076 -4.656  1.00 0.00 ? 20 THR X HA   1 
ATOM 217  H HB   . THR A 1 20 ? -4.804  -16.518 -2.310  1.00 0.00 ? 20 THR X HB   1 
ATOM 218  H HG1  . THR A 1 20 ? -3.034  -16.940 -1.263  1.00 0.00 ? 20 THR X HG1  1 
ATOM 219  H HG21 . THR A 1 20 ? -3.702  -18.349 -4.489  1.00 0.00 ? 20 THR X HG21 1 
ATOM 220  H HG22 . THR A 1 20 ? -4.890  -18.795 -3.246  1.00 0.00 ? 20 THR X HG22 1 
ATOM 221  H HG23 . THR A 1 20 ? -5.316  -17.600 -4.485  1.00 0.00 ? 20 THR X HG23 1 
ATOM 222  N N    . SER A 1 21 ? -5.112  -13.968 -3.370  1.00 0.00 ? 21 SER X N    1 
ATOM 223  C CA   . SER A 1 21 ? -6.101  -12.947 -3.689  1.00 0.00 ? 21 SER X CA   1 
ATOM 224  C C    . SER A 1 21 ? -6.050  -11.816 -2.657  1.00 0.00 ? 21 SER X C    1 
ATOM 225  O O    . SER A 1 21 ? -7.023  -11.592 -1.935  1.00 0.00 ? 21 SER X O    1 
ATOM 226  C CB   . SER A 1 21 ? -7.497  -13.571 -3.836  1.00 0.00 ? 21 SER X CB   1 
ATOM 227  O OG   . SER A 1 21 ? -7.616  -14.196 -5.099  1.00 0.00 ? 21 SER X OG   1 
ATOM 228  H H    . SER A 1 21 ? -4.774  -14.022 -2.405  1.00 0.00 ? 21 SER X H    1 
ATOM 229  H HA   . SER A 1 21 ? -5.842  -12.511 -4.647  1.00 0.00 ? 21 SER X HA   1 
ATOM 230  H HB2  . SER A 1 21 ? -7.664  -14.296 -3.037  1.00 0.00 ? 21 SER X HB2  1 
ATOM 231  H HB3  . SER A 1 21 ? -8.259  -12.793 -3.773  1.00 0.00 ? 21 SER X HB3  1 
ATOM 232  H HG   . SER A 1 21 ? -6.784  -14.671 -5.290  1.00 0.00 ? 21 SER X HG   1 
ATOM 233  N N    . CYS A 1 22 ? -4.921  -11.081 -2.605  1.00 0.00 ? 22 CYS X N    1 
ATOM 234  C CA   . CYS A 1 22 ? -4.649  -10.050 -1.588  1.00 0.00 ? 22 CYS X CA   1 
ATOM 235  C C    . CYS A 1 22 ? -3.488  -9.130  -1.947  1.00 0.00 ? 22 CYS X C    1 
ATOM 236  O O    . CYS A 1 22 ? -3.696  -7.917  -1.904  1.00 0.00 ? 22 CYS X O    1 
ATOM 237  C CB   . CYS A 1 22 ? -4.492  -10.672 -0.191  1.00 0.00 ? 22 CYS X CB   1 
ATOM 238  S SG   . CYS A 1 22 ? -5.848  -10.165 0.904   1.00 0.00 ? 22 CYS X SG   1 
ATOM 239  H H    . CYS A 1 22 ? -4.197  -11.253 -3.303  1.00 0.00 ? 22 CYS X H    1 
ATOM 240  H HA   . CYS A 1 22 ? -5.487  -9.371  -1.554  1.00 0.00 ? 22 CYS X HA   1 
ATOM 241  H HB2  . CYS A 1 22 ? -4.457  -11.758 -0.269  1.00 0.00 ? 22 CYS X HB2  1 
ATOM 242  H HB3  . CYS A 1 22 ? -3.556  -10.333 0.248   1.00 0.00 ? 22 CYS X HB3  1 
ATOM 243  H HG   . CYS A 1 22 ? -5.449  -10.808 2.013   1.00 0.00 ? 22 CYS X HG   1 
ATOM 244  N N    . LYS A 1 23 ? -2.349  -9.648  -2.436  1.00 0.00 ? 23 LYS X N    1 
ATOM 245  C CA   . LYS A 1 23 ? -1.326  -8.766  -3.029  1.00 0.00 ? 23 LYS X CA   1 
ATOM 246  C C    . LYS A 1 23 ? -1.961  -7.894  -4.126  1.00 0.00 ? 23 LYS X C    1 
ATOM 247  O O    . LYS A 1 23 ? -1.945  -6.662  -4.050  1.00 0.00 ? 23 LYS X O    1 
ATOM 248  C CB   . LYS A 1 23 ? -0.065  -9.530  -3.507  1.00 0.00 ? 23 LYS X CB   1 
ATOM 249  C CG   . LYS A 1 23 ? -0.136  -10.415 -4.763  1.00 0.00 ? 23 LYS X CG   1 
ATOM 250  C CD   . LYS A 1 23 ? 1.242   -10.849 -5.297  1.00 0.00 ? 23 LYS X CD   1 
ATOM 251  C CE   . LYS A 1 23 ? 1.834   -9.895  -6.354  1.00 0.00 ? 23 LYS X CE   1 
ATOM 252  N NZ   . LYS A 1 23 ? 2.495   -8.694  -5.794  1.00 0.00 ? 23 LYS X NZ   1 
ATOM 253  H H    . LYS A 1 23 ? -2.165  -10.639 -2.327  1.00 0.00 ? 23 LYS X H    1 
ATOM 254  H HA   . LYS A 1 23 ? -1.009  -8.088  -2.235  1.00 0.00 ? 23 LYS X HA   1 
ATOM 255  H HB2  . LYS A 1 23 ? 0.671   -8.775  -3.737  1.00 0.00 ? 23 LYS X HB2  1 
ATOM 256  H HB3  . LYS A 1 23 ? 0.317   -10.125 -2.676  1.00 0.00 ? 23 LYS X HB3  1 
ATOM 257  H HG2  . LYS A 1 23 ? -0.702  -11.308 -4.517  1.00 0.00 ? 23 LYS X HG2  1 
ATOM 258  H HG3  . LYS A 1 23 ? -0.644  -9.898  -5.571  1.00 0.00 ? 23 LYS X HG3  1 
ATOM 259  H HD2  . LYS A 1 23 ? 1.943   -11.016 -4.477  1.00 0.00 ? 23 LYS X HD2  1 
ATOM 260  H HD3  . LYS A 1 23 ? 1.096   -11.807 -5.798  1.00 0.00 ? 23 LYS X HD3  1 
ATOM 261  H HE2  . LYS A 1 23 ? 2.558   -10.451 -6.954  1.00 0.00 ? 23 LYS X HE2  1 
ATOM 262  H HE3  . LYS A 1 23 ? 1.023   -9.571  -7.013  1.00 0.00 ? 23 LYS X HE3  1 
ATOM 263  H HZ1  . LYS A 1 23 ? 2.890   -8.103  -6.516  1.00 0.00 ? 23 LYS X HZ1  1 
ATOM 264  H HZ2  . LYS A 1 23 ? 3.206   -8.905  -5.112  1.00 0.00 ? 23 LYS X HZ2  1 
ATOM 265  H HZ3  . LYS A 1 23 ? 1.806   -8.069  -5.369  1.00 0.00 ? 23 LYS X HZ3  1 
ATOM 266  N N    . LEU A 1 24 ? -2.702  -8.560  -5.026  1.00 0.00 ? 24 LEU X N    1 
ATOM 267  C CA   . LEU A 1 24 ? -3.443  -7.952  -6.121  1.00 0.00 ? 24 LEU X CA   1 
ATOM 268  C C    . LEU A 1 24 ? -4.393  -6.864  -5.652  1.00 0.00 ? 24 LEU X C    1 
ATOM 269  O O    . LEU A 1 24 ? -4.406  -5.760  -6.184  1.00 0.00 ? 24 LEU X O    1 
ATOM 270  C CB   . LEU A 1 24 ? -4.242  -8.988  -6.944  1.00 0.00 ? 24 LEU X CB   1 
ATOM 271  C CG   . LEU A 1 24 ? -4.671  -10.325 -6.296  1.00 0.00 ? 24 LEU X CG   1 
ATOM 272  C CD1  . LEU A 1 24 ? -5.948  -10.823 -6.992  1.00 0.00 ? 24 LEU X CD1  1 
ATOM 273  C CD2  . LEU A 1 24 ? -3.580  -11.394 -6.444  1.00 0.00 ? 24 LEU X CD2  1 
ATOM 274  H H    . LEU A 1 24 ? -2.696  -9.566  -4.974  1.00 0.00 ? 24 LEU X H    1 
ATOM 275  H HA   . LEU A 1 24 ? -2.718  -7.467  -6.753  1.00 0.00 ? 24 LEU X HA   1 
ATOM 276  H HB2  . LEU A 1 24 ? -5.158  -8.476  -7.245  1.00 0.00 ? 24 LEU X HB2  1 
ATOM 277  H HB3  . LEU A 1 24 ? -3.691  -9.200  -7.861  1.00 0.00 ? 24 LEU X HB3  1 
ATOM 278  H HG   . LEU A 1 24 ? -4.889  -10.178 -5.234  1.00 0.00 ? 24 LEU X HG   1 
ATOM 279  H HD11 . LEU A 1 24 ? -6.772  -10.138 -6.794  1.00 0.00 ? 24 LEU X HD11 1 
ATOM 280  H HD12 . LEU A 1 24 ? -6.226  -11.813 -6.631  1.00 0.00 ? 24 LEU X HD12 1 
ATOM 281  H HD13 . LEU A 1 24 ? -5.787  -10.886 -8.070  1.00 0.00 ? 24 LEU X HD13 1 
ATOM 282  H HD21 . LEU A 1 24 ? -3.367  -11.574 -7.498  1.00 0.00 ? 24 LEU X HD21 1 
ATOM 283  H HD22 . LEU A 1 24 ? -3.912  -12.329 -5.994  1.00 0.00 ? 24 LEU X HD22 1 
ATOM 284  H HD23 . LEU A 1 24 ? -2.666  -11.082 -5.950  1.00 0.00 ? 24 LEU X HD23 1 
ATOM 285  N N    . LYS A 1 25 ? -5.193  -7.185  -4.638  1.00 0.00 ? 25 LYS X N    1 
ATOM 286  C CA   . LYS A 1 25 ? -6.266  -6.310  -4.184  1.00 0.00 ? 25 LYS X CA   1 
ATOM 287  C C    . LYS A 1 25 ? -5.756  -4.991  -3.588  1.00 0.00 ? 25 LYS X C    1 
ATOM 288  O O    . LYS A 1 25 ? -6.525  -4.028  -3.538  1.00 0.00 ? 25 LYS X O    1 
ATOM 289  C CB   . LYS A 1 25 ? -7.127  -7.056  -3.152  1.00 0.00 ? 25 LYS X CB   1 
ATOM 290  C CG   . LYS A 1 25 ? -7.779  -8.364  -3.624  1.00 0.00 ? 25 LYS X CG   1 
ATOM 291  C CD   . LYS A 1 25 ? -8.791  -8.935  -2.608  1.00 0.00 ? 25 LYS X CD   1 
ATOM 292  C CE   . LYS A 1 25 ? -8.209  -9.118  -1.194  1.00 0.00 ? 25 LYS X CE   1 
ATOM 293  N NZ   . LYS A 1 25 ? -8.941  -10.131 -0.398  1.00 0.00 ? 25 LYS X NZ   1 
ATOM 294  H H    . LYS A 1 25 ? -5.066  -8.078  -4.188  1.00 0.00 ? 25 LYS X H    1 
ATOM 295  H HA   . LYS A 1 25 ? -6.847  -6.021  -5.062  1.00 0.00 ? 25 LYS X HA   1 
ATOM 296  H HB2  . LYS A 1 25 ? -6.485  -7.280  -2.301  1.00 0.00 ? 25 LYS X HB2  1 
ATOM 297  H HB3  . LYS A 1 25 ? -7.919  -6.381  -2.838  1.00 0.00 ? 25 LYS X HB3  1 
ATOM 298  H HG2  . LYS A 1 25 ? -8.298  -8.183  -4.566  1.00 0.00 ? 25 LYS X HG2  1 
ATOM 299  H HG3  . LYS A 1 25 ? -7.000  -9.108  -3.801  1.00 0.00 ? 25 LYS X HG3  1 
ATOM 300  H HD2  . LYS A 1 25 ? -9.659  -8.276  -2.556  1.00 0.00 ? 25 LYS X HD2  1 
ATOM 301  H HD3  . LYS A 1 25 ? -9.122  -9.902  -2.990  1.00 0.00 ? 25 LYS X HD3  1 
ATOM 302  H HE2  . LYS A 1 25 ? -7.194  -9.507  -1.293  1.00 0.00 ? 25 LYS X HE2  1 
ATOM 303  H HE3  . LYS A 1 25 ? -8.155  -8.161  -0.671  1.00 0.00 ? 25 LYS X HE3  1 
ATOM 304  H HZ1  . LYS A 1 25 ? -8.860  -11.020 -0.883  1.00 0.00 ? 25 LYS X HZ1  1 
ATOM 305  H HZ2  . LYS A 1 25 ? -9.909  -9.880  -0.257  1.00 0.00 ? 25 LYS X HZ2  1 
ATOM 306  H HZ3  . LYS A 1 25 ? -8.482  -10.270 0.496   1.00 0.00 ? 25 LYS X HZ3  1 
ATOM 307  N N    . ILE A 1 26 ? -4.492  -4.947  -3.147  1.00 0.00 ? 26 ILE X N    1 
ATOM 308  C CA   . ILE A 1 26 ? -3.761  -3.704  -2.881  1.00 0.00 ? 26 ILE X CA   1 
ATOM 309  C C    . ILE A 1 26 ? -3.316  -3.079  -4.195  1.00 0.00 ? 26 ILE X C    1 
ATOM 310  O O    . ILE A 1 26 ? -3.855  -2.038  -4.575  1.00 0.00 ? 26 ILE X O    1 
ATOM 311  C CB   . ILE A 1 26 ? -2.578  -3.910  -1.897  1.00 0.00 ? 26 ILE X CB   1 
ATOM 312  C CG1  . ILE A 1 26 ? -3.020  -4.548  -0.563  1.00 0.00 ? 26 ILE X CG1  1 
ATOM 313  C CG2  . ILE A 1 26 ? -1.853  -2.570  -1.654  1.00 0.00 ? 26 ILE X CG2  1 
ATOM 314  C CD1  . ILE A 1 26 ? -4.058  -3.730  0.213   1.00 0.00 ? 26 ILE X CD1  1 
ATOM 315  H H    . ILE A 1 26 ? -3.963  -5.812  -3.181  1.00 0.00 ? 26 ILE X H    1 
ATOM 316  H HA   . ILE A 1 26 ? -4.435  -2.979  -2.438  1.00 0.00 ? 26 ILE X HA   1 
ATOM 317  H HB   . ILE A 1 26 ? -1.843  -4.583  -2.336  1.00 0.00 ? 26 ILE X HB   1 
ATOM 318  H HG12 . ILE A 1 26 ? -3.432  -5.538  -0.754  1.00 0.00 ? 26 ILE X HG12 1 
ATOM 319  H HG13 . ILE A 1 26 ? -2.139  -4.691  0.062   1.00 0.00 ? 26 ILE X HG13 1 
ATOM 320  H HG21 . ILE A 1 26 ? -1.132  -2.678  -0.846  1.00 0.00 ? 26 ILE X HG21 1 
ATOM 321  H HG22 . ILE A 1 26 ? -1.312  -2.267  -2.550  1.00 0.00 ? 26 ILE X HG22 1 
ATOM 322  H HG23 . ILE A 1 26 ? -2.559  -1.786  -1.387  1.00 0.00 ? 26 ILE X HG23 1 
ATOM 323  H HD11 . ILE A 1 26 ? -3.656  -2.747  0.450   1.00 0.00 ? 26 ILE X HD11 1 
ATOM 324  H HD12 . ILE A 1 26 ? -4.963  -3.609  -0.376  1.00 0.00 ? 26 ILE X HD12 1 
ATOM 325  H HD13 . ILE A 1 26 ? -4.309  -4.246  1.139   1.00 0.00 ? 26 ILE X HD13 1 
ATOM 326  N N    . GLU A 1 27 ? -2.328  -3.701  -4.844  1.00 0.00 ? 27 GLU X N    1 
ATOM 327  C CA   . GLU A 1 27 ? -1.435  -3.059  -5.809  1.00 0.00 ? 27 GLU X CA   1 
ATOM 328  C C    . GLU A 1 27 ? -2.224  -2.466  -6.986  1.00 0.00 ? 27 GLU X C    1 
ATOM 329  O O    . GLU A 1 27 ? -2.075  -1.279  -7.279  1.00 0.00 ? 27 GLU X O    1 
ATOM 330  C CB   . GLU A 1 27 ? -0.361  -4.082  -6.251  1.00 0.00 ? 27 GLU X CB   1 
ATOM 331  C CG   . GLU A 1 27 ? 0.660   -4.398  -5.129  1.00 0.00 ? 27 GLU X CG   1 
ATOM 332  C CD   . GLU A 1 27 ? 1.389   -5.740  -5.301  1.00 0.00 ? 27 GLU X CD   1 
ATOM 333  O OE1  . GLU A 1 27 ? 0.709   -6.758  -5.564  1.00 0.00 ? 27 GLU X OE1  1 
ATOM 334  O OE2  . GLU A 1 27 ? 2.619   -5.840  -5.044  1.00 0.00 ? 27 GLU X OE2  1 
ATOM 335  H H    . GLU A 1 27 ? -2.081  -4.644  -4.560  1.00 0.00 ? 27 GLU X H    1 
ATOM 336  H HA   . GLU A 1 27 ? -0.927  -2.227  -5.320  1.00 0.00 ? 27 GLU X HA   1 
ATOM 337  H HB2  . GLU A 1 27 ? -0.872  -4.996  -6.564  1.00 0.00 ? 27 GLU X HB2  1 
ATOM 338  H HB3  . GLU A 1 27 ? 0.181   -3.689  -7.111  1.00 0.00 ? 27 GLU X HB3  1 
ATOM 339  H HG2  . GLU A 1 27 ? 1.390   -3.589  -5.079  1.00 0.00 ? 27 GLU X HG2  1 
ATOM 340  H HG3  . GLU A 1 27 ? 0.144   -4.437  -4.169  1.00 0.00 ? 27 GLU X HG3  1 
ATOM 341  N N    . GLY A 1 28 ? -3.163  -3.230  -7.569  1.00 0.00 ? 28 GLY X N    1 
ATOM 342  C CA   . GLY A 1 28 ? -3.954  -2.772  -8.723  1.00 0.00 ? 28 GLY X CA   1 
ATOM 343  C C    . GLY A 1 28 ? -5.151  -1.907  -8.366  1.00 0.00 ? 28 GLY X C    1 
ATOM 344  O O    . GLY A 1 28 ? -5.966  -1.610  -9.233  1.00 0.00 ? 28 GLY X O    1 
ATOM 345  H H    . GLY A 1 28 ? -3.382  -4.145  -7.174  1.00 0.00 ? 28 GLY X H    1 
ATOM 346  H HA2  . GLY A 1 28 ? -3.341  -2.118  -9.352  1.00 0.00 ? 28 GLY X HA2  1 
ATOM 347  H HA3  . GLY A 1 28 ? -4.308  -3.621  -9.303  1.00 0.00 ? 28 GLY X HA3  1 
ATOM 348  N N    . SER A 1 29 ? -5.280  -1.471  -7.113  1.00 0.00 ? 29 SER X N    1 
ATOM 349  C CA   . SER A 1 29 ? -6.087  -0.287  -6.835  1.00 0.00 ? 29 SER X CA   1 
ATOM 350  C C    . SER A 1 29 ? -5.233  0.981   -6.887  1.00 0.00 ? 29 SER X C    1 
ATOM 351  O O    . SER A 1 29 ? -5.646  1.925   -7.554  1.00 0.00 ? 29 SER X O    1 
ATOM 352  C CB   . SER A 1 29 ? -6.788  -0.410  -5.492  1.00 0.00 ? 29 SER X CB   1 
ATOM 353  O OG   . SER A 1 29 ? -7.911  0.453   -5.430  1.00 0.00 ? 29 SER X OG   1 
ATOM 354  H H    . SER A 1 29 ? -4.567  -1.754  -6.446  1.00 0.00 ? 29 SER X H    1 
ATOM 355  H HA   . SER A 1 29 ? -6.865  -0.183  -7.593  1.00 0.00 ? 29 SER X HA   1 
ATOM 356  H HB2  . SER A 1 29 ? -7.133  -1.438  -5.364  1.00 0.00 ? 29 SER X HB2  1 
ATOM 357  H HB3  . SER A 1 29 ? -6.084  -0.166  -4.697  1.00 0.00 ? 29 SER X HB3  1 
ATOM 358  H HG   . SER A 1 29 ? -7.625  1.363   -5.581  1.00 0.00 ? 29 SER X HG   1 
ATOM 359  N N    . LEU A 1 30 ? -4.070  0.998   -6.215  1.00 0.00 ? 30 LEU X N    1 
ATOM 360  C CA   . LEU A 1 30 ? -3.146  2.132   -6.115  1.00 0.00 ? 30 LEU X CA   1 
ATOM 361  C C    . LEU A 1 30 ? -2.773  2.769   -7.462  1.00 0.00 ? 30 LEU X C    1 
ATOM 362  O O    . LEU A 1 30 ? -2.711  3.990   -7.525  1.00 0.00 ? 30 LEU X O    1 
ATOM 363  C CB   . LEU A 1 30 ? -1.859  1.686   -5.408  1.00 0.00 ? 30 LEU X CB   1 
ATOM 364  C CG   . LEU A 1 30 ? -1.964  1.010   -4.030  1.00 0.00 ? 30 LEU X CG   1 
ATOM 365  C CD1  . LEU A 1 30 ? -0.560  0.674   -3.508  1.00 0.00 ? 30 LEU X CD1  1 
ATOM 366  C CD2  . LEU A 1 30 ? -2.700  1.877   -3.002  1.00 0.00 ? 30 LEU X CD2  1 
ATOM 367  H H    . LEU A 1 30 ? -3.811  0.186   -5.670  1.00 0.00 ? 30 LEU X H    1 
ATOM 368  H HA   . LEU A 1 30 ? -3.606  2.918   -5.520  1.00 0.00 ? 30 LEU X HA   1 
ATOM 369  H HB2  . LEU A 1 30 ? -1.321  1.015   -6.077  1.00 0.00 ? 30 LEU X HB2  1 
ATOM 370  H HB3  . LEU A 1 30 ? -1.266  2.582   -5.288  1.00 0.00 ? 30 LEU X HB3  1 
ATOM 371  H HG   . LEU A 1 30 ? -2.509  0.079   -4.148  1.00 0.00 ? 30 LEU X HG   1 
ATOM 372  H HD11 . LEU A 1 30 ? -0.630  0.182   -2.538  1.00 0.00 ? 30 LEU X HD11 1 
ATOM 373  H HD12 . LEU A 1 30 ? 0.031   1.585   -3.402  1.00 0.00 ? 30 LEU X HD12 1 
ATOM 374  H HD13 . LEU A 1 30 ? -0.058  0.002   -4.205  1.00 0.00 ? 30 LEU X HD13 1 
ATOM 375  H HD21 . LEU A 1 30 ? -2.227  2.857   -2.922  1.00 0.00 ? 30 LEU X HD21 1 
ATOM 376  H HD22 . LEU A 1 30 ? -2.682  1.393   -2.024  1.00 0.00 ? 30 LEU X HD22 1 
ATOM 377  H HD23 . LEU A 1 30 ? -3.738  1.994   -3.303  1.00 0.00 ? 30 LEU X HD23 1 
ATOM 378  N N    . GLU A 1 31 ? -2.594  1.971   -8.525  1.00 0.00 ? 31 GLU X N    1 
ATOM 379  C CA   . GLU A 1 31 ? -2.354  2.498   -9.882  1.00 0.00 ? 31 GLU X CA   1 
ATOM 380  C C    . GLU A 1 31 ? -3.463  3.462   -10.331 1.00 0.00 ? 31 GLU X C    1 
ATOM 381  O O    . GLU A 1 31 ? -3.211  4.467   -10.990 1.00 0.00 ? 31 GLU X O    1 
ATOM 382  C CB   . GLU A 1 31 ? -2.354  1.375   -10.936 1.00 0.00 ? 31 GLU X CB   1 
ATOM 383  C CG   . GLU A 1 31 ? -1.538  0.100   -10.689 1.00 0.00 ? 31 GLU X CG   1 
ATOM 384  C CD   . GLU A 1 31 ? -1.951  -0.956  -11.721 1.00 0.00 ? 31 GLU X CD   1 
ATOM 385  O OE1  . GLU A 1 31 ? -3.170  -1.259  -11.773 1.00 0.00 ? 31 GLU X OE1  1 
ATOM 386  O OE2  . GLU A 1 31 ? -1.106  -1.408  -12.517 1.00 0.00 ? 31 GLU X OE2  1 
ATOM 387  H H    . GLU A 1 31 ? -2.551  0.972   -8.365  1.00 0.00 ? 31 GLU X H    1 
ATOM 388  H HA   . GLU A 1 31 ? -1.415  3.049   -9.890  1.00 0.00 ? 31 GLU X HA   1 
ATOM 389  H HB2  . GLU A 1 31 ? -3.394  1.074   -11.054 1.00 0.00 ? 31 GLU X HB2  1 
ATOM 390  H HB3  . GLU A 1 31 ? -2.041  1.801   -11.890 1.00 0.00 ? 31 GLU X HB3  1 
ATOM 391  H HG2  . GLU A 1 31 ? -0.473  0.323   -10.775 1.00 0.00 ? 31 GLU X HG2  1 
ATOM 392  H HG3  . GLU A 1 31 ? -1.748  -0.290  -9.695  1.00 0.00 ? 31 GLU X HG3  1 
ATOM 393  N N    . ARG A 1 32 ? -4.712  3.127   -9.991  1.00 0.00 ? 32 ARG X N    1 
ATOM 394  C CA   . ARG A 1 32 ? -5.886  3.964   -10.270 1.00 0.00 ? 32 ARG X CA   1 
ATOM 395  C C    . ARG A 1 32 ? -6.139  5.024   -9.181  1.00 0.00 ? 32 ARG X C    1 
ATOM 396  O O    . ARG A 1 32 ? -6.984  5.916   -9.364  1.00 0.00 ? 32 ARG X O    1 
ATOM 397  C CB   . ARG A 1 32 ? -7.121  3.084   -10.548 1.00 0.00 ? 32 ARG X CB   1 
ATOM 398  C CG   . ARG A 1 32 ? -6.875  2.059   -11.679 1.00 0.00 ? 32 ARG X CG   1 
ATOM 399  C CD   . ARG A 1 32 ? -6.510  0.665   -11.138 1.00 0.00 ? 32 ARG X CD   1 
ATOM 400  N NE   . ARG A 1 32 ? -5.661  -0.130  -12.041 1.00 0.00 ? 32 ARG X NE   1 
ATOM 401  C CZ   . ARG A 1 32 ? -5.896  -0.622  -13.247 1.00 0.00 ? 32 ARG X CZ   1 
ATOM 402  N NH1  . ARG A 1 32 ? -7.028  -0.416  -13.888 1.00 0.00 ? 32 ARG X NH1  1 
ATOM 403  N NH2  . ARG A 1 32 ? -4.953  -1.342  -13.810 1.00 0.00 ? 32 ARG X NH2  1 
ATOM 404  H H    . ARG A 1 32 ? -4.827  2.269   -9.454  1.00 0.00 ? 32 ARG X H    1 
ATOM 405  H HA   . ARG A 1 32 ? -5.675  4.526   -11.178 1.00 0.00 ? 32 ARG X HA   1 
ATOM 406  H HB2  . ARG A 1 32 ? -7.430  2.571   -9.636  1.00 0.00 ? 32 ARG X HB2  1 
ATOM 407  H HB3  . ARG A 1 32 ? -7.934  3.740   -10.856 1.00 0.00 ? 32 ARG X HB3  1 
ATOM 408  H HG2  . ARG A 1 32 ? -7.783  1.968   -12.273 1.00 0.00 ? 32 ARG X HG2  1 
ATOM 409  H HG3  . ARG A 1 32 ? -6.086  2.429   -12.336 1.00 0.00 ? 32 ARG X HG3  1 
ATOM 410  H HD2  . ARG A 1 32 ? -5.955  0.786   -10.205 1.00 0.00 ? 32 ARG X HD2  1 
ATOM 411  H HD3  . ARG A 1 32 ? -7.420  0.110   -10.909 1.00 0.00 ? 32 ARG X HD3  1 
ATOM 412  H HE   . ARG A 1 32 ? -4.757  -0.427  -11.661 1.00 0.00 ? 32 ARG X HE   1 
ATOM 413  H HH11 . ARG A 1 32 ? -7.742  0.115   -13.428 1.00 0.00 ? 32 ARG X HH11 1 
ATOM 414  H HH12 . ARG A 1 32 ? -7.157  -0.789  -14.810 1.00 0.00 ? 32 ARG X HH12 1 
ATOM 415  H HH21 . ARG A 1 32 ? -4.091  -1.470  -13.260 1.00 0.00 ? 32 ARG X HH21 1 
ATOM 416  H HH22 . ARG A 1 32 ? -5.031  -1.755  -14.716 1.00 0.00 ? 32 ARG X HH22 1 
ATOM 417  N N    . LEU A 1 33 ? -5.427  4.942   -8.049  1.00 0.00 ? 33 LEU X N    1 
ATOM 418  C CA   . LEU A 1 33 ? -5.371  6.000   -7.043  1.00 0.00 ? 33 LEU X CA   1 
ATOM 419  C C    . LEU A 1 33 ? -4.372  7.087   -7.457  1.00 0.00 ? 33 LEU X C    1 
ATOM 420  O O    . LEU A 1 33 ? -3.867  7.118   -8.575  1.00 0.00 ? 33 LEU X O    1 
ATOM 421  C CB   . LEU A 1 33 ? -5.165  5.468   -5.610  1.00 0.00 ? 33 LEU X CB   1 
ATOM 422  C CG   . LEU A 1 33 ? -6.122  4.339   -5.185  1.00 0.00 ? 33 LEU X CG   1 
ATOM 423  C CD1  . LEU A 1 33 ? -6.033  4.051   -3.683  1.00 0.00 ? 33 LEU X CD1  1 
ATOM 424  C CD2  . LEU A 1 33 ? -7.600  4.596   -5.530  1.00 0.00 ? 33 LEU X CD2  1 
ATOM 425  H H    . LEU A 1 33 ? -4.704  4.238   -8.010  1.00 0.00 ? 33 LEU X H    1 
ATOM 426  H HA   . LEU A 1 33 ? -6.327  6.491   -7.015  1.00 0.00 ? 33 LEU X HA   1 
ATOM 427  H HB2  . LEU A 1 33 ? -4.135  5.124   -5.505  1.00 0.00 ? 33 LEU X HB2  1 
ATOM 428  H HB3  . LEU A 1 33 ? -5.317  6.298   -4.920  1.00 0.00 ? 33 LEU X HB3  1 
ATOM 429  H HG   . LEU A 1 33 ? -5.779  3.454   -5.704  1.00 0.00 ? 33 LEU X HG   1 
ATOM 430  H HD11 . LEU A 1 33 ? -6.692  3.224   -3.417  1.00 0.00 ? 33 LEU X HD11 1 
ATOM 431  H HD12 . LEU A 1 33 ? -6.319  4.934   -3.109  1.00 0.00 ? 33 LEU X HD12 1 
ATOM 432  H HD13 . LEU A 1 33 ? -5.017  3.772   -3.425  1.00 0.00 ? 33 LEU X HD13 1 
ATOM 433  H HD21 . LEU A 1 33 ? -7.742  4.657   -6.608  1.00 0.00 ? 33 LEU X HD21 1 
ATOM 434  H HD22 . LEU A 1 33 ? -7.932  5.525   -5.066  1.00 0.00 ? 33 LEU X HD22 1 
ATOM 435  H HD23 . LEU A 1 33 ? -8.215  3.775   -5.159  1.00 0.00 ? 33 LEU X HD23 1 
ATOM 436  N N    . LYS A 1 34 ? -4.256  8.104   -6.616  1.00 0.00 ? 34 LYS X N    1 
ATOM 437  C CA   . LYS A 1 34 ? -3.480  9.319   -6.873  1.00 0.00 ? 34 LYS X CA   1 
ATOM 438  C C    . LYS A 1 34 ? -2.320  9.410   -5.863  1.00 0.00 ? 34 LYS X C    1 
ATOM 439  O O    . LYS A 1 34 ? -2.321  8.721   -4.851  1.00 0.00 ? 34 LYS X O    1 
ATOM 440  C CB   . LYS A 1 34 ? -4.438  10.530  -6.771  1.00 0.00 ? 34 LYS X CB   1 
ATOM 441  C CG   . LYS A 1 34 ? -5.465  10.698  -7.917  1.00 0.00 ? 34 LYS X CG   1 
ATOM 442  C CD   . LYS A 1 34 ? -6.368  9.481   -8.182  1.00 0.00 ? 34 LYS X CD   1 
ATOM 443  C CE   . LYS A 1 34 ? -7.583  9.719   -9.074  1.00 0.00 ? 34 LYS X CE   1 
ATOM 444  N NZ   . LYS A 1 34 ? -8.331  8.443   -9.216  1.00 0.00 ? 34 LYS X NZ   1 
ATOM 445  H H    . LYS A 1 34 ? -4.761  8.047   -5.746  1.00 0.00 ? 34 LYS X H    1 
ATOM 446  H HA   . LYS A 1 34 ? -3.043  9.288   -7.873  1.00 0.00 ? 34 LYS X HA   1 
ATOM 447  H HB2  . LYS A 1 34 ? -4.976  10.469  -5.822  1.00 0.00 ? 34 LYS X HB2  1 
ATOM 448  H HB3  . LYS A 1 34 ? -3.838  11.443  -6.739  1.00 0.00 ? 34 LYS X HB3  1 
ATOM 449  H HG2  . LYS A 1 34 ? -6.098  11.550  -7.669  1.00 0.00 ? 34 LYS X HG2  1 
ATOM 450  H HG3  . LYS A 1 34 ? -4.922  10.924  -8.833  1.00 0.00 ? 34 LYS X HG3  1 
ATOM 451  H HD2  . LYS A 1 34 ? -5.773  8.739   -8.707  1.00 0.00 ? 34 LYS X HD2  1 
ATOM 452  H HD3  . LYS A 1 34 ? -6.709  9.084   -7.224  1.00 0.00 ? 34 LYS X HD3  1 
ATOM 453  H HE2  . LYS A 1 34 ? -8.216  10.490  -8.624  1.00 0.00 ? 34 LYS X HE2  1 
ATOM 454  H HE3  . LYS A 1 34 ? -7.239  10.070  -10.051 1.00 0.00 ? 34 LYS X HE3  1 
ATOM 455  H HZ1  . LYS A 1 34 ? -8.689  8.153   -8.315  1.00 0.00 ? 34 LYS X HZ1  1 
ATOM 456  H HZ2  . LYS A 1 34 ? -7.715  7.693   -9.534  1.00 0.00 ? 34 LYS X HZ2  1 
ATOM 457  H HZ3  . LYS A 1 34 ? -9.098  8.534   -9.866  1.00 0.00 ? 34 LYS X HZ3  1 
ATOM 458  N N    . GLY A 1 35 ? -1.293  10.226  -6.116  1.00 0.00 ? 35 GLY X N    1 
ATOM 459  C CA   . GLY A 1 35 ? -0.282  10.617  -5.118  1.00 0.00 ? 35 GLY X CA   1 
ATOM 460  C C    . GLY A 1 35 ? 0.826   9.594   -4.914  1.00 0.00 ? 35 GLY X C    1 
ATOM 461  O O    . GLY A 1 35 ? 1.965   9.960   -4.680  1.00 0.00 ? 35 GLY X O    1 
ATOM 462  H H    . GLY A 1 35 ? -1.181  10.567  -7.050  1.00 0.00 ? 35 GLY X H    1 
ATOM 463  H HA2  . GLY A 1 35 ? 0.184   11.561  -5.395  1.00 0.00 ? 35 GLY X HA2  1 
ATOM 464  H HA3  . GLY A 1 35 ? -0.769  10.698  -4.152  1.00 0.00 ? 35 GLY X HA3  1 
ATOM 465  N N    . VAL A 1 36 ? 0.497   8.323   -5.062  1.00 0.00 ? 36 VAL X N    1 
ATOM 466  C CA   . VAL A 1 36 ? 1.456   7.216   -5.176  1.00 0.00 ? 36 VAL X CA   1 
ATOM 467  C C    . VAL A 1 36 ? 1.729   6.925   -6.657  1.00 0.00 ? 36 VAL X C    1 
ATOM 468  O O    . VAL A 1 36 ? 0.828   7.064   -7.486  1.00 0.00 ? 36 VAL X O    1 
ATOM 469  C CB   . VAL A 1 36 ? 0.972   5.979   -4.390  1.00 0.00 ? 36 VAL X CB   1 
ATOM 470  C CG1  . VAL A 1 36 ? -0.192  5.247   -5.076  1.00 0.00 ? 36 VAL X CG1  1 
ATOM 471  C CG2  . VAL A 1 36 ? 2.129   5.008   -4.134  1.00 0.00 ? 36 VAL X CG2  1 
ATOM 472  H H    . VAL A 1 36 ? -0.488  8.169   -5.241  1.00 0.00 ? 36 VAL X H    1 
ATOM 473  H HA   . VAL A 1 36 ? 2.388   7.536   -4.721  1.00 0.00 ? 36 VAL X HA   1 
ATOM 474  H HB   . VAL A 1 36 ? 0.616   6.326   -3.418  1.00 0.00 ? 36 VAL X HB   1 
ATOM 475  H HG11 . VAL A 1 36 ? 0.167   4.697   -5.946  1.00 0.00 ? 36 VAL X HG11 1 
ATOM 476  H HG12 . VAL A 1 36 ? -0.640  4.550   -4.369  1.00 0.00 ? 36 VAL X HG12 1 
ATOM 477  H HG13 . VAL A 1 36 ? -0.950  5.959   -5.400  1.00 0.00 ? 36 VAL X HG13 1 
ATOM 478  H HG21 . VAL A 1 36 ? 1.780   4.158   -3.546  1.00 0.00 ? 36 VAL X HG21 1 
ATOM 479  H HG22 . VAL A 1 36 ? 2.523   4.653   -5.082  1.00 0.00 ? 36 VAL X HG22 1 
ATOM 480  H HG23 . VAL A 1 36 ? 2.923   5.516   -3.586  1.00 0.00 ? 36 VAL X HG23 1 
ATOM 481  N N    . ALA A 1 37 ? 2.969   6.552   -6.992  1.00 0.00 ? 37 ALA X N    1 
ATOM 482  C CA   . ALA A 1 37 ? 3.379   6.270   -8.377  1.00 0.00 ? 37 ALA X CA   1 
ATOM 483  C C    . ALA A 1 37 ? 4.291   5.038   -8.541  1.00 0.00 ? 37 ALA X C    1 
ATOM 484  O O    . ALA A 1 37 ? 4.471   4.588   -9.671  1.00 0.00 ? 37 ALA X O    1 
ATOM 485  C CB   . ALA A 1 37 ? 4.001   7.538   -8.976  1.00 0.00 ? 37 ALA X CB   1 
ATOM 486  H H    . ALA A 1 37 ? 3.667   6.482   -6.259  1.00 0.00 ? 37 ALA X H    1 
ATOM 487  H HA   . ALA A 1 37 ? 2.489   6.034   -8.965  1.00 0.00 ? 37 ALA X HA   1 
ATOM 488  H HB1  . ALA A 1 37 ? 4.275   7.355   -10.016 1.00 0.00 ? 37 ALA X HB1  1 
ATOM 489  H HB2  . ALA A 1 37 ? 3.284   8.360   -8.940  1.00 0.00 ? 37 ALA X HB2  1 
ATOM 490  H HB3  . ALA A 1 37 ? 4.892   7.818   -8.424  1.00 0.00 ? 37 ALA X HB3  1 
ATOM 491  N N    . GLU A 1 38 ? 4.805   4.453   -7.454  1.00 0.00 ? 38 GLU X N    1 
ATOM 492  C CA   . GLU A 1 38 ? 5.326   3.082   -7.427  1.00 0.00 ? 38 GLU X CA   1 
ATOM 493  C C    . GLU A 1 38 ? 4.709   2.329   -6.246  1.00 0.00 ? 38 GLU X C    1 
ATOM 494  O O    . GLU A 1 38 ? 4.343   2.935   -5.238  1.00 0.00 ? 38 GLU X O    1 
ATOM 495  C CB   . GLU A 1 38 ? 6.837   3.022   -7.191  1.00 0.00 ? 38 GLU X CB   1 
ATOM 496  C CG   . GLU A 1 38 ? 7.684   3.841   -8.158  1.00 0.00 ? 38 GLU X CG   1 
ATOM 497  C CD   . GLU A 1 38 ? 9.034   4.248   -7.550  1.00 0.00 ? 38 GLU X CD   1 
ATOM 498  O OE1  . GLU A 1 38 ? 9.517   3.534   -6.638  1.00 0.00 ? 38 GLU X OE1  1 
ATOM 499  O OE2  . GLU A 1 38 ? 9.569   5.298   -7.964  1.00 0.00 ? 38 GLU X OE2  1 
ATOM 500  H H    . GLU A 1 38 ? 4.708   4.901   -6.555  1.00 0.00 ? 38 GLU X H    1 
ATOM 501  H HA   . GLU A 1 38 ? 5.110   2.583   -8.369  1.00 0.00 ? 38 GLU X HA   1 
ATOM 502  H HB2  . GLU A 1 38 ? 7.011   3.335   -6.171  1.00 0.00 ? 38 GLU X HB2  1 
ATOM 503  H HB3  . GLU A 1 38 ? 7.167   1.986   -7.266  1.00 0.00 ? 38 GLU X HB3  1 
ATOM 504  H HG2  . GLU A 1 38 ? 7.832   3.226   -9.042  1.00 0.00 ? 38 GLU X HG2  1 
ATOM 505  H HG3  . GLU A 1 38 ? 7.132   4.726   -8.453  1.00 0.00 ? 38 GLU X HG3  1 
ATOM 506  N N    . ALA A 1 39 ? 4.725   1.000   -6.303  1.00 0.00 ? 39 ALA X N    1 
ATOM 507  C CA   . ALA A 1 39 ? 4.501   0.160   -5.128  1.00 0.00 ? 39 ALA X CA   1 
ATOM 508  C C    . ALA A 1 39 ? 5.033   -1.274  -5.344  1.00 0.00 ? 39 ALA X C    1 
ATOM 509  O O    . ALA A 1 39 ? 5.378   -1.641  -6.468  1.00 0.00 ? 39 ALA X O    1 
ATOM 510  C CB   . ALA A 1 39 ? 2.999   0.142   -4.782  1.00 0.00 ? 39 ALA X CB   1 
ATOM 511  H H    . ALA A 1 39 ? 5.120   0.566   -7.127  1.00 0.00 ? 39 ALA X H    1 
ATOM 512  H HA   . ALA A 1 39 ? 5.054   0.649   -4.317  1.00 0.00 ? 39 ALA X HA   1 
ATOM 513  H HB1  . ALA A 1 39 ? 2.623   1.156   -4.648  1.00 0.00 ? 39 ALA X HB1  1 
ATOM 514  H HB2  . ALA A 1 39 ? 2.438   -0.334  -5.587  1.00 0.00 ? 39 ALA X HB2  1 
ATOM 515  H HB3  . ALA A 1 39 ? 2.839   -0.408  -3.856  1.00 0.00 ? 39 ALA X HB3  1 
ATOM 516  N N    . SER A 1 40 ? 5.027   -2.115  -4.303  1.00 0.00 ? 40 SER X N    1 
ATOM 517  C CA   . SER A 1 40 ? 5.165   -3.589  -4.368  1.00 0.00 ? 40 SER X CA   1 
ATOM 518  C C    . SER A 1 40 ? 4.998   -4.264  -2.993  1.00 0.00 ? 40 SER X C    1 
ATOM 519  O O    . SER A 1 40 ? 5.479   -3.770  -1.975  1.00 0.00 ? 40 SER X O    1 
ATOM 520  C CB   . SER A 1 40 ? 6.513   -4.034  -4.970  1.00 0.00 ? 40 SER X CB   1 
ATOM 521  O OG   . SER A 1 40 ? 6.463   -4.047  -6.384  1.00 0.00 ? 40 SER X OG   1 
ATOM 522  H H    . SER A 1 40 ? 4.828   -1.716  -3.386  1.00 0.00 ? 40 SER X H    1 
ATOM 523  H HA   . SER A 1 40 ? 4.377   -3.974  -5.017  1.00 0.00 ? 40 SER X HA   1 
ATOM 524  H HB2  . SER A 1 40 ? 7.305   -3.366  -4.627  1.00 0.00 ? 40 SER X HB2  1 
ATOM 525  H HB3  . SER A 1 40 ? 6.745   -5.045  -4.633  1.00 0.00 ? 40 SER X HB3  1 
ATOM 526  H HG   . SER A 1 40 ? 6.196   -3.145  -6.656  1.00 0.00 ? 40 SER X HG   1 
ATOM 527  N N    . VAL A 1 41 ? 4.370   -5.443  -2.935  1.00 0.00 ? 41 VAL X N    1 
ATOM 528  C CA   . VAL A 1 41 ? 4.231   -6.187  -1.663  1.00 0.00 ? 41 VAL X CA   1 
ATOM 529  C C    . VAL A 1 41 ? 5.513   -6.900  -1.196  1.00 0.00 ? 41 VAL X C    1 
ATOM 530  O O    . VAL A 1 41 ? 6.288   -7.409  -2.006  1.00 0.00 ? 41 VAL X O    1 
ATOM 531  C CB   . VAL A 1 41 ? 3.077   -7.212  -1.679  1.00 0.00 ? 41 VAL X CB   1 
ATOM 532  C CG1  . VAL A 1 41 ? 1.724   -6.622  -2.103  1.00 0.00 ? 41 VAL X CG1  1 
ATOM 533  C CG2  . VAL A 1 41 ? 3.415   -8.462  -2.519  1.00 0.00 ? 41 VAL X CG2  1 
ATOM 534  H H    . VAL A 1 41 ? 3.845   -5.744  -3.768  1.00 0.00 ? 41 VAL X H    1 
ATOM 535  H HA   . VAL A 1 41 ? 3.985   -5.456  -0.896  1.00 0.00 ? 41 VAL X HA   1 
ATOM 536  H HB   . VAL A 1 41 ? 2.946   -7.541  -0.648  1.00 0.00 ? 41 VAL X HB   1 
ATOM 537  H HG11 . VAL A 1 41 ? 0.953   -6.913  -1.389  1.00 0.00 ? 41 VAL X HG11 1 
ATOM 538  H HG12 . VAL A 1 41 ? 1.443   -6.999  -3.071  1.00 0.00 ? 41 VAL X HG12 1 
ATOM 539  H HG13 . VAL A 1 41 ? 1.768   -5.539  -2.189  1.00 0.00 ? 41 VAL X HG13 1 
ATOM 540  H HG21 . VAL A 1 41 ? 4.215   -9.034  -2.050  1.00 0.00 ? 41 VAL X HG21 1 
ATOM 541  H HG22 . VAL A 1 41 ? 2.552   -9.118  -2.586  1.00 0.00 ? 41 VAL X HG22 1 
ATOM 542  H HG23 . VAL A 1 41 ? 3.730   -8.163  -3.518  1.00 0.00 ? 41 VAL X HG23 1 
ATOM 543  N N    . THR A 1 42 ? 5.627   -7.065  0.132   1.00 0.00 ? 42 THR X N    1 
ATOM 544  C CA   . THR A 1 42 ? 6.530   -7.998  0.832   1.00 0.00 ? 42 THR X CA   1 
ATOM 545  C C    . THR A 1 42 ? 5.679   -8.859  1.771   1.00 0.00 ? 42 THR X C    1 
ATOM 546  O O    . THR A 1 42 ? 5.737   -8.769  2.998   1.00 0.00 ? 42 THR X O    1 
ATOM 547  C CB   . THR A 1 42 ? 7.650   -7.249  1.564   1.00 0.00 ? 42 THR X CB   1 
ATOM 548  O OG1  . THR A 1 42 ? 8.324   -6.442  0.634   1.00 0.00 ? 42 THR X OG1  1 
ATOM 549  C CG2  . THR A 1 42 ? 8.701   -8.184  2.175   1.00 0.00 ? 42 THR X CG2  1 
ATOM 550  H H    . THR A 1 42 ? 4.954   -6.580  0.719   1.00 0.00 ? 42 THR X H    1 
ATOM 551  H HA   . THR A 1 42 ? 7.013   -8.648  0.101   1.00 0.00 ? 42 THR X HA   1 
ATOM 552  H HB   . THR A 1 42 ? 7.214   -6.616  2.331   1.00 0.00 ? 42 THR X HB   1 
ATOM 553  H HG1  . THR A 1 42 ? 9.038   -5.982  1.079   1.00 0.00 ? 42 THR X HG1  1 
ATOM 554  H HG21 . THR A 1 42 ? 8.258   -8.809  2.949   1.00 0.00 ? 42 THR X HG21 1 
ATOM 555  H HG22 . THR A 1 42 ? 9.497   -7.598  2.634   1.00 0.00 ? 42 THR X HG22 1 
ATOM 556  H HG23 . THR A 1 42 ? 9.127   -8.822  1.401   1.00 0.00 ? 42 THR X HG23 1 
ATOM 557  N N    . VAL A 1 43 ? 4.845   -9.699  1.159   1.00 0.00 ? 43 VAL X N    1 
ATOM 558  C CA   . VAL A 1 43 ? 3.949   -10.673 1.830   1.00 0.00 ? 43 VAL X CA   1 
ATOM 559  C C    . VAL A 1 43 ? 4.744   -11.613 2.746   1.00 0.00 ? 43 VAL X C    1 
ATOM 560  O O    . VAL A 1 43 ? 4.272   -11.963 3.823   1.00 0.00 ? 43 VAL X O    1 
ATOM 561  C CB   . VAL A 1 43 ? 3.134   -11.494 0.795   1.00 0.00 ? 43 VAL X CB   1 
ATOM 562  C CG1  . VAL A 1 43 ? 2.469   -12.766 1.349   1.00 0.00 ? 43 VAL X CG1  1 
ATOM 563  C CG2  . VAL A 1 43 ? 2.055   -10.614 0.149   1.00 0.00 ? 43 VAL X CG2  1 
ATOM 564  H H    . VAL A 1 43 ? 4.813   -9.617  0.157   1.00 0.00 ? 43 VAL X H    1 
ATOM 565  H HA   . VAL A 1 43 ? 3.252   -10.111 2.454   1.00 0.00 ? 43 VAL X HA   1 
ATOM 566  H HB   . VAL A 1 43 ? 3.827   -11.799 0.006   1.00 0.00 ? 43 VAL X HB   1 
ATOM 567  H HG11 . VAL A 1 43 ? 1.865   -12.526 2.223   1.00 0.00 ? 43 VAL X HG11 1 
ATOM 568  H HG12 . VAL A 1 43 ? 1.830   -13.216 0.587   1.00 0.00 ? 43 VAL X HG12 1 
ATOM 569  H HG13 . VAL A 1 43 ? 3.227   -13.499 1.626   1.00 0.00 ? 43 VAL X HG13 1 
ATOM 570  H HG21 . VAL A 1 43 ? 1.317   -10.316 0.892   1.00 0.00 ? 43 VAL X HG21 1 
ATOM 571  H HG22 . VAL A 1 43 ? 2.508   -9.721  -0.266  1.00 0.00 ? 43 VAL X HG22 1 
ATOM 572  H HG23 . VAL A 1 43 ? 1.559   -11.160 -0.655  1.00 0.00 ? 43 VAL X HG23 1 
ATOM 573  N N    . ALA A 1 44 ? 5.989   -11.931 2.374   1.00 0.00 ? 44 ALA X N    1 
ATOM 574  C CA   . ALA A 1 44 ? 6.936   -12.739 3.147   1.00 0.00 ? 44 ALA X CA   1 
ATOM 575  C C    . ALA A 1 44 ? 7.385   -12.116 4.491   1.00 0.00 ? 44 ALA X C    1 
ATOM 576  O O    . ALA A 1 44 ? 8.296   -12.643 5.132   1.00 0.00 ? 44 ALA X O    1 
ATOM 577  C CB   . ALA A 1 44 ? 8.133   -13.028 2.230   1.00 0.00 ? 44 ALA X CB   1 
ATOM 578  H H    . ALA A 1 44 ? 6.328   -11.555 1.504   1.00 0.00 ? 44 ALA X H    1 
ATOM 579  H HA   . ALA A 1 44 ? 6.452   -13.686 3.395   1.00 0.00 ? 44 ALA X HA   1 
ATOM 580  H HB1  . ALA A 1 44 ? 8.823   -13.707 2.734   1.00 0.00 ? 44 ALA X HB1  1 
ATOM 581  H HB2  . ALA A 1 44 ? 7.798   -13.502 1.306   1.00 0.00 ? 44 ALA X HB2  1 
ATOM 582  H HB3  . ALA A 1 44 ? 8.661   -12.102 1.999   1.00 0.00 ? 44 ALA X HB3  1 
ATOM 583  N N    . THR A 1 45 ? 6.793   -10.994 4.924   1.00 0.00 ? 45 THR X N    1 
ATOM 584  C CA   . THR A 1 45 ? 7.013   -10.404 6.257   1.00 0.00 ? 45 THR X CA   1 
ATOM 585  C C    . THR A 1 45 ? 5.736   -9.724  6.771   1.00 0.00 ? 45 THR X C    1 
ATOM 586  O O    . THR A 1 45 ? 5.778   -9.038  7.785   1.00 0.00 ? 45 THR X O    1 
ATOM 587  C CB   . THR A 1 45 ? 8.211   -9.431  6.228   1.00 0.00 ? 45 THR X CB   1 
ATOM 588  O OG1  . THR A 1 45 ? 9.227   -9.916  5.381   1.00 0.00 ? 45 THR X OG1  1 
ATOM 589  C CG2  . THR A 1 45 ? 8.875   -9.253  7.596   1.00 0.00 ? 45 THR X CG2  1 
ATOM 590  H H    . THR A 1 45 ? 6.114   -10.534 4.324   1.00 0.00 ? 45 THR X H    1 
ATOM 591  H HA   . THR A 1 45 ? 7.237   -11.207 6.961   1.00 0.00 ? 45 THR X HA   1 
ATOM 592  H HB   . THR A 1 45 ? 7.887   -8.461  5.849   1.00 0.00 ? 45 THR X HB   1 
ATOM 593  H HG1  . THR A 1 45 ? 9.178   -10.883 5.418   1.00 0.00 ? 45 THR X HG1  1 
ATOM 594  H HG21 . THR A 1 45 ? 9.161   -10.225 7.998   1.00 0.00 ? 45 THR X HG21 1 
ATOM 595  H HG22 . THR A 1 45 ? 8.196   -8.768  8.293   1.00 0.00 ? 45 THR X HG22 1 
ATOM 596  H HG23 . THR A 1 45 ? 9.767   -8.636  7.491   1.00 0.00 ? 45 THR X HG23 1 
ATOM 597  N N    . GLY A 1 46 ? 4.608   -9.855  6.055   1.00 0.00 ? 46 GLY X N    1 
ATOM 598  C CA   . GLY A 1 46 ? 3.389   -9.078  6.291   1.00 0.00 ? 46 GLY X CA   1 
ATOM 599  C C    . GLY A 1 46 ? 3.683   -7.589  6.154   1.00 0.00 ? 46 GLY X C    1 
ATOM 600  O O    . GLY A 1 46 ? 3.460   -6.831  7.098   1.00 0.00 ? 46 GLY X O    1 
ATOM 601  H H    . GLY A 1 46 ? 4.592   -10.501 5.277   1.00 0.00 ? 46 GLY X H    1 
ATOM 602  H HA2  . GLY A 1 46 ? 2.638   -9.354  5.552   1.00 0.00 ? 46 GLY X HA2  1 
ATOM 603  H HA3  . GLY A 1 46 ? 2.989   -9.268  7.289   1.00 0.00 ? 46 GLY X HA3  1 
ATOM 604  N N    . ARG A 1 47 ? 4.235   -7.183  5.003   1.00 0.00 ? 47 ARG X N    1 
ATOM 605  C CA   . ARG A 1 47 ? 4.637   -5.804  4.719   1.00 0.00 ? 47 ARG X CA   1 
ATOM 606  C C    . ARG A 1 47 ? 4.222   -5.358  3.311   1.00 0.00 ? 47 ARG X C    1 
ATOM 607  O O    . ARG A 1 47 ? 4.119   -6.165  2.385   1.00 0.00 ? 47 ARG X O    1 
ATOM 608  C CB   . ARG A 1 47 ? 6.157   -5.638  4.916   1.00 0.00 ? 47 ARG X CB   1 
ATOM 609  C CG   . ARG A 1 47 ? 6.599   -5.797  6.377   1.00 0.00 ? 47 ARG X CG   1 
ATOM 610  C CD   . ARG A 1 47 ? 8.066   -5.402  6.560   1.00 0.00 ? 47 ARG X CD   1 
ATOM 611  N NE   . ARG A 1 47 ? 8.546   -5.795  7.894   1.00 0.00 ? 47 ARG X NE   1 
ATOM 612  C CZ   . ARG A 1 47 ? 9.787   -5.659  8.347   1.00 0.00 ? 47 ARG X CZ   1 
ATOM 613  N NH1  . ARG A 1 47 ? 10.720  -5.029  7.656   1.00 0.00 ? 47 ARG X NH1  1 
ATOM 614  N NH2  . ARG A 1 47 ? 10.099  -6.162  9.524   1.00 0.00 ? 47 ARG X NH2  1 
ATOM 615  H H    . ARG A 1 47 ? 4.445   -7.878  4.289   1.00 0.00 ? 47 ARG X H    1 
ATOM 616  H HA   . ARG A 1 47 ? 4.132   -5.150  5.424   1.00 0.00 ? 47 ARG X HA   1 
ATOM 617  H HB2  . ARG A 1 47 ? 6.679   -6.385  4.324   1.00 0.00 ? 47 ARG X HB2  1 
ATOM 618  H HB3  . ARG A 1 47 ? 6.455   -4.648  4.566   1.00 0.00 ? 47 ARG X HB3  1 
ATOM 619  H HG2  . ARG A 1 47 ? 5.991   -5.173  7.027   1.00 0.00 ? 47 ARG X HG2  1 
ATOM 620  H HG3  . ARG A 1 47 ? 6.472   -6.835  6.674   1.00 0.00 ? 47 ARG X HG3  1 
ATOM 621  H HD2  . ARG A 1 47 ? 8.670   -5.902  5.801   1.00 0.00 ? 47 ARG X HD2  1 
ATOM 622  H HD3  . ARG A 1 47 ? 8.158   -4.322  6.433   1.00 0.00 ? 47 ARG X HD3  1 
ATOM 623  H HE   . ARG A 1 47 ? 7.873   -6.248  8.496   1.00 0.00 ? 47 ARG X HE   1 
ATOM 624  H HH11 . ARG A 1 47 ? 10.474  -4.561  6.783   1.00 0.00 ? 47 ARG X HH11 1 
ATOM 625  H HH12 . ARG A 1 47 ? 11.651  -4.918  8.017   1.00 0.00 ? 47 ARG X HH12 1 
ATOM 626  H HH21 . ARG A 1 47 ? 9.382   -6.610  10.077  1.00 0.00 ? 47 ARG X HH21 1 
ATOM 627  H HH22 . ARG A 1 47 ? 11.030  -6.076  9.894   1.00 0.00 ? 47 ARG X HH22 1 
ATOM 628  N N    . LEU A 1 48 ? 4.029   -4.050  3.134   1.00 0.00 ? 48 LEU X N    1 
ATOM 629  C CA   . LEU A 1 48 ? 3.771   -3.417  1.833   1.00 0.00 ? 48 LEU X CA   1 
ATOM 630  C C    . LEU A 1 48 ? 4.768   -2.286  1.615   1.00 0.00 ? 48 LEU X C    1 
ATOM 631  O O    . LEU A 1 48 ? 4.924   -1.463  2.517   1.00 0.00 ? 48 LEU X O    1 
ATOM 632  C CB   . LEU A 1 48 ? 2.332   -2.861  1.807   1.00 0.00 ? 48 LEU X CB   1 
ATOM 633  C CG   . LEU A 1 48 ? 1.244   -3.914  1.539   1.00 0.00 ? 48 LEU X CG   1 
ATOM 634  C CD1  . LEU A 1 48 ? -0.128  -3.406  1.994   1.00 0.00 ? 48 LEU X CD1  1 
ATOM 635  C CD2  . LEU A 1 48 ? 1.188   -4.234  0.053   1.00 0.00 ? 48 LEU X CD2  1 
ATOM 636  H H    . LEU A 1 48 ? 4.154   -3.441  3.936   1.00 0.00 ? 48 LEU X H    1 
ATOM 637  H HA   . LEU A 1 48 ? 3.915   -4.129  1.021   1.00 0.00 ? 48 LEU X HA   1 
ATOM 638  H HB2  . LEU A 1 48 ? 2.128   -2.388  2.762   1.00 0.00 ? 48 LEU X HB2  1 
ATOM 639  H HB3  . LEU A 1 48 ? 2.257   -2.079  1.048   1.00 0.00 ? 48 LEU X HB3  1 
ATOM 640  H HG   . LEU A 1 48 ? 1.478   -4.836  2.071   1.00 0.00 ? 48 LEU X HG   1 
ATOM 641  H HD11 . LEU A 1 48 ? -0.418  -2.536  1.407   1.00 0.00 ? 48 LEU X HD11 1 
ATOM 642  H HD12 . LEU A 1 48 ? -0.087  -3.128  3.045   1.00 0.00 ? 48 LEU X HD12 1 
ATOM 643  H HD13 . LEU A 1 48 ? -0.872  -4.193  1.881   1.00 0.00 ? 48 LEU X HD13 1 
ATOM 644  H HD21 . LEU A 1 48 ? 2.138   -4.668  -0.232  1.00 0.00 ? 48 LEU X HD21 1 
ATOM 645  H HD22 . LEU A 1 48 ? 1.027   -3.329  -0.532  1.00 0.00 ? 48 LEU X HD22 1 
ATOM 646  H HD23 . LEU A 1 48 ? 0.386   -4.945  -0.143  1.00 0.00 ? 48 LEU X HD23 1 
ATOM 647  N N    . THR A 1 49 ? 5.408   -2.233  0.442   1.00 0.00 ? 49 THR X N    1 
ATOM 648  C CA   . THR A 1 49 ? 6.263   -1.121  0.010   1.00 0.00 ? 49 THR X CA   1 
ATOM 649  C C    . THR A 1 49 ? 5.481   -0.230  -0.945  1.00 0.00 ? 49 THR X C    1 
ATOM 650  O O    . THR A 1 49 ? 4.769   -0.720  -1.820  1.00 0.00 ? 49 THR X O    1 
ATOM 651  C CB   . THR A 1 49 ? 7.537   -1.642  -0.664  1.00 0.00 ? 49 THR X CB   1 
ATOM 652  O OG1  . THR A 1 49 ? 8.192   -2.539  0.204   1.00 0.00 ? 49 THR X OG1  1 
ATOM 653  C CG2  . THR A 1 49 ? 8.539   -0.536  -0.999  1.00 0.00 ? 49 THR X CG2  1 
ATOM 654  H H    . THR A 1 49 ? 5.248   -2.962  -0.246  1.00 0.00 ? 49 THR X H    1 
ATOM 655  H HA   . THR A 1 49 ? 6.559   -0.539  0.875   1.00 0.00 ? 49 THR X HA   1 
ATOM 656  H HB   . THR A 1 49 ? 7.273   -2.162  -1.587  1.00 0.00 ? 49 THR X HB   1 
ATOM 657  H HG1  . THR A 1 49 ? 8.815   -3.029  -0.336  1.00 0.00 ? 49 THR X HG1  1 
ATOM 658  H HG21 . THR A 1 49 ? 9.440   -0.972  -1.429  1.00 0.00 ? 49 THR X HG21 1 
ATOM 659  H HG22 . THR A 1 49 ? 8.803   0.021   -0.101  1.00 0.00 ? 49 THR X HG22 1 
ATOM 660  H HG23 . THR A 1 49 ? 8.116   0.148   -1.737  1.00 0.00 ? 49 THR X HG23 1 
ATOM 661  N N    . VAL A 1 50 ? 5.649   1.079   -0.802  1.00 0.00 ? 50 VAL X N    1 
ATOM 662  C CA   . VAL A 1 50 ? 5.180   2.097   -1.752  1.00 0.00 ? 50 VAL X CA   1 
ATOM 663  C C    . VAL A 1 50 ? 6.292   3.097   -2.045  1.00 0.00 ? 50 VAL X C    1 
ATOM 664  O O    . VAL A 1 50 ? 7.168   3.302   -1.201  1.00 0.00 ? 50 VAL X O    1 
ATOM 665  C CB   . VAL A 1 50 ? 3.934   2.866   -1.265  1.00 0.00 ? 50 VAL X CB   1 
ATOM 666  C CG1  . VAL A 1 50 ? 2.704   1.946   -1.183  1.00 0.00 ? 50 VAL X CG1  1 
ATOM 667  C CG2  . VAL A 1 50 ? 4.169   3.580   0.074   1.00 0.00 ? 50 VAL X CG2  1 
ATOM 668  H H    . VAL A 1 50 ? 6.277   1.393   -0.060  1.00 0.00 ? 50 VAL X H    1 
ATOM 669  H HA   . VAL A 1 50 ? 4.912   1.616   -2.681  1.00 0.00 ? 50 VAL X HA   1 
ATOM 670  H HB   . VAL A 1 50 ? 3.715   3.633   -2.004  1.00 0.00 ? 50 VAL X HB   1 
ATOM 671  H HG11 . VAL A 1 50 ? 2.830   1.210   -0.389  1.00 0.00 ? 50 VAL X HG11 1 
ATOM 672  H HG12 . VAL A 1 50 ? 1.813   2.539   -0.986  1.00 0.00 ? 50 VAL X HG12 1 
ATOM 673  H HG13 . VAL A 1 50 ? 2.566   1.428   -2.132  1.00 0.00 ? 50 VAL X HG13 1 
ATOM 674  H HG21 . VAL A 1 50 ? 5.039   4.231   0.012   1.00 0.00 ? 50 VAL X HG21 1 
ATOM 675  H HG22 . VAL A 1 50 ? 3.312   4.210   0.290   1.00 0.00 ? 50 VAL X HG22 1 
ATOM 676  H HG23 . VAL A 1 50 ? 4.309   2.856   0.878   1.00 0.00 ? 50 VAL X HG23 1 
ATOM 677  N N    . THR A 1 51 ? 6.206   3.768   -3.197  1.00 0.00 ? 51 THR X N    1 
ATOM 678  C CA   . THR A 1 51 ? 6.874   5.078   -3.372  1.00 0.00 ? 51 THR X CA   1 
ATOM 679  C C    . THR A 1 51 ? 5.867   6.163   -3.754  1.00 0.00 ? 51 THR X C    1 
ATOM 680  O O    . THR A 1 51 ? 5.205   6.080   -4.794  1.00 0.00 ? 51 THR X O    1 
ATOM 681  C CB   . THR A 1 51 ? 8.039   5.023   -4.365  1.00 0.00 ? 51 THR X CB   1 
ATOM 682  O OG1  . THR A 1 51 ? 8.808   3.854   -4.178  1.00 0.00 ? 51 THR X OG1  1 
ATOM 683  C CG2  . THR A 1 51 ? 9.017   6.186   -4.251  1.00 0.00 ? 51 THR X CG2  1 
ATOM 684  H H    . THR A 1 51 ? 5.545   3.411   -3.898  1.00 0.00 ? 51 THR X H    1 
ATOM 685  H HA   . THR A 1 51 ? 7.291   5.373   -2.417  1.00 0.00 ? 51 THR X HA   1 
ATOM 686  H HB   . THR A 1 51 ? 7.626   5.056   -5.369  1.00 0.00 ? 51 THR X HB   1 
ATOM 687  H HG1  . THR A 1 51 ? 9.179   3.672   -5.084  1.00 0.00 ? 51 THR X HG1  1 
ATOM 688  H HG21 . THR A 1 51 ? 8.478   7.120   -4.147  1.00 0.00 ? 51 THR X HG21 1 
ATOM 689  H HG22 . THR A 1 51 ? 9.632   6.226   -5.151  1.00 0.00 ? 51 THR X HG22 1 
ATOM 690  H HG23 . THR A 1 51 ? 9.669   6.049   -3.402  1.00 0.00 ? 51 THR X HG23 1 
ATOM 691  N N    . TYR A 1 52 ? 5.769   7.189   -2.900  1.00 0.00 ? 52 TYR X N    1 
ATOM 692  C CA   . TYR A 1 52 ? 4.759   8.258   -2.978  1.00 0.00 ? 52 TYR X CA   1 
ATOM 693  C C    . TYR A 1 52 ? 5.294   9.695   -3.183  1.00 0.00 ? 52 TYR X C    1 
ATOM 694  O O    . TYR A 1 52 ? 6.308   10.124  -2.630  1.00 0.00 ? 52 TYR X O    1 
ATOM 695  C CB   . TYR A 1 52 ? 3.761   8.160   -1.802  1.00 0.00 ? 52 TYR X CB   1 
ATOM 696  C CG   . TYR A 1 52 ? 4.263   7.962   -0.369  1.00 0.00 ? 52 TYR X CG   1 
ATOM 697  C CD1  . TYR A 1 52 ? 5.474   8.525   0.086   1.00 0.00 ? 52 TYR X CD1  1 
ATOM 698  C CD2  . TYR A 1 52 ? 3.457   7.260   0.554   1.00 0.00 ? 52 TYR X CD2  1 
ATOM 699  C CE1  . TYR A 1 52 ? 5.855   8.431   1.435   1.00 0.00 ? 52 TYR X CE1  1 
ATOM 700  C CE2  . TYR A 1 52 ? 3.836   7.152   1.910   1.00 0.00 ? 52 TYR X CE2  1 
ATOM 701  C CZ   . TYR A 1 52 ? 5.029   7.758   2.361   1.00 0.00 ? 52 TYR X CZ   1 
ATOM 702  O OH   . TYR A 1 52 ? 5.378   7.717   3.677   1.00 0.00 ? 52 TYR X OH   1 
ATOM 703  H H    . TYR A 1 52 ? 6.393   7.178   -2.097  1.00 0.00 ? 52 TYR X H    1 
ATOM 704  H HA   . TYR A 1 52 ? 4.175   8.070   -3.874  1.00 0.00 ? 52 TYR X HA   1 
ATOM 705  H HB2  . TYR A 1 52 ? 3.141   9.057   -1.813  1.00 0.00 ? 52 TYR X HB2  1 
ATOM 706  H HB3  . TYR A 1 52 ? 3.090   7.337   -2.040  1.00 0.00 ? 52 TYR X HB3  1 
ATOM 707  H HD1  . TYR A 1 52 ? 6.125   9.045   -0.587  1.00 0.00 ? 52 TYR X HD1  1 
ATOM 708  H HD2  . TYR A 1 52 ? 2.524   6.815   0.236   1.00 0.00 ? 52 TYR X HD2  1 
ATOM 709  H HE1  . TYR A 1 52 ? 6.775   8.885   1.764   1.00 0.00 ? 52 TYR X HE1  1 
ATOM 710  H HE2  . TYR A 1 52 ? 3.205   6.624   2.614   1.00 0.00 ? 52 TYR X HE2  1 
ATOM 711  H HH   . TYR A 1 52 ? 4.746   7.203   4.217   1.00 0.00 ? 52 TYR X HH   1 
ATOM 712  N N    . ASP A 1 53 ? 4.561   10.473  -3.976  1.00 0.00 ? 53 ASP X N    1 
ATOM 713  C CA   . ASP A 1 53 ? 4.829   11.867  -4.318  1.00 0.00 ? 53 ASP X CA   1 
ATOM 714  C C    . ASP A 1 53 ? 4.085   12.798  -3.336  1.00 0.00 ? 53 ASP X C    1 
ATOM 715  O O    . ASP A 1 53 ? 2.849   12.857  -3.375  1.00 0.00 ? 53 ASP X O    1 
ATOM 716  C CB   . ASP A 1 53 ? 4.400   12.119  -5.778  1.00 0.00 ? 53 ASP X CB   1 
ATOM 717  C CG   . ASP A 1 53 ? 4.814   13.504  -6.277  1.00 0.00 ? 53 ASP X CG   1 
ATOM 718  O OD1  . ASP A 1 53 ? 5.611   14.180  -5.589  1.00 0.00 ? 53 ASP X OD1  1 
ATOM 719  O OD2  . ASP A 1 53 ? 4.377   13.938  -7.368  1.00 0.00 ? 53 ASP X OD2  1 
ATOM 720  H H    . ASP A 1 53 ? 3.688   10.088  -4.325  1.00 0.00 ? 53 ASP X H    1 
ATOM 721  H HA   . ASP A 1 53 ? 5.903   12.036  -4.265  1.00 0.00 ? 53 ASP X HA   1 
ATOM 722  H HB2  . ASP A 1 53 ? 4.863   11.371  -6.421  1.00 0.00 ? 53 ASP X HB2  1 
ATOM 723  H HB3  . ASP A 1 53 ? 3.317   12.016  -5.868  1.00 0.00 ? 53 ASP X HB3  1 
ATOM 724  N N    . PRO A 1 54 ? 4.794   13.513  -2.436  1.00 0.00 ? 54 PRO X N    1 
ATOM 725  C CA   . PRO A 1 54 ? 4.203   14.179  -1.272  1.00 0.00 ? 54 PRO X CA   1 
ATOM 726  C C    . PRO A 1 54 ? 3.517   15.516  -1.615  1.00 0.00 ? 54 PRO X C    1 
ATOM 727  O O    . PRO A 1 54 ? 3.538   16.456  -0.823  1.00 0.00 ? 54 PRO X O    1 
ATOM 728  C CB   . PRO A 1 54 ? 5.367   14.317  -0.279  1.00 0.00 ? 54 PRO X CB   1 
ATOM 729  C CG   . PRO A 1 54 ? 6.566   14.532  -1.199  1.00 0.00 ? 54 PRO X CG   1 
ATOM 730  C CD   . PRO A 1 54 ? 6.250   13.592  -2.359  1.00 0.00 ? 54 PRO X CD   1 
ATOM 731  H HA   . PRO A 1 54 ? 3.446   13.526  -0.836  1.00 0.00 ? 54 PRO X HA   1 
ATOM 732  H HB2  . PRO A 1 54 ? 5.243   15.136  0.430   1.00 0.00 ? 54 PRO X HB2  1 
ATOM 733  H HB3  . PRO A 1 54 ? 5.492   13.377  0.262   1.00 0.00 ? 54 PRO X HB3  1 
ATOM 734  H HG2  . PRO A 1 54 ? 6.582   15.565  -1.552  1.00 0.00 ? 54 PRO X HG2  1 
ATOM 735  H HG3  . PRO A 1 54 ? 7.507   14.272  -0.712  1.00 0.00 ? 54 PRO X HG3  1 
ATOM 736  H HD2  . PRO A 1 54 ? 6.679   13.983  -3.282  1.00 0.00 ? 54 PRO X HD2  1 
ATOM 737  H HD3  . PRO A 1 54 ? 6.660   12.605  -2.146  1.00 0.00 ? 54 PRO X HD3  1 
ATOM 738  N N    . LYS A 1 55 ? 2.918   15.625  -2.805  1.00 0.00 ? 55 LYS X N    1 
ATOM 739  C CA   . LYS A 1 55 ? 2.245   16.843  -3.271  1.00 0.00 ? 55 LYS X CA   1 
ATOM 740  C C    . LYS A 1 55 ? 0.771   16.956  -2.838  1.00 0.00 ? 55 LYS X C    1 
ATOM 741  O O    . LYS A 1 55 ? 0.236   18.061  -2.854  1.00 0.00 ? 55 LYS X O    1 
ATOM 742  C CB   . LYS A 1 55 ? 2.351   16.923  -4.805  1.00 0.00 ? 55 LYS X CB   1 
ATOM 743  C CG   . LYS A 1 55 ? 3.792   17.153  -5.288  1.00 0.00 ? 55 LYS X CG   1 
ATOM 744  C CD   . LYS A 1 55 ? 3.826   17.297  -6.818  1.00 0.00 ? 55 LYS X CD   1 
ATOM 745  C CE   . LYS A 1 55 ? 5.255   17.444  -7.361  1.00 0.00 ? 55 LYS X CE   1 
ATOM 746  N NZ   . LYS A 1 55 ? 5.986   16.157  -7.313  1.00 0.00 ? 55 LYS X NZ   1 
ATOM 747  H H    . LYS A 1 55 ? 2.927   14.811  -3.412  1.00 0.00 ? 55 LYS X H    1 
ATOM 748  H HA   . LYS A 1 55 ? 2.747   17.713  -2.844  1.00 0.00 ? 55 LYS X HA   1 
ATOM 749  H HB2  . LYS A 1 55 ? 1.962   16.003  -5.245  1.00 0.00 ? 55 LYS X HB2  1 
ATOM 750  H HB3  . LYS A 1 55 ? 1.737   17.756  -5.153  1.00 0.00 ? 55 LYS X HB3  1 
ATOM 751  H HG2  . LYS A 1 55 ? 4.184   18.064  -4.836  1.00 0.00 ? 55 LYS X HG2  1 
ATOM 752  H HG3  . LYS A 1 55 ? 4.413   16.315  -4.979  1.00 0.00 ? 55 LYS X HG3  1 
ATOM 753  H HD2  . LYS A 1 55 ? 3.349   16.428  -7.279  1.00 0.00 ? 55 LYS X HD2  1 
ATOM 754  H HD3  . LYS A 1 55 ? 3.254   18.182  -7.096  1.00 0.00 ? 55 LYS X HD3  1 
ATOM 755  H HE2  . LYS A 1 55 ? 5.196   17.783  -8.398  1.00 0.00 ? 55 LYS X HE2  1 
ATOM 756  H HE3  . LYS A 1 55 ? 5.782   18.206  -6.780  1.00 0.00 ? 55 LYS X HE3  1 
ATOM 757  H HZ1  . LYS A 1 55 ? 5.442   15.409  -7.749  1.00 0.00 ? 55 LYS X HZ1  1 
ATOM 758  H HZ2  . LYS A 1 55 ? 6.054   15.795  -6.361  1.00 0.00 ? 55 LYS X HZ2  1 
ATOM 759  H HZ3  . LYS A 1 55 ? 6.906   16.200  -7.719  1.00 0.00 ? 55 LYS X HZ3  1 
ATOM 760  N N    . GLN A 1 56 ? 0.082   15.852  -2.517  1.00 0.00 ? 56 GLN X N    1 
ATOM 761  C CA   . GLN A 1 56 ? -1.361  15.840  -2.277  1.00 0.00 ? 56 GLN X CA   1 
ATOM 762  C C    . GLN A 1 56 ? -1.758  14.750  -1.270  1.00 0.00 ? 56 GLN X C    1 
ATOM 763  O O    . GLN A 1 56 ? -1.981  15.068  -0.109  1.00 0.00 ? 56 GLN X O    1 
ATOM 764  C CB   . GLN A 1 56 ? -2.088  15.666  -3.623  1.00 0.00 ? 56 GLN X CB   1 
ATOM 765  C CG   . GLN A 1 56 ? -2.402  16.994  -4.336  1.00 0.00 ? 56 GLN X CG   1 
ATOM 766  C CD   . GLN A 1 56 ? -3.284  16.822  -5.572  1.00 0.00 ? 56 GLN X CD   1 
ATOM 767  O OE1  . GLN A 1 56 ? -3.658  15.732  -5.975  1.00 0.00 ? 56 GLN X OE1  1 
ATOM 768  N NE2  . GLN A 1 56 ? -3.647  17.900  -6.235  1.00 0.00 ? 56 GLN X NE2  1 
ATOM 769  H H    . GLN A 1 56 ? 0.552   14.964  -2.524  1.00 0.00 ? 56 GLN X H    1 
ATOM 770  H HA   . GLN A 1 56 ? -1.668  16.783  -1.819  1.00 0.00 ? 56 GLN X HA   1 
ATOM 771  H HB2  . GLN A 1 56 ? -1.506  15.025  -4.290  1.00 0.00 ? 56 GLN X HB2  1 
ATOM 772  H HB3  . GLN A 1 56 ? -3.020  15.155  -3.422  1.00 0.00 ? 56 GLN X HB3  1 
ATOM 773  H HG2  . GLN A 1 56 ? -2.910  17.665  -3.644  1.00 0.00 ? 56 GLN X HG2  1 
ATOM 774  H HG3  . GLN A 1 56 ? -1.473  17.466  -4.653  1.00 0.00 ? 56 GLN X HG3  1 
ATOM 775  H HE21 . GLN A 1 56 ? -3.389  18.816  -5.916  1.00 0.00 ? 56 GLN X HE21 1 
ATOM 776  H HE22 . GLN A 1 56 ? -4.227  17.747  -7.042  1.00 0.00 ? 56 GLN X HE22 1 
ATOM 777  N N    . VAL A 1 57 ? -1.855  13.491  -1.708  1.00 0.00 ? 57 VAL X N    1 
ATOM 778  C CA   . VAL A 1 57 ? -2.186  12.312  -0.889  1.00 0.00 ? 57 VAL X CA   1 
ATOM 779  C C    . VAL A 1 57 ? -0.979  11.376  -0.868  1.00 0.00 ? 57 VAL X C    1 
ATOM 780  O O    . VAL A 1 57 ? -0.197  11.350  -1.815  1.00 0.00 ? 57 VAL X O    1 
ATOM 781  C CB   . VAL A 1 57 ? -3.468  11.582  -1.362  1.00 0.00 ? 57 VAL X CB   1 
ATOM 782  C CG1  . VAL A 1 57 ? -4.698  12.491  -1.201  1.00 0.00 ? 57 VAL X CG1  1 
ATOM 783  C CG2  . VAL A 1 57 ? -3.382  11.080  -2.811  1.00 0.00 ? 57 VAL X CG2  1 
ATOM 784  H H    . VAL A 1 57 ? -1.571  13.292  -2.654  1.00 0.00 ? 57 VAL X H    1 
ATOM 785  H HA   . VAL A 1 57 ? -2.367  12.619  0.138   1.00 0.00 ? 57 VAL X HA   1 
ATOM 786  H HB   . VAL A 1 57 ? -3.611  10.719  -0.710  1.00 0.00 ? 57 VAL X HB   1 
ATOM 787  H HG11 . VAL A 1 57 ? -4.625  13.353  -1.864  1.00 0.00 ? 57 VAL X HG11 1 
ATOM 788  H HG12 . VAL A 1 57 ? -4.770  12.835  -0.169  1.00 0.00 ? 57 VAL X HG12 1 
ATOM 789  H HG13 . VAL A 1 57 ? -5.603  11.933  -1.446  1.00 0.00 ? 57 VAL X HG13 1 
ATOM 790  H HG21 . VAL A 1 57 ? -4.312  10.586  -3.090  1.00 0.00 ? 57 VAL X HG21 1 
ATOM 791  H HG22 . VAL A 1 57 ? -3.197  11.906  -3.498  1.00 0.00 ? 57 VAL X HG22 1 
ATOM 792  H HG23 . VAL A 1 57 ? -2.575  10.356  -2.887  1.00 0.00 ? 57 VAL X HG23 1 
ATOM 793  N N    . SER A 1 58 ? -0.809  10.656  0.238   1.00 0.00 ? 58 SER X N    1 
ATOM 794  C CA   . SER A 1 58 ? 0.407   9.904   0.567   1.00 0.00 ? 58 SER X CA   1 
ATOM 795  C C    . SER A 1 58 ? -0.005  8.595   1.267   1.00 0.00 ? 58 SER X C    1 
ATOM 796  O O    . SER A 1 58 ? -0.622  7.752   0.620   1.00 0.00 ? 58 SER X O    1 
ATOM 797  C CB   . SER A 1 58 ? 1.312   10.834  1.384   1.00 0.00 ? 58 SER X CB   1 
ATOM 798  O OG   . SER A 1 58 ? 2.532   10.232  1.751   1.00 0.00 ? 58 SER X OG   1 
ATOM 799  H H    . SER A 1 58 ? -1.502  10.743  0.963   1.00 0.00 ? 58 SER X H    1 
ATOM 800  H HA   . SER A 1 58 ? 0.953   9.635   -0.336  1.00 0.00 ? 58 SER X HA   1 
ATOM 801  H HB2  . SER A 1 58 ? 1.532   11.720  0.792   1.00 0.00 ? 58 SER X HB2  1 
ATOM 802  H HB3  . SER A 1 58 ? 0.777   11.151  2.277   1.00 0.00 ? 58 SER X HB3  1 
ATOM 803  H HG   . SER A 1 58 ? 2.568   10.215  2.744   1.00 0.00 ? 58 SER X HG   1 
ATOM 804  N N    . GLU A 1 59 ? 0.212   8.438   2.574   1.00 0.00 ? 59 GLU X N    1 
ATOM 805  C CA   . GLU A 1 59 ? -0.235  7.273   3.363   1.00 0.00 ? 59 GLU X CA   1 
ATOM 806  C C    . GLU A 1 59 ? -1.746  6.996   3.218   1.00 0.00 ? 59 GLU X C    1 
ATOM 807  O O    . GLU A 1 59 ? -2.185  5.844   3.200   1.00 0.00 ? 59 GLU X O    1 
ATOM 808  C CB   . GLU A 1 59 ? 0.055   7.483   4.859   1.00 0.00 ? 59 GLU X CB   1 
ATOM 809  C CG   . GLU A 1 59 ? 1.408   8.115   5.201   1.00 0.00 ? 59 GLU X CG   1 
ATOM 810  C CD   . GLU A 1 59 ? 1.380   9.630   5.079   1.00 0.00 ? 59 GLU X CD   1 
ATOM 811  O OE1  . GLU A 1 59 ? 0.598   10.291  5.794   1.00 0.00 ? 59 GLU X OE1  1 
ATOM 812  O OE2  . GLU A 1 59 ? 2.150   10.195  4.271   1.00 0.00 ? 59 GLU X OE2  1 
ATOM 813  H H    . GLU A 1 59 ? 0.819   9.102   3.038   1.00 0.00 ? 59 GLU X H    1 
ATOM 814  H HA   . GLU A 1 59 ? 0.319   6.394   3.030   1.00 0.00 ? 59 GLU X HA   1 
ATOM 815  H HB2  . GLU A 1 59 ? -0.736  8.084   5.308   1.00 0.00 ? 59 GLU X HB2  1 
ATOM 816  H HB3  . GLU A 1 59 ? 0.021   6.505   5.324   1.00 0.00 ? 59 GLU X HB3  1 
ATOM 817  H HG2  . GLU A 1 59 ? 1.656   7.858   6.230   1.00 0.00 ? 59 GLU X HG2  1 
ATOM 818  H HG3  . GLU A 1 59 ? 2.179   7.715   4.545   1.00 0.00 ? 59 GLU X HG3  1 
ATOM 819  N N    . ILE A 1 60 ? -2.531  8.071   3.069   1.00 0.00 ? 60 ILE X N    1 
ATOM 820  C CA   . ILE A 1 60 ? -3.978  8.067   2.789   1.00 0.00 ? 60 ILE X CA   1 
ATOM 821  C C    . ILE A 1 60 ? -4.336  7.009   1.747   1.00 0.00 ? 60 ILE X C    1 
ATOM 822  O O    . ILE A 1 60 ? -5.075  6.101   2.102   1.00 0.00 ? 60 ILE X O    1 
ATOM 823  C CB   . ILE A 1 60 ? -4.466  9.473   2.367   1.00 0.00 ? 60 ILE X CB   1 
ATOM 824  C CG1  . ILE A 1 60 ? -3.995  10.614  3.301   1.00 0.00 ? 60 ILE X CG1  1 
ATOM 825  C CG2  . ILE A 1 60 ? -5.999  9.499   2.224   1.00 0.00 ? 60 ILE X CG2  1 
ATOM 826  C CD1  . ILE A 1 60 ? -4.371  10.448  4.781   1.00 0.00 ? 60 ILE X CD1  1 
ATOM 827  H H    . ILE A 1 60 ? -2.067  8.958   3.173   1.00 0.00 ? 60 ILE X H    1 
ATOM 828  H HA   . ILE A 1 60 ? -4.521  7.773   3.685   1.00 0.00 ? 60 ILE X HA   1 
ATOM 829  H HB   . ILE A 1 60 ? -4.052  9.682   1.384   1.00 0.00 ? 60 ILE X HB   1 
ATOM 830  H HG12 . ILE A 1 60 ? -2.911  10.708  3.232   1.00 0.00 ? 60 ILE X HG12 1 
ATOM 831  H HG13 . ILE A 1 60 ? -4.416  11.555  2.943   1.00 0.00 ? 60 ILE X HG13 1 
ATOM 832  H HG21 . ILE A 1 60 ? -6.336  10.504  1.974   1.00 0.00 ? 60 ILE X HG21 1 
ATOM 833  H HG22 . ILE A 1 60 ? -6.477  9.179   3.151   1.00 0.00 ? 60 ILE X HG22 1 
ATOM 834  H HG23 . ILE A 1 60 ? -6.313  8.831   1.420   1.00 0.00 ? 60 ILE X HG23 1 
ATOM 835  H HD11 . ILE A 1 60 ? -4.004  11.309  5.341   1.00 0.00 ? 60 ILE X HD11 1 
ATOM 836  H HD12 . ILE A 1 60 ? -5.454  10.393  4.894   1.00 0.00 ? 60 ILE X HD12 1 
ATOM 837  H HD13 . ILE A 1 60 ? -3.916  9.547   5.191   1.00 0.00 ? 60 ILE X HD13 1 
ATOM 838  N N    . THR A 1 61 ? -3.739  7.060   0.547   1.00 0.00 ? 61 THR X N    1 
ATOM 839  C CA   . THR A 1 61 ? -3.860  6.118   -0.591  1.00 0.00 ? 61 THR X CA   1 
ATOM 840  C C    . THR A 1 61 ? -3.852  4.648   -0.182  1.00 0.00 ? 61 THR X C    1 
ATOM 841  O O    . THR A 1 61 ? -4.565  3.816   -0.743  1.00 0.00 ? 61 THR X O    1 
ATOM 842  C CB   . THR A 1 61 ? -2.682  6.370   -1.559  1.00 0.00 ? 61 THR X CB   1 
ATOM 843  O OG1  . THR A 1 61 ? -2.156  7.675   -1.481  1.00 0.00 ? 61 THR X OG1  1 
ATOM 844  C CG2  . THR A 1 61 ? -3.115  6.225   -3.002  1.00 0.00 ? 61 THR X CG2  1 
ATOM 845  H H    . THR A 1 61 ? -3.114  7.836   0.387   1.00 0.00 ? 61 THR X H    1 
ATOM 846  H HA   . THR A 1 61 ? -4.810  6.268   -1.118  1.00 0.00 ? 61 THR X HA   1 
ATOM 847  H HB   . THR A 1 61 ? -1.872  5.664   -1.359  1.00 0.00 ? 61 THR X HB   1 
ATOM 848  H HG1  . THR A 1 61 ? -1.468  7.667   -0.786  1.00 0.00 ? 61 THR X HG1  1 
ATOM 849  H HG21 . THR A 1 61 ? -2.283  6.490   -3.647  1.00 0.00 ? 61 THR X HG21 1 
ATOM 850  H HG22 . THR A 1 61 ? -3.941  6.911   -3.190  1.00 0.00 ? 61 THR X HG22 1 
ATOM 851  H HG23 . THR A 1 61 ? -3.402  5.198   -3.192  1.00 0.00 ? 61 THR X HG23 1 
ATOM 852  N N    . ILE A 1 62 ? -3.032  4.319   0.809   1.00 0.00 ? 62 ILE X N    1 
ATOM 853  C CA   . ILE A 1 62 ? -2.824  2.958   1.302   1.00 0.00 ? 62 ILE X CA   1 
ATOM 854  C C    . ILE A 1 62 ? -3.774  2.645   2.460   1.00 0.00 ? 62 ILE X C    1 
ATOM 855  O O    . ILE A 1 62 ? -4.225  1.511   2.582   1.00 0.00 ? 62 ILE X O    1 
ATOM 856  C CB   . ILE A 1 62 ? -1.350  2.738   1.719   1.00 0.00 ? 62 ILE X CB   1 
ATOM 857  C CG1  . ILE A 1 62 ? -0.347  3.782   1.168   1.00 0.00 ? 62 ILE X CG1  1 
ATOM 858  C CG2  . ILE A 1 62 ? -0.962  1.318   1.267   1.00 0.00 ? 62 ILE X CG2  1 
ATOM 859  C CD1  . ILE A 1 62 ? 1.036   3.637   1.786   1.00 0.00 ? 62 ILE X CD1  1 
ATOM 860  H H    . ILE A 1 62 ? -2.550  5.071   1.294   1.00 0.00 ? 62 ILE X H    1 
ATOM 861  H HA   . ILE A 1 62 ? -3.072  2.263   0.499   1.00 0.00 ? 62 ILE X HA   1 
ATOM 862  H HB   . ILE A 1 62 ? -1.297  2.790   2.810   1.00 0.00 ? 62 ILE X HB   1 
ATOM 863  H HG12 . ILE A 1 62 ? -0.276  3.704   0.082   1.00 0.00 ? 62 ILE X HG12 1 
ATOM 864  H HG13 . ILE A 1 62 ? -0.673  4.789   1.417   1.00 0.00 ? 62 ILE X HG13 1 
ATOM 865  H HG21 . ILE A 1 62 ? 0.005   1.039   1.677   1.00 0.00 ? 62 ILE X HG21 1 
ATOM 866  H HG22 . ILE A 1 62 ? -1.702  0.602   1.618   1.00 0.00 ? 62 ILE X HG22 1 
ATOM 867  H HG23 . ILE A 1 62 ? -0.912  1.271   0.179   1.00 0.00 ? 62 ILE X HG23 1 
ATOM 868  H HD11 . ILE A 1 62 ? 1.608   4.542   1.588   1.00 0.00 ? 62 ILE X HD11 1 
ATOM 869  H HD12 . ILE A 1 62 ? 0.952   3.516   2.866   1.00 0.00 ? 62 ILE X HD12 1 
ATOM 870  H HD13 . ILE A 1 62 ? 1.542   2.779   1.350   1.00 0.00 ? 62 ILE X HD13 1 
ATOM 871  N N    . GLN A 1 63 ? -4.129  3.654   3.256   1.00 0.00 ? 63 GLN X N    1 
ATOM 872  C CA   . GLN A 1 63 ? -5.157  3.575   4.285   1.00 0.00 ? 63 GLN X CA   1 
ATOM 873  C C    . GLN A 1 63 ? -6.543  3.333   3.694   1.00 0.00 ? 63 GLN X C    1 
ATOM 874  O O    . GLN A 1 63 ? -7.199  2.386   4.122   1.00 0.00 ? 63 GLN X O    1 
ATOM 875  C CB   . GLN A 1 63 ? -5.104  4.822   5.160   1.00 0.00 ? 63 GLN X CB   1 
ATOM 876  C CG   . GLN A 1 63 ? -5.928  4.661   6.443   1.00 0.00 ? 63 GLN X CG   1 
ATOM 877  C CD   . GLN A 1 63 ? -5.733  5.841   7.387   1.00 0.00 ? 63 GLN X CD   1 
ATOM 878  O OE1  . GLN A 1 63 ? -6.559  6.729   7.502   1.00 0.00 ? 63 GLN X OE1  1 
ATOM 879  N NE2  . GLN A 1 63 ? -4.635  5.909   8.109   1.00 0.00 ? 63 GLN X NE2  1 
ATOM 880  H H    . GLN A 1 63 ? -3.724  4.568   3.067   1.00 0.00 ? 63 GLN X H    1 
ATOM 881  H HA   . GLN A 1 63 ? -4.948  2.734   4.916   1.00 0.00 ? 63 GLN X HA   1 
ATOM 882  H HB2  . GLN A 1 63 ? -4.066  5.035   5.407   1.00 0.00 ? 63 GLN X HB2  1 
ATOM 883  H HB3  . GLN A 1 63 ? -5.498  5.650   4.591   1.00 0.00 ? 63 GLN X HB3  1 
ATOM 884  H HG2  . GLN A 1 63 ? -6.986  4.584   6.190   1.00 0.00 ? 63 GLN X HG2  1 
ATOM 885  H HG3  . GLN A 1 63 ? -5.630  3.748   6.958   1.00 0.00 ? 63 GLN X HG3  1 
ATOM 886  H HE21 . GLN A 1 63 ? -3.944  5.180   8.103   1.00 0.00 ? 63 GLN X HE21 1 
ATOM 887  H HE22 . GLN A 1 63 ? -4.570  6.714   8.709   1.00 0.00 ? 63 GLN X HE22 1 
ATOM 888  N N    . GLU A 1 64 ? -6.942  4.114   2.681   1.00 0.00 ? 64 GLU X N    1 
ATOM 889  C CA   . GLU A 1 64 ? -8.166  3.858   1.895   1.00 0.00 ? 64 GLU X CA   1 
ATOM 890  C C    . GLU A 1 64 ? -8.151  2.410   1.401   1.00 0.00 ? 64 GLU X C    1 
ATOM 891  O O    . GLU A 1 64 ? -9.123  1.673   1.545   1.00 0.00 ? 64 GLU X O    1 
ATOM 892  C CB   . GLU A 1 64 ? -8.401  4.789   0.664   1.00 0.00 ? 64 GLU X CB   1 
ATOM 893  C CG   . GLU A 1 64 ? -7.530  6.031   0.470   1.00 0.00 ? 64 GLU X CG   1 
ATOM 894  C CD   . GLU A 1 64 ? -7.977  6.913   -0.703  1.00 0.00 ? 64 GLU X CD   1 
ATOM 895  O OE1  . GLU A 1 64 ? -9.178  7.253   -0.750  1.00 0.00 ? 64 GLU X OE1  1 
ATOM 896  O OE2  . GLU A 1 64 ? -7.107  7.246   -1.542  1.00 0.00 ? 64 GLU X OE2  1 
ATOM 897  H H    . GLU A 1 64 ? -6.318  4.881   2.432   1.00 0.00 ? 64 GLU X H    1 
ATOM 898  H HA   . GLU A 1 64 ? -9.019  3.973   2.565   1.00 0.00 ? 64 GLU X HA   1 
ATOM 899  H HB2  . GLU A 1 64 ? -8.276  4.210   -0.252  1.00 0.00 ? 64 GLU X HB2  1 
ATOM 900  H HB3  . GLU A 1 64 ? -9.444  5.103   0.700   1.00 0.00 ? 64 GLU X HB3  1 
ATOM 901  H HG2  . GLU A 1 64 ? -7.527  6.628   1.381   1.00 0.00 ? 64 GLU X HG2  1 
ATOM 902  H HG3  . GLU A 1 64 ? -6.530  5.675   0.238   1.00 0.00 ? 64 GLU X HG3  1 
ATOM 903  N N    . ARG A 1 65 ? -7.027  1.981   0.822   1.00 0.00 ? 65 ARG X N    1 
ATOM 904  C CA   . ARG A 1 65 ? -6.942  0.706   0.124   1.00 0.00 ? 65 ARG X CA   1 
ATOM 905  C C    . ARG A 1 65 ? -6.927  -0.515  1.036   1.00 0.00 ? 65 ARG X C    1 
ATOM 906  O O    . ARG A 1 65 ? -7.578  -1.511  0.728   1.00 0.00 ? 65 ARG X O    1 
ATOM 907  C CB   . ARG A 1 65 ? -5.716  0.767   -0.788  1.00 0.00 ? 65 ARG X CB   1 
ATOM 908  C CG   . ARG A 1 65 ? -5.431  -0.435  -1.697  1.00 0.00 ? 65 ARG X CG   1 
ATOM 909  C CD   . ARG A 1 65 ? -6.590  -1.293  -2.230  1.00 0.00 ? 65 ARG X CD   1 
ATOM 910  N NE   . ARG A 1 65 ? -7.848  -0.577  -2.503  1.00 0.00 ? 65 ARG X NE   1 
ATOM 911  C CZ   . ARG A 1 65 ? -8.975  -1.155  -2.905  1.00 0.00 ? 65 ARG X CZ   1 
ATOM 912  N NH1  . ARG A 1 65 ? -8.975  -2.386  -3.367  1.00 0.00 ? 65 ARG X NH1  1 
ATOM 913  N NH2  . ARG A 1 65 ? -10.127 -0.514  -2.845  1.00 0.00 ? 65 ARG X NH2  1 
ATOM 914  H H    . ARG A 1 65 ? -6.256  2.634   0.737   1.00 0.00 ? 65 ARG X H    1 
ATOM 915  H HA   . ARG A 1 65 ? -7.848  0.648   -0.467  1.00 0.00 ? 65 ARG X HA   1 
ATOM 916  H HB2  . ARG A 1 65 ? -5.833  1.645   -1.412  1.00 0.00 ? 65 ARG X HB2  1 
ATOM 917  H HB3  . ARG A 1 65 ? -4.829  0.935   -0.175  1.00 0.00 ? 65 ARG X HB3  1 
ATOM 918  H HG2  . ARG A 1 65 ? -4.865  -0.071  -2.553  1.00 0.00 ? 65 ARG X HG2  1 
ATOM 919  H HG3  . ARG A 1 65 ? -4.773  -1.105  -1.148  1.00 0.00 ? 65 ARG X HG3  1 
ATOM 920  H HD2  . ARG A 1 65 ? -6.237  -1.746  -3.153  1.00 0.00 ? 65 ARG X HD2  1 
ATOM 921  H HD3  . ARG A 1 65 ? -6.788  -2.095  -1.519  1.00 0.00 ? 65 ARG X HD3  1 
ATOM 922  H HE   . ARG A 1 65 ? -7.898  0.383   -2.200  1.00 0.00 ? 65 ARG X HE   1 
ATOM 923  H HH11 . ARG A 1 65 ? -8.095  -2.888  -3.447  1.00 0.00 ? 65 ARG X HH11 1 
ATOM 924  H HH12 . ARG A 1 65 ? -9.831  -2.814  -3.666  1.00 0.00 ? 65 ARG X HH12 1 
ATOM 925  H HH21 . ARG A 1 65 ? -10.162 0.430   -2.495  1.00 0.00 ? 65 ARG X HH21 1 
ATOM 926  H HH22 . ARG A 1 65 ? -10.985 -0.966  -3.114  1.00 0.00 ? 65 ARG X HH22 1 
ATOM 927  N N    . ILE A 1 66 ? -6.163  -0.470  2.120   1.00 0.00 ? 66 ILE X N    1 
ATOM 928  C CA   . ILE A 1 66 ? -6.114  -1.549  3.121   1.00 0.00 ? 66 ILE X CA   1 
ATOM 929  C C    . ILE A 1 66 ? -7.419  -1.619  3.930   1.00 0.00 ? 66 ILE X C    1 
ATOM 930  O O    . ILE A 1 66 ? -7.956  -2.716  4.082   1.00 0.00 ? 66 ILE X O    1 
ATOM 931  C CB   . ILE A 1 66 ? -4.839  -1.430  3.992   1.00 0.00 ? 66 ILE X CB   1 
ATOM 932  C CG1  . ILE A 1 66 ? -3.582  -1.550  3.096   1.00 0.00 ? 66 ILE X CG1  1 
ATOM 933  C CG2  . ILE A 1 66 ? -4.811  -2.554  5.044   1.00 0.00 ? 66 ILE X CG2  1 
ATOM 934  C CD1  . ILE A 1 66 ? -2.252  -1.258  3.793   1.00 0.00 ? 66 ILE X CD1  1 
ATOM 935  H H    . ILE A 1 66 ? -5.549  0.338   2.220   1.00 0.00 ? 66 ILE X H    1 
ATOM 936  H HA   . ILE A 1 66 ? -6.061  -2.505  2.598   1.00 0.00 ? 66 ILE X HA   1 
ATOM 937  H HB   . ILE A 1 66 ? -4.835  -0.464  4.500   1.00 0.00 ? 66 ILE X HB   1 
ATOM 938  H HG12 . ILE A 1 66 ? -3.550  -2.554  2.691   1.00 0.00 ? 66 ILE X HG12 1 
ATOM 939  H HG13 . ILE A 1 66 ? -3.651  -0.874  2.249   1.00 0.00 ? 66 ILE X HG13 1 
ATOM 940  H HG21 . ILE A 1 66 ? -3.907  -2.508  5.645   1.00 0.00 ? 66 ILE X HG21 1 
ATOM 941  H HG22 . ILE A 1 66 ? -5.657  -2.454  5.717   1.00 0.00 ? 66 ILE X HG22 1 
ATOM 942  H HG23 . ILE A 1 66 ? -4.844  -3.526  4.550   1.00 0.00 ? 66 ILE X HG23 1 
ATOM 943  H HD11 . ILE A 1 66 ? -1.459  -1.225  3.052   1.00 0.00 ? 66 ILE X HD11 1 
ATOM 944  H HD12 . ILE A 1 66 ? -2.294  -0.284  4.272   1.00 0.00 ? 66 ILE X HD12 1 
ATOM 945  H HD13 . ILE A 1 66 ? -2.016  -2.032  4.522   1.00 0.00 ? 66 ILE X HD13 1 
ATOM 946  N N    . ALA A 1 67 ? -7.984  -0.484  4.369   1.00 0.00 ? 67 ALA X N    1 
ATOM 947  C CA   . ALA A 1 67 ? -9.251  -0.470  5.109   1.00 0.00 ? 67 ALA X CA   1 
ATOM 948  C C    . ALA A 1 67 ? -10.457 -0.865  4.237   1.00 0.00 ? 67 ALA X C    1 
ATOM 949  O O    . ALA A 1 67 ? -11.344 -1.567  4.717   1.00 0.00 ? 67 ALA X O    1 
ATOM 950  C CB   . ALA A 1 67 ? -9.452  0.912   5.744   1.00 0.00 ? 67 ALA X CB   1 
ATOM 951  H H    . ALA A 1 67 ? -7.539  0.409   4.181   1.00 0.00 ? 67 ALA X H    1 
ATOM 952  H HA   . ALA A 1 67 ? -9.185  -1.208  5.912   1.00 0.00 ? 67 ALA X HA   1 
ATOM 953  H HB1  . ALA A 1 67 ? -8.590  1.168   6.359   1.00 0.00 ? 67 ALA X HB1  1 
ATOM 954  H HB2  . ALA A 1 67 ? -9.577  1.667   4.966   1.00 0.00 ? 67 ALA X HB2  1 
ATOM 955  H HB3  . ALA A 1 67 ? -10.345 0.898   6.369   1.00 0.00 ? 67 ALA X HB3  1 
ATOM 956  N N    . ALA A 1 68 ? -10.478 -0.504  2.945   1.00 0.00 ? 68 ALA X N    1 
ATOM 957  C CA   . ALA A 1 68 ? -11.510 -0.937  1.984   1.00 0.00 ? 68 ALA X CA   1 
ATOM 958  C C    . ALA A 1 68 ? -11.504 -2.448  1.672   1.00 0.00 ? 68 ALA X C    1 
ATOM 959  O O    . ALA A 1 68 ? -12.306 -2.900  0.855   1.00 0.00 ? 68 ALA X O    1 
ATOM 960  C CB   . ALA A 1 68 ? -11.382 -0.111  0.696   1.00 0.00 ? 68 ALA X CB   1 
ATOM 961  H H    . ALA A 1 68 ? -9.772  0.149   2.614   1.00 0.00 ? 68 ALA X H    1 
ATOM 962  H HA   . ALA A 1 68 ? -12.487 -0.727  2.426   1.00 0.00 ? 68 ALA X HA   1 
ATOM 963  H HB1  . ALA A 1 68 ? -11.501 0.949   0.924   1.00 0.00 ? 68 ALA X HB1  1 
ATOM 964  H HB2  . ALA A 1 68 ? -10.405 -0.282  0.241   1.00 0.00 ? 68 ALA X HB2  1 
ATOM 965  H HB3  . ALA A 1 68 ? -12.164 -0.400  -0.007  1.00 0.00 ? 68 ALA X HB3  1 
ATOM 966  N N    . LEU A 1 69 ? -10.600 -3.225  2.278   1.00 0.00 ? 69 LEU X N    1 
ATOM 967  C CA   . LEU A 1 69 ? -10.562 -4.687  2.193   1.00 0.00 ? 69 LEU X CA   1 
ATOM 968  C C    . LEU A 1 69 ? -10.791 -5.373  3.554   1.00 0.00 ? 69 LEU X C    1 
ATOM 969  O O    . LEU A 1 69 ? -10.770 -6.602  3.598   1.00 0.00 ? 69 LEU X O    1 
ATOM 970  C CB   . LEU A 1 69 ? -9.206  -5.088  1.590   1.00 0.00 ? 69 LEU X CB   1 
ATOM 971  C CG   . LEU A 1 69 ? -8.954  -4.599  0.155   1.00 0.00 ? 69 LEU X CG   1 
ATOM 972  C CD1  . LEU A 1 69 ? -7.500  -4.931  -0.193  1.00 0.00 ? 69 LEU X CD1  1 
ATOM 973  C CD2  . LEU A 1 69 ? -9.894  -5.253  -0.870  1.00 0.00 ? 69 LEU X CD2  1 
ATOM 974  H H    . LEU A 1 69 ? -9.913  -2.779  2.875   1.00 0.00 ? 69 LEU X H    1 
ATOM 975  H HA   . LEU A 1 69 ? -11.367 -5.043  1.548   1.00 0.00 ? 69 LEU X HA   1 
ATOM 976  H HB2  . LEU A 1 69 ? -8.426  -4.679  2.234   1.00 0.00 ? 69 LEU X HB2  1 
ATOM 977  H HB3  . LEU A 1 69 ? -9.124  -6.175  1.599   1.00 0.00 ? 69 LEU X HB3  1 
ATOM 978  H HG   . LEU A 1 69 ? -9.082  -3.519  0.101   1.00 0.00 ? 69 LEU X HG   1 
ATOM 979  H HD11 . LEU A 1 69 ? -7.255  -4.513  -1.164  1.00 0.00 ? 69 LEU X HD11 1 
ATOM 980  H HD12 . LEU A 1 69 ? -7.346  -6.011  -0.205  1.00 0.00 ? 69 LEU X HD12 1 
ATOM 981  H HD13 . LEU A 1 69 ? -6.843  -4.488  0.554   1.00 0.00 ? 69 LEU X HD13 1 
ATOM 982  H HD21 . LEU A 1 69 ? -9.635  -4.916  -1.873  1.00 0.00 ? 69 LEU X HD21 1 
ATOM 983  H HD22 . LEU A 1 69 ? -10.924 -4.961  -0.668  1.00 0.00 ? 69 LEU X HD22 1 
ATOM 984  H HD23 . LEU A 1 69 ? -9.810  -6.338  -0.819  1.00 0.00 ? 69 LEU X HD23 1 
ATOM 985  N N    . GLY A 1 70 ? -10.992 -4.612  4.639   1.00 0.00 ? 70 GLY X N    1 
ATOM 986  C CA   . GLY A 1 70 ? -11.202 -5.134  5.998   1.00 0.00 ? 70 GLY X CA   1 
ATOM 987  C C    . GLY A 1 70 ? -9.916  -5.427  6.779   1.00 0.00 ? 70 GLY X C    1 
ATOM 988  O O    . GLY A 1 70 ? -9.985  -6.015  7.855   1.00 0.00 ? 70 GLY X O    1 
ATOM 989  H H    . GLY A 1 70 ? -11.047 -3.607  4.522   1.00 0.00 ? 70 GLY X H    1 
ATOM 990  H HA2  . GLY A 1 70 ? -11.763 -4.398  6.572   1.00 0.00 ? 70 GLY X HA2  1 
ATOM 991  H HA3  . GLY A 1 70 ? -11.764 -6.068  5.944   1.00 0.00 ? 70 GLY X HA3  1 
ATOM 992  N N    . TYR A 1 71 ? -8.747  -5.042  6.257   1.00 0.00 ? 71 TYR X N    1 
ATOM 993  C CA   . TYR A 1 71 ? -7.446  -5.296  6.881   1.00 0.00 ? 71 TYR X CA   1 
ATOM 994  C C    . TYR A 1 71 ? -6.898  -4.070  7.640   1.00 0.00 ? 71 TYR X C    1 
ATOM 995  O O    . TYR A 1 71 ? -7.427  -2.957  7.571   1.00 0.00 ? 71 TYR X O    1 
ATOM 996  C CB   . TYR A 1 71 ? -6.485  -5.773  5.790   1.00 0.00 ? 71 TYR X CB   1 
ATOM 997  C CG   . TYR A 1 71 ? -6.838  -7.141  5.247   1.00 0.00 ? 71 TYR X CG   1 
ATOM 998  C CD1  . TYR A 1 71 ? -6.424  -8.300  5.925   1.00 0.00 ? 71 TYR X CD1  1 
ATOM 999  C CD2  . TYR A 1 71 ? -7.586  -7.262  4.065   1.00 0.00 ? 71 TYR X CD2  1 
ATOM 1000 C CE1  . TYR A 1 71 ? -6.723  -9.571  5.398   1.00 0.00 ? 71 TYR X CE1  1 
ATOM 1001 C CE2  . TYR A 1 71 ? -7.883  -8.525  3.525   1.00 0.00 ? 71 TYR X CE2  1 
ATOM 1002 C CZ   . TYR A 1 71 ? -7.439  -9.688  4.187   1.00 0.00 ? 71 TYR X CZ   1 
ATOM 1003 O OH   . TYR A 1 71 ? -7.686  -10.917 3.655   1.00 0.00 ? 71 TYR X OH   1 
ATOM 1004 H H    . TYR A 1 71 ? -8.755  -4.494  5.408   1.00 0.00 ? 71 TYR X H    1 
ATOM 1005 H HA   . TYR A 1 71 ? -7.526  -6.119  7.597   1.00 0.00 ? 71 TYR X HA   1 
ATOM 1006 H HB2  . TYR A 1 71 ? -6.480  -5.048  4.980   1.00 0.00 ? 71 TYR X HB2  1 
ATOM 1007 H HB3  . TYR A 1 71 ? -5.475  -5.816  6.191   1.00 0.00 ? 71 TYR X HB3  1 
ATOM 1008 H HD1  . TYR A 1 71 ? -5.873  -8.211  6.849   1.00 0.00 ? 71 TYR X HD1  1 
ATOM 1009 H HD2  . TYR A 1 71 ? -7.942  -6.369  3.585   1.00 0.00 ? 71 TYR X HD2  1 
ATOM 1010 H HE1  . TYR A 1 71 ? -6.360  -10.458 5.895   1.00 0.00 ? 71 TYR X HE1  1 
ATOM 1011 H HE2  . TYR A 1 71 ? -8.451  -8.606  2.615   1.00 0.00 ? 71 TYR X HE2  1 
ATOM 1012 H HH   . TYR A 1 71 ? -7.312  -11.610 4.205   1.00 0.00 ? 71 TYR X HH   1 
ATOM 1013 N N    . THR A 1 72 ? -5.804  -4.293  8.375   1.00 0.00 ? 72 THR X N    1 
ATOM 1014 C CA   . THR A 1 72 ? -5.068  -3.331  9.192   1.00 0.00 ? 72 THR X CA   1 
ATOM 1015 C C    . THR A 1 72 ? -3.680  -3.080  8.615   1.00 0.00 ? 72 THR X C    1 
ATOM 1016 O O    . THR A 1 72 ? -3.090  -3.957  7.982   1.00 0.00 ? 72 THR X O    1 
ATOM 1017 C CB   . THR A 1 72 ? -4.946  -3.885  10.614  1.00 0.00 ? 72 THR X CB   1 
ATOM 1018 O OG1  . THR A 1 72 ? -4.762  -5.283  10.599  1.00 0.00 ? 72 THR X OG1  1 
ATOM 1019 C CG2  . THR A 1 72 ? -6.204  -3.584  11.427  1.00 0.00 ? 72 THR X CG2  1 
ATOM 1020 H H    . THR A 1 72 ? -5.442  -5.229  8.441   1.00 0.00 ? 72 THR X H    1 
ATOM 1021 H HA   . THR A 1 72 ? -5.603  -2.382  9.213   1.00 0.00 ? 72 THR X HA   1 
ATOM 1022 H HB   . THR A 1 72 ? -4.089  -3.427  11.090  1.00 0.00 ? 72 THR X HB   1 
ATOM 1023 H HG1  . THR A 1 72 ? -4.874  -5.617  11.494  1.00 0.00 ? 72 THR X HG1  1 
ATOM 1024 H HG21 . THR A 1 72 ? -6.354  -2.506  11.486  1.00 0.00 ? 72 THR X HG21 1 
ATOM 1025 H HG22 . THR A 1 72 ? -6.100  -3.976  12.440  1.00 0.00 ? 72 THR X HG22 1 
ATOM 1026 H HG23 . THR A 1 72 ? -7.076  -4.037  10.952  1.00 0.00 ? 72 THR X HG23 1 
ATOM 1027 N N    . LEU A 1 73 ? -3.149  -1.883  8.881   1.00 0.00 ? 73 LEU X N    1 
ATOM 1028 C CA   . LEU A 1 73 ? -1.831  -1.402  8.451   1.00 0.00 ? 73 LEU X CA   1 
ATOM 1029 C C    . LEU A 1 73 ? -1.089  -0.693  9.591   1.00 0.00 ? 73 LEU X C    1 
ATOM 1030 O O    . LEU A 1 73 ? -1.711  -0.104  10.475  1.00 0.00 ? 73 LEU X O    1 
ATOM 1031 C CB   . LEU A 1 73 ? -1.968  -0.473  7.221   1.00 0.00 ? 73 LEU X CB   1 
ATOM 1032 C CG   . LEU A 1 73 ? -2.382  0.996   7.475   1.00 0.00 ? 73 LEU X CG   1 
ATOM 1033 C CD1  . LEU A 1 73 ? -2.287  1.813   6.178   1.00 0.00 ? 73 LEU X CD1  1 
ATOM 1034 C CD2  . LEU A 1 73 ? -3.807  1.136   8.035   1.00 0.00 ? 73 LEU X CD2  1 
ATOM 1035 H H    . LEU A 1 73 ? -3.681  -1.249  9.457   1.00 0.00 ? 73 LEU X H    1 
ATOM 1036 H HA   . LEU A 1 73 ? -1.229  -2.261  8.154   1.00 0.00 ? 73 LEU X HA   1 
ATOM 1037 H HB2  . LEU A 1 73 ? -0.998  -0.462  6.723   1.00 0.00 ? 73 LEU X HB2  1 
ATOM 1038 H HB3  . LEU A 1 73 ? -2.681  -0.915  6.531   1.00 0.00 ? 73 LEU X HB3  1 
ATOM 1039 H HG   . LEU A 1 73 ? -1.681  1.435   8.184   1.00 0.00 ? 73 LEU X HG   1 
ATOM 1040 H HD11 . LEU A 1 73 ? -1.292  1.711   5.742   1.00 0.00 ? 73 LEU X HD11 1 
ATOM 1041 H HD12 . LEU A 1 73 ? -2.465  2.867   6.391   1.00 0.00 ? 73 LEU X HD12 1 
ATOM 1042 H HD13 . LEU A 1 73 ? -3.032  1.468   5.462   1.00 0.00 ? 73 LEU X HD13 1 
ATOM 1043 H HD21 . LEU A 1 73 ? -4.521  0.647   7.370   1.00 0.00 ? 73 LEU X HD21 1 
ATOM 1044 H HD22 . LEU A 1 73 ? -4.065  2.192   8.122   1.00 0.00 ? 73 LEU X HD22 1 
ATOM 1045 H HD23 . LEU A 1 73 ? -3.873  0.695   9.027   1.00 0.00 ? 73 LEU X HD23 1 
ATOM 1046 N N    . ALA A 1 74 ? 0.240   -0.685  9.525   1.00 0.00 ? 74 ALA X N    1 
ATOM 1047 C CA   . ALA A 1 74 ? 1.110   0.084   10.411  1.00 0.00 ? 74 ALA X CA   1 
ATOM 1048 C C    . ALA A 1 74 ? 2.292   0.670   9.619   1.00 0.00 ? 74 ALA X C    1 
ATOM 1049 O O    . ALA A 1 74 ? 3.364   0.066   9.532   1.00 0.00 ? 74 ALA X O    1 
ATOM 1050 C CB   . ALA A 1 74 ? 1.528   -0.817  11.584  1.00 0.00 ? 74 ALA X CB   1 
ATOM 1051 H H    . ALA A 1 74 ? 0.683   -1.281  8.828   1.00 0.00 ? 74 ALA X H    1 
ATOM 1052 H HA   . ALA A 1 74 ? 0.549   0.925   10.822  1.00 0.00 ? 74 ALA X HA   1 
ATOM 1053 H HB1  . ALA A 1 74 ? 0.643   -1.125  12.143  1.00 0.00 ? 74 ALA X HB1  1 
ATOM 1054 H HB2  . ALA A 1 74 ? 2.044   -1.700  11.213  1.00 0.00 ? 74 ALA X HB2  1 
ATOM 1055 H HB3  . ALA A 1 74 ? 2.194   -0.267  12.251  1.00 0.00 ? 74 ALA X HB3  1 
ATOM 1056 N N    . GLU A 1 75 ? 2.079   1.825   8.980   1.00 0.00 ? 75 GLU X N    1 
ATOM 1057 C CA   . GLU A 1 75 ? 3.142   2.559   8.287   1.00 0.00 ? 75 GLU X CA   1 
ATOM 1058 C C    . GLU A 1 75 ? 3.971   3.380   9.289   1.00 0.00 ? 75 GLU X C    1 
ATOM 1059 O O    . GLU A 1 75 ? 3.389   4.174   10.039  1.00 0.00 ? 75 GLU X O    1 
ATOM 1060 C CB   . GLU A 1 75 ? 2.586   3.481   7.185   1.00 0.00 ? 75 GLU X CB   1 
ATOM 1061 C CG   . GLU A 1 75 ? 3.726   3.968   6.279   1.00 0.00 ? 75 GLU X CG   1 
ATOM 1062 C CD   . GLU A 1 75 ? 3.345   5.174   5.434   1.00 0.00 ? 75 GLU X CD   1 
ATOM 1063 O OE1  . GLU A 1 75 ? 2.321   5.098   4.732   1.00 0.00 ? 75 GLU X OE1  1 
ATOM 1064 O OE2  . GLU A 1 75 ? 4.107   6.169   5.478   1.00 0.00 ? 75 GLU X OE2  1 
ATOM 1065 H H    . GLU A 1 75 ? 1.181   2.271   9.063   1.00 0.00 ? 75 GLU X H    1 
ATOM 1066 H HA   . GLU A 1 75 ? 3.780   1.832   7.796   1.00 0.00 ? 75 GLU X HA   1 
ATOM 1067 H HB2  . GLU A 1 75 ? 1.859   2.939   6.578   1.00 0.00 ? 75 GLU X HB2  1 
ATOM 1068 H HB3  . GLU A 1 75 ? 2.089   4.338   7.641   1.00 0.00 ? 75 GLU X HB3  1 
ATOM 1069 H HG2  . GLU A 1 75 ? 4.582   4.253   6.888   1.00 0.00 ? 75 GLU X HG2  1 
ATOM 1070 H HG3  . GLU A 1 75 ? 4.043   3.160   5.616   1.00 0.00 ? 75 GLU X HG3  1 
ATOM 1071 N N    . PRO A 1 76 ? 5.312   3.253   9.280   1.00 0.00 ? 76 PRO X N    1 
ATOM 1072 C CA   . PRO A 1 76 ? 6.201   4.107   10.043  1.00 0.00 ? 76 PRO X CA   1 
ATOM 1073 C C    . PRO A 1 76 ? 6.380   5.447   9.311   1.00 0.00 ? 76 PRO X C    1 
ATOM 1074 O O    . PRO A 1 76 ? 7.483   5.790   8.888   1.00 0.00 ? 76 PRO X O    1 
ATOM 1075 C CB   . PRO A 1 76 ? 7.494   3.292   10.181  1.00 0.00 ? 76 PRO X CB   1 
ATOM 1076 C CG   . PRO A 1 76 ? 7.566   2.553   8.847   1.00 0.00 ? 76 PRO X CG   1 
ATOM 1077 C CD   . PRO A 1 76 ? 6.096   2.268   8.540   1.00 0.00 ? 76 PRO X CD   1 
ATOM 1078 H HA   . PRO A 1 76 ? 5.784   4.299   11.032  1.00 0.00 ? 76 PRO X HA   1 
ATOM 1079 H HB2  . PRO A 1 76 ? 8.374   3.911   10.358  1.00 0.00 ? 76 PRO X HB2  1 
ATOM 1080 H HB3  . PRO A 1 76 ? 7.380   2.568   10.990  1.00 0.00 ? 76 PRO X HB3  1 
ATOM 1081 H HG2  . PRO A 1 76 ? 7.984   3.206   8.081   1.00 0.00 ? 76 PRO X HG2  1 
ATOM 1082 H HG3  . PRO A 1 76 ? 8.148   1.634   8.922   1.00 0.00 ? 76 PRO X HG3  1 
ATOM 1083 H HD2  . PRO A 1 76 ? 5.925   2.353   7.467   1.00 0.00 ? 76 PRO X HD2  1 
ATOM 1084 H HD3  . PRO A 1 76 ? 5.841   1.267   8.887   1.00 0.00 ? 76 PRO X HD3  1 
# 
